data_1J5S
#
_entry.id   1J5S
#
_cell.length_a   77.413
_cell.length_b   79.962
_cell.length_c   89.430
_cell.angle_alpha   115.73
_cell.angle_beta   97.57
_cell.angle_gamma   110.44
#
_symmetry.space_group_name_H-M   'P 1'
#
loop_
_entity.id
_entity.type
_entity.pdbx_description
1 polymer 'URONATE ISOMERASE'
2 water water
#
_entity_poly.entity_id   1
_entity_poly.type   'polypeptide(L)'
_entity_poly.pdbx_seq_one_letter_code
;MGSDKIHHHHHHMFLGEDYLLTNRAAVRLFNEVKDLPIVDPHNHLDAKDIVENKPWNDIWEVEGATDHYVWELMRRCGVS
EEYITGSRSNKEKWLALAKVFPRFVGNPTYEWIHLDLWRRFNIKKVISEETAEEIWEETKKKLPEMTPQKLLRDMKVEIL
CTTDDPVSTLEHHRKAKEAVEGVTILPTWRPDRAMNVDKEGWREYVEKMGERYGEDTSTLDGFLNALWKSHEHFKEHGCV
ASDHALLEPSVYYVDENRARAVHEKAFSGEKLTQDEINDYKAFMMVQFGKMNQETNWVTQLHIGALRDYRDSLFKTLGPD
SGGDISTNFLRIAEGLRYFLNEFDGKLKIVLYVLDPTHLPTISTIARAFPNVYVGAPWWFNDSPFGMEMHLKYLASVDLL
YNLAGMVTDSRKLLSFGSRTEMFRRVLSNVVGEMVEKGQIPIKEARELVKHVSYDGPKALFFG
;
_entity_poly.pdbx_strand_id   A,B,C
#
# COMPACT_ATOMS: atom_id res chain seq x y z
N HIS A 12 -8.00 14.96 27.98
CA HIS A 12 -7.26 15.84 27.03
C HIS A 12 -8.21 16.59 26.09
N MET A 13 -7.76 17.72 25.55
CA MET A 13 -8.60 18.53 24.67
C MET A 13 -8.99 17.98 23.30
N PHE A 14 -10.30 17.89 23.12
CA PHE A 14 -10.95 17.45 21.89
C PHE A 14 -11.48 18.64 21.05
N LEU A 15 -11.18 18.60 19.76
CA LEU A 15 -11.67 19.62 18.83
C LEU A 15 -11.34 21.05 19.25
N GLY A 16 -10.12 21.27 19.68
CA GLY A 16 -9.74 22.59 20.10
C GLY A 16 -8.78 23.19 19.10
N GLU A 17 -8.09 24.22 19.55
CA GLU A 17 -7.15 24.95 18.72
C GLU A 17 -6.09 24.15 18.00
N ASP A 18 -5.49 23.19 18.66
CA ASP A 18 -4.40 22.48 18.03
C ASP A 18 -4.85 21.12 17.51
N TYR A 19 -6.16 21.00 17.32
CA TYR A 19 -6.76 19.81 16.74
C TYR A 19 -6.00 19.46 15.48
N LEU A 20 -5.52 18.22 15.42
CA LEU A 20 -4.73 17.73 14.28
C LEU A 20 -3.33 18.34 14.12
N LEU A 21 -2.97 19.33 14.93
CA LEU A 21 -1.66 19.98 14.82
C LEU A 21 -0.65 19.37 15.79
N THR A 22 0.49 18.90 15.28
CA THR A 22 1.46 18.23 16.12
C THR A 22 2.80 18.94 16.32
N ASN A 23 2.94 20.15 15.79
CA ASN A 23 4.20 20.86 15.91
C ASN A 23 3.93 22.35 15.81
N ARG A 24 4.82 23.17 16.34
CA ARG A 24 4.58 24.61 16.33
C ARG A 24 4.51 25.14 14.91
N ALA A 25 5.39 24.66 14.05
CA ALA A 25 5.41 25.17 12.70
C ALA A 25 4.01 25.04 12.11
N ALA A 26 3.36 23.93 12.39
CA ALA A 26 2.04 23.65 11.83
C ALA A 26 1.07 24.73 12.22
N VAL A 27 1.21 25.22 13.44
CA VAL A 27 0.26 26.19 13.94
C VAL A 27 0.40 27.53 13.21
N ARG A 28 1.63 27.97 12.93
CA ARG A 28 1.78 29.22 12.17
C ARG A 28 1.19 29.06 10.79
N LEU A 29 1.34 27.89 10.22
CA LEU A 29 0.92 27.66 8.87
C LEU A 29 -0.59 27.68 8.79
N PHE A 30 -1.21 27.09 9.80
CA PHE A 30 -2.65 26.98 9.78
C PHE A 30 -3.30 28.34 10.00
N ASN A 31 -2.70 29.12 10.88
CA ASN A 31 -3.18 30.47 11.14
C ASN A 31 -3.04 31.30 9.87
N GLU A 32 -2.09 30.92 9.02
CA GLU A 32 -1.86 31.62 7.77
C GLU A 32 -2.97 31.40 6.77
N VAL A 33 -3.63 30.24 6.83
CA VAL A 33 -4.58 29.87 5.77
C VAL A 33 -6.02 29.66 6.21
N LYS A 34 -6.26 29.67 7.50
CA LYS A 34 -7.57 29.29 8.01
C LYS A 34 -8.66 30.25 7.53
N ASP A 35 -8.31 31.51 7.33
CA ASP A 35 -9.28 32.50 6.87
C ASP A 35 -9.33 32.67 5.36
N LEU A 36 -8.58 31.89 4.60
CA LEU A 36 -8.67 32.00 3.14
C LEU A 36 -10.04 31.50 2.74
N PRO A 37 -10.63 32.07 1.70
CA PRO A 37 -11.95 31.65 1.25
C PRO A 37 -11.93 30.23 0.74
N ILE A 38 -13.11 29.59 0.67
CA ILE A 38 -13.20 28.22 0.19
C ILE A 38 -13.49 28.20 -1.31
N VAL A 39 -12.65 27.48 -2.03
CA VAL A 39 -12.80 27.23 -3.46
C VAL A 39 -13.10 25.73 -3.59
N ASP A 40 -14.27 25.35 -4.10
CA ASP A 40 -14.67 23.91 -4.07
C ASP A 40 -14.96 23.23 -5.42
N PRO A 41 -13.89 22.91 -6.14
CA PRO A 41 -13.97 22.25 -7.45
C PRO A 41 -15.00 21.17 -7.66
N HIS A 42 -15.50 20.56 -6.61
CA HIS A 42 -16.40 19.45 -6.81
C HIS A 42 -17.13 19.09 -5.53
N ASN A 43 -18.45 19.07 -5.62
CA ASN A 43 -19.33 18.70 -4.52
C ASN A 43 -20.63 18.17 -5.12
N HIS A 44 -21.53 17.65 -4.28
CA HIS A 44 -22.78 17.09 -4.77
C HIS A 44 -23.96 17.89 -4.24
N LEU A 45 -23.77 19.19 -4.21
CA LEU A 45 -24.78 20.11 -3.78
C LEU A 45 -25.82 20.36 -4.88
N ASP A 46 -27.00 20.83 -4.49
CA ASP A 46 -28.05 21.18 -5.44
C ASP A 46 -28.21 22.71 -5.42
N ALA A 47 -28.21 23.32 -6.60
CA ALA A 47 -28.33 24.77 -6.70
C ALA A 47 -29.71 25.27 -6.27
N LYS A 48 -30.75 24.47 -6.55
CA LYS A 48 -32.12 24.84 -6.22
C LYS A 48 -32.28 25.12 -4.73
N ASP A 49 -31.59 24.35 -3.90
CA ASP A 49 -31.70 24.49 -2.45
C ASP A 49 -31.04 25.77 -1.99
N ILE A 50 -30.04 26.22 -2.74
CA ILE A 50 -29.32 27.43 -2.42
C ILE A 50 -30.18 28.61 -2.81
N VAL A 51 -30.84 28.49 -3.96
CA VAL A 51 -31.64 29.59 -4.48
C VAL A 51 -32.87 29.79 -3.59
N GLU A 52 -33.53 28.69 -3.22
CA GLU A 52 -34.69 28.74 -2.35
C GLU A 52 -34.31 29.26 -0.97
N ASN A 53 -33.06 29.04 -0.59
CA ASN A 53 -32.51 29.53 0.68
C ASN A 53 -33.36 29.12 1.90
N LYS A 54 -33.92 27.91 1.87
CA LYS A 54 -34.73 27.41 2.98
C LYS A 54 -33.86 26.88 4.12
N PRO A 55 -34.08 27.41 5.32
CA PRO A 55 -33.50 26.84 6.53
C PRO A 55 -33.76 25.35 6.67
N TRP A 56 -33.03 24.72 7.57
CA TRP A 56 -33.25 23.33 7.88
C TRP A 56 -34.09 23.23 9.14
N ASN A 57 -34.70 22.08 9.35
CA ASN A 57 -35.57 21.88 10.51
C ASN A 57 -34.86 21.18 11.67
N ASP A 58 -33.96 20.27 11.35
CA ASP A 58 -33.33 19.43 12.36
C ASP A 58 -31.86 19.21 12.14
N ILE A 59 -31.21 18.82 13.22
CA ILE A 59 -29.84 18.37 13.12
C ILE A 59 -29.86 17.11 12.28
N TRP A 60 -30.92 16.33 12.36
CA TRP A 60 -30.96 15.11 11.56
C TRP A 60 -30.93 15.45 10.08
N GLU A 61 -31.82 16.34 9.68
CA GLU A 61 -31.86 16.80 8.30
C GLU A 61 -30.49 17.23 7.84
N VAL A 62 -29.94 18.15 8.61
CA VAL A 62 -28.64 18.72 8.33
C VAL A 62 -27.49 17.74 8.39
N GLU A 63 -27.53 16.78 9.30
CA GLU A 63 -26.38 15.89 9.48
C GLU A 63 -26.51 14.45 9.01
N GLY A 64 -27.71 13.89 9.08
CA GLY A 64 -27.86 12.48 8.78
C GLY A 64 -28.79 12.11 7.63
N ALA A 65 -29.87 12.86 7.47
CA ALA A 65 -30.87 12.57 6.45
C ALA A 65 -30.33 12.28 5.08
N THR A 66 -29.23 12.92 4.68
CA THR A 66 -28.77 12.75 3.31
C THR A 66 -27.27 12.43 3.22
N ASP A 67 -26.72 11.95 4.33
CA ASP A 67 -25.32 11.61 4.42
C ASP A 67 -25.17 10.10 4.47
N HIS A 68 -24.80 9.49 3.35
CA HIS A 68 -24.76 8.03 3.29
C HIS A 68 -23.65 7.45 4.18
N TYR A 69 -22.64 8.26 4.49
CA TYR A 69 -21.64 7.83 5.45
C TYR A 69 -22.33 7.59 6.79
N VAL A 70 -23.26 8.45 7.16
CA VAL A 70 -23.89 8.28 8.45
C VAL A 70 -24.80 7.06 8.39
N TRP A 71 -25.38 6.81 7.23
CA TRP A 71 -26.23 5.65 7.02
C TRP A 71 -25.42 4.37 7.23
N GLU A 72 -24.25 4.33 6.62
CA GLU A 72 -23.34 3.22 6.74
C GLU A 72 -23.00 2.92 8.16
N LEU A 73 -22.40 3.91 8.83
CA LEU A 73 -21.89 3.68 10.17
C LEU A 73 -23.03 3.24 11.07
N MET A 74 -24.19 3.88 10.91
CA MET A 74 -25.33 3.48 11.72
C MET A 74 -25.63 2.02 11.46
N ARG A 75 -25.61 1.59 10.21
CA ARG A 75 -25.86 0.19 9.90
C ARG A 75 -24.76 -0.65 10.54
N ARG A 76 -23.54 -0.13 10.51
CA ARG A 76 -22.37 -0.81 11.09
C ARG A 76 -22.49 -0.90 12.59
N CYS A 77 -23.38 -0.11 13.19
CA CYS A 77 -23.55 -0.17 14.64
C CYS A 77 -24.74 -1.02 15.04
N GLY A 78 -25.47 -1.56 14.06
CA GLY A 78 -26.58 -2.45 14.37
C GLY A 78 -27.90 -1.74 14.59
N VAL A 79 -28.04 -0.56 14.01
CA VAL A 79 -29.28 0.20 14.14
C VAL A 79 -30.14 -0.08 12.92
N SER A 80 -31.30 -0.68 13.12
CA SER A 80 -32.18 -0.98 12.01
C SER A 80 -32.50 0.23 11.12
N GLU A 81 -32.76 -0.03 9.84
CA GLU A 81 -33.08 1.00 8.84
C GLU A 81 -34.27 1.86 9.24
N GLU A 82 -35.12 1.36 10.12
CA GLU A 82 -36.27 2.12 10.58
C GLU A 82 -35.81 3.54 10.87
N TYR A 83 -34.70 3.61 11.60
CA TYR A 83 -34.09 4.86 12.01
C TYR A 83 -33.01 5.38 11.07
N ILE A 84 -32.83 4.77 9.91
CA ILE A 84 -31.83 5.32 9.01
C ILE A 84 -32.48 6.03 7.80
N THR A 85 -33.03 5.28 6.85
CA THR A 85 -33.67 5.90 5.72
C THR A 85 -35.18 5.64 5.79
N GLY A 86 -35.61 5.07 6.92
CA GLY A 86 -36.98 4.63 7.06
C GLY A 86 -37.95 5.64 7.65
N SER A 87 -39.05 5.13 8.22
CA SER A 87 -40.20 5.98 8.54
C SER A 87 -40.27 6.49 9.97
N ARG A 88 -39.14 6.53 10.65
CA ARG A 88 -39.11 7.08 11.98
C ARG A 88 -38.84 8.56 11.89
N SER A 89 -39.36 9.30 12.87
CA SER A 89 -39.21 10.74 12.93
C SER A 89 -37.75 11.15 12.99
N ASN A 90 -37.48 12.32 12.42
CA ASN A 90 -36.14 12.87 12.48
C ASN A 90 -35.62 12.79 13.89
N LYS A 91 -36.47 13.18 14.85
CA LYS A 91 -36.00 13.23 16.23
C LYS A 91 -35.53 11.86 16.69
N GLU A 92 -36.22 10.83 16.25
CA GLU A 92 -35.89 9.47 16.66
C GLU A 92 -34.64 9.05 15.95
N LYS A 93 -34.57 9.37 14.66
CA LYS A 93 -33.36 9.11 13.88
C LYS A 93 -32.17 9.76 14.59
N TRP A 94 -32.32 11.00 15.05
CA TRP A 94 -31.22 11.71 15.70
C TRP A 94 -30.80 11.03 16.98
N LEU A 95 -31.77 10.67 17.81
CA LEU A 95 -31.47 10.08 19.10
C LEU A 95 -30.76 8.75 18.98
N ALA A 96 -30.95 8.06 17.86
CA ALA A 96 -30.36 6.76 17.70
C ALA A 96 -28.92 6.99 17.31
N LEU A 97 -28.71 7.93 16.41
CA LEU A 97 -27.39 8.28 15.98
C LEU A 97 -26.53 8.64 17.18
N ALA A 98 -27.07 9.51 18.05
CA ALA A 98 -26.32 9.93 19.23
C ALA A 98 -26.09 8.76 20.17
N LYS A 99 -27.11 7.92 20.29
CA LYS A 99 -27.04 6.80 21.21
C LYS A 99 -25.75 6.07 20.88
N VAL A 100 -25.58 5.82 19.59
CA VAL A 100 -24.47 5.05 19.04
C VAL A 100 -23.23 5.84 18.60
N PHE A 101 -23.31 7.17 18.58
CA PHE A 101 -22.18 7.98 18.09
C PHE A 101 -20.83 7.71 18.73
N PRO A 102 -20.79 7.34 20.01
CA PRO A 102 -19.51 7.08 20.66
C PRO A 102 -18.74 5.92 20.04
N ARG A 103 -19.41 5.07 19.28
CA ARG A 103 -18.76 3.94 18.63
C ARG A 103 -18.14 4.37 17.29
N PHE A 104 -18.32 5.64 16.94
CA PHE A 104 -17.81 6.18 15.68
C PHE A 104 -16.41 6.71 15.90
N VAL A 105 -16.09 6.92 17.16
CA VAL A 105 -14.81 7.43 17.58
C VAL A 105 -13.73 6.90 16.60
N GLY A 106 -12.90 7.78 16.07
CA GLY A 106 -11.84 7.36 15.18
C GLY A 106 -12.12 7.55 13.71
N ASN A 107 -13.38 7.66 13.35
CA ASN A 107 -13.79 7.78 11.94
C ASN A 107 -14.16 9.24 11.63
N PRO A 108 -13.73 9.76 10.49
CA PRO A 108 -13.87 11.19 10.20
C PRO A 108 -15.27 11.75 10.47
N THR A 109 -16.31 10.95 10.25
CA THR A 109 -17.63 11.48 10.48
C THR A 109 -17.81 11.89 11.93
N TYR A 110 -17.23 11.15 12.85
CA TYR A 110 -17.34 11.53 14.25
C TYR A 110 -16.84 12.96 14.45
N GLU A 111 -15.76 13.30 13.77
CA GLU A 111 -15.15 14.61 13.92
C GLU A 111 -15.88 15.69 13.11
N TRP A 112 -16.26 15.37 11.88
CA TRP A 112 -16.97 16.33 11.05
C TRP A 112 -18.25 16.84 11.73
N ILE A 113 -19.09 15.93 12.19
CA ILE A 113 -20.37 16.35 12.73
C ILE A 113 -20.19 17.21 13.98
N HIS A 114 -19.19 16.88 14.79
CA HIS A 114 -18.91 17.66 15.99
C HIS A 114 -18.39 19.01 15.59
N LEU A 115 -17.61 19.04 14.53
CA LEU A 115 -17.00 20.28 14.10
C LEU A 115 -18.08 21.24 13.68
N ASP A 116 -19.05 20.73 12.93
CA ASP A 116 -20.18 21.54 12.53
C ASP A 116 -20.85 22.12 13.79
N LEU A 117 -21.11 21.27 14.78
CA LEU A 117 -21.77 21.70 16.00
C LEU A 117 -21.02 22.83 16.66
N TRP A 118 -19.72 22.63 16.85
CA TRP A 118 -18.93 23.61 17.53
C TRP A 118 -18.68 24.87 16.67
N ARG A 119 -18.27 24.71 15.42
CA ARG A 119 -17.96 25.89 14.59
C ARG A 119 -19.21 26.63 14.13
N ARG A 120 -20.31 25.93 13.85
CA ARG A 120 -21.53 26.58 13.33
C ARG A 120 -22.58 26.95 14.36
N PHE A 121 -22.78 26.09 15.36
CA PHE A 121 -23.85 26.32 16.32
C PHE A 121 -23.25 26.71 17.65
N ASN A 122 -21.94 26.60 17.72
CA ASN A 122 -21.21 26.93 18.93
C ASN A 122 -21.65 26.08 20.10
N ILE A 123 -22.09 24.86 19.81
CA ILE A 123 -22.50 23.95 20.85
C ILE A 123 -21.32 23.01 21.10
N LYS A 124 -20.51 23.32 22.10
CA LYS A 124 -19.32 22.51 22.36
C LYS A 124 -19.59 21.25 23.16
N LYS A 125 -20.75 20.64 23.03
CA LYS A 125 -21.00 19.46 23.83
C LYS A 125 -20.48 18.26 23.03
N VAL A 126 -20.34 17.10 23.68
CA VAL A 126 -19.92 15.87 23.00
C VAL A 126 -21.16 15.02 22.85
N ILE A 127 -21.35 14.42 21.68
CA ILE A 127 -22.58 13.71 21.37
C ILE A 127 -22.70 12.32 21.97
N SER A 128 -23.83 12.06 22.61
CA SER A 128 -24.15 10.75 23.16
C SER A 128 -25.58 10.79 23.68
N GLU A 129 -26.09 9.65 24.15
CA GLU A 129 -27.43 9.58 24.71
C GLU A 129 -27.67 10.72 25.68
N GLU A 130 -26.67 10.92 26.54
CA GLU A 130 -26.70 11.93 27.58
C GLU A 130 -26.89 13.34 27.04
N THR A 131 -26.42 13.56 25.83
CA THR A 131 -26.36 14.89 25.25
C THR A 131 -27.40 15.09 24.15
N ALA A 132 -27.93 13.98 23.66
CA ALA A 132 -28.83 13.97 22.52
C ALA A 132 -29.90 15.05 22.52
N GLU A 133 -30.64 15.12 23.61
CA GLU A 133 -31.84 15.93 23.69
C GLU A 133 -31.50 17.42 23.82
N GLU A 134 -30.49 17.69 24.62
CA GLU A 134 -30.00 19.06 24.80
C GLU A 134 -29.38 19.61 23.53
N ILE A 135 -28.79 18.74 22.72
CA ILE A 135 -28.23 19.21 21.45
C ILE A 135 -29.36 19.44 20.45
N TRP A 136 -30.32 18.53 20.39
CA TRP A 136 -31.45 18.68 19.47
C TRP A 136 -32.21 19.96 19.75
N GLU A 137 -32.31 20.32 21.01
CA GLU A 137 -33.13 21.46 21.39
C GLU A 137 -32.37 22.76 21.15
N GLU A 138 -31.07 22.72 21.41
CA GLU A 138 -30.21 23.87 21.17
C GLU A 138 -30.11 24.15 19.66
N THR A 139 -30.02 23.12 18.84
CA THR A 139 -29.92 23.32 17.39
C THR A 139 -31.24 23.77 16.77
N LYS A 140 -32.36 23.35 17.35
CA LYS A 140 -33.67 23.72 16.83
C LYS A 140 -33.89 25.22 16.88
N LYS A 141 -33.47 25.82 17.98
CA LYS A 141 -33.65 27.25 18.19
C LYS A 141 -32.73 28.05 17.27
N LYS A 142 -31.56 27.49 16.97
CA LYS A 142 -30.57 28.18 16.16
C LYS A 142 -30.74 27.98 14.67
N LEU A 143 -31.36 26.88 14.28
CA LEU A 143 -31.49 26.54 12.87
C LEU A 143 -32.21 27.61 11.96
N PRO A 144 -33.29 28.28 12.38
CA PRO A 144 -33.89 29.43 11.69
C PRO A 144 -33.05 30.49 11.08
N GLU A 145 -32.25 31.12 11.93
CA GLU A 145 -31.36 32.16 11.49
C GLU A 145 -30.35 31.59 10.51
N MET A 146 -30.33 30.28 10.37
CA MET A 146 -29.39 29.66 9.47
C MET A 146 -29.94 29.44 8.07
N THR A 147 -29.27 30.03 7.10
CA THR A 147 -29.60 29.67 5.75
C THR A 147 -28.36 29.40 4.93
N PRO A 148 -28.56 28.51 3.97
CA PRO A 148 -27.61 28.25 2.90
C PRO A 148 -26.75 29.46 2.54
N GLN A 149 -27.39 30.49 2.02
CA GLN A 149 -26.72 31.71 1.60
C GLN A 149 -26.03 32.39 2.77
N LYS A 150 -26.68 32.38 3.93
CA LYS A 150 -26.07 32.93 5.11
C LYS A 150 -24.86 32.09 5.47
N LEU A 151 -24.99 30.78 5.27
CA LEU A 151 -23.90 29.86 5.59
C LEU A 151 -22.81 29.96 4.58
N LEU A 152 -23.18 30.11 3.32
CA LEU A 152 -22.19 30.25 2.26
C LEU A 152 -21.36 31.50 2.57
N ARG A 153 -22.02 32.55 3.03
CA ARG A 153 -21.31 33.79 3.36
C ARG A 153 -20.46 33.62 4.61
N ASP A 154 -21.02 32.96 5.63
CA ASP A 154 -20.30 32.76 6.90
C ASP A 154 -19.05 31.92 6.71
N MET A 155 -19.17 30.84 5.94
CA MET A 155 -18.06 29.91 5.72
C MET A 155 -17.06 30.40 4.65
N LYS A 156 -17.22 31.64 4.20
CA LYS A 156 -16.38 32.25 3.15
C LYS A 156 -16.21 31.42 1.89
N VAL A 157 -17.28 30.87 1.34
CA VAL A 157 -17.16 30.11 0.10
C VAL A 157 -17.22 31.05 -1.06
N GLU A 158 -16.14 31.09 -1.83
CA GLU A 158 -16.07 31.95 -3.00
C GLU A 158 -16.60 31.25 -4.24
N ILE A 159 -16.21 29.98 -4.43
CA ILE A 159 -16.67 29.23 -5.59
C ILE A 159 -17.01 27.76 -5.32
N LEU A 160 -18.12 27.30 -5.88
CA LEU A 160 -18.55 25.91 -5.83
C LEU A 160 -18.74 25.35 -7.21
N CYS A 161 -18.58 24.05 -7.35
CA CYS A 161 -19.01 23.41 -8.57
C CYS A 161 -19.76 22.15 -8.20
N THR A 162 -21.00 22.07 -8.68
CA THR A 162 -21.82 20.91 -8.45
C THR A 162 -21.55 19.89 -9.55
N THR A 163 -22.24 18.75 -9.50
CA THR A 163 -22.11 17.73 -10.53
C THR A 163 -23.44 17.66 -11.21
N ASP A 164 -23.42 17.77 -12.53
CA ASP A 164 -24.66 17.83 -13.26
C ASP A 164 -24.67 16.95 -14.45
N ASP A 165 -25.88 16.50 -14.78
CA ASP A 165 -26.07 15.64 -15.93
C ASP A 165 -26.19 16.47 -17.17
N PRO A 166 -25.53 16.02 -18.24
CA PRO A 166 -25.65 16.67 -19.53
C PRO A 166 -27.08 16.97 -19.95
N VAL A 167 -28.09 16.21 -19.52
CA VAL A 167 -29.46 16.55 -19.91
C VAL A 167 -30.00 17.77 -19.19
N SER A 168 -29.44 18.09 -18.02
CA SER A 168 -29.95 19.19 -17.20
C SER A 168 -30.06 20.51 -17.94
N THR A 169 -31.06 21.31 -17.58
CA THR A 169 -31.25 22.63 -18.16
C THR A 169 -30.46 23.71 -17.43
N LEU A 170 -29.86 23.35 -16.28
CA LEU A 170 -29.07 24.30 -15.51
C LEU A 170 -29.88 25.54 -15.10
N GLU A 171 -31.15 25.35 -14.80
CA GLU A 171 -32.05 26.46 -14.51
C GLU A 171 -31.65 27.21 -13.25
N HIS A 172 -31.46 26.47 -12.16
CA HIS A 172 -31.15 27.05 -10.87
C HIS A 172 -29.76 27.64 -10.80
N HIS A 173 -28.88 27.13 -11.66
CA HIS A 173 -27.54 27.68 -11.75
C HIS A 173 -27.71 29.09 -12.29
N ARG A 174 -28.60 29.23 -13.28
CA ARG A 174 -28.92 30.52 -13.88
C ARG A 174 -29.41 31.48 -12.79
N LYS A 175 -30.38 31.03 -12.01
CA LYS A 175 -30.97 31.81 -10.95
C LYS A 175 -29.95 32.15 -9.87
N ALA A 176 -29.01 31.24 -9.64
CA ALA A 176 -28.01 31.46 -8.61
C ALA A 176 -27.00 32.51 -9.06
N LYS A 177 -26.66 32.50 -10.33
CA LYS A 177 -25.74 33.48 -10.87
C LYS A 177 -26.36 34.84 -10.68
N GLU A 178 -27.65 34.90 -10.99
CA GLU A 178 -28.38 36.15 -10.90
C GLU A 178 -28.45 36.70 -9.50
N ALA A 179 -29.08 35.94 -8.60
CA ALA A 179 -29.41 36.42 -7.26
C ALA A 179 -28.45 36.07 -6.12
N VAL A 180 -27.70 34.98 -6.23
CA VAL A 180 -26.83 34.64 -5.11
C VAL A 180 -25.65 35.58 -5.17
N GLU A 181 -25.40 36.37 -4.13
CA GLU A 181 -24.24 37.25 -4.25
C GLU A 181 -23.17 36.60 -3.39
N GLY A 182 -21.90 36.82 -3.66
CA GLY A 182 -20.79 36.28 -2.91
C GLY A 182 -20.26 34.93 -3.32
N VAL A 183 -21.06 34.12 -4.01
CA VAL A 183 -20.63 32.79 -4.37
C VAL A 183 -20.78 32.58 -5.85
N THR A 184 -19.87 31.82 -6.43
CA THR A 184 -19.99 31.41 -7.80
C THR A 184 -20.34 29.94 -7.77
N ILE A 185 -21.47 29.59 -8.33
CA ILE A 185 -21.94 28.21 -8.32
C ILE A 185 -21.90 27.68 -9.74
N LEU A 186 -20.87 26.90 -10.07
CA LEU A 186 -20.72 26.35 -11.40
C LEU A 186 -21.15 24.92 -11.50
N PRO A 187 -21.66 24.57 -12.67
CA PRO A 187 -22.10 23.21 -12.94
C PRO A 187 -20.88 22.46 -13.40
N THR A 188 -20.88 21.14 -13.29
CA THR A 188 -19.79 20.35 -13.83
C THR A 188 -20.40 19.29 -14.70
N TRP A 189 -19.81 19.11 -15.87
CA TRP A 189 -20.32 18.18 -16.86
C TRP A 189 -19.98 16.70 -16.58
N ARG A 190 -20.89 15.96 -15.94
CA ARG A 190 -20.72 14.50 -15.78
C ARG A 190 -21.52 13.67 -16.76
N PRO A 191 -20.92 13.24 -17.86
CA PRO A 191 -21.58 12.35 -18.82
C PRO A 191 -21.45 10.83 -18.58
N ASP A 192 -21.56 10.36 -17.34
CA ASP A 192 -21.38 8.92 -17.13
C ASP A 192 -22.52 8.10 -17.70
N ARG A 193 -23.76 8.50 -17.46
CA ARG A 193 -24.90 7.75 -17.98
C ARG A 193 -24.75 7.59 -19.48
N ALA A 194 -24.39 8.67 -20.17
CA ALA A 194 -24.21 8.61 -21.62
C ALA A 194 -23.23 7.53 -21.98
N MET A 195 -22.19 7.41 -21.17
CA MET A 195 -21.11 6.47 -21.43
C MET A 195 -21.51 5.05 -21.11
N ASN A 196 -22.24 4.86 -20.03
CA ASN A 196 -22.56 3.53 -19.56
C ASN A 196 -23.67 2.79 -20.34
N VAL A 197 -23.27 2.15 -21.43
CA VAL A 197 -24.18 1.38 -22.27
C VAL A 197 -24.64 0.07 -21.60
N ASP A 198 -24.00 -0.31 -20.50
CA ASP A 198 -24.39 -1.52 -19.78
C ASP A 198 -25.54 -1.26 -18.82
N LYS A 199 -25.81 0.03 -18.58
CA LYS A 199 -26.85 0.41 -17.64
C LYS A 199 -28.22 0.19 -18.25
N GLU A 200 -29.14 -0.20 -17.41
CA GLU A 200 -30.52 -0.50 -17.83
C GLU A 200 -31.20 0.63 -18.63
N GLY A 201 -31.18 1.87 -18.17
CA GLY A 201 -31.90 2.95 -18.83
C GLY A 201 -31.11 3.74 -19.85
N TRP A 202 -29.95 3.23 -20.24
CA TRP A 202 -29.13 3.92 -21.22
C TRP A 202 -29.98 4.44 -22.37
N ARG A 203 -30.82 3.58 -22.92
CA ARG A 203 -31.66 3.91 -24.06
C ARG A 203 -32.59 5.08 -23.78
N GLU A 204 -33.36 4.94 -22.70
CA GLU A 204 -34.26 6.02 -22.27
C GLU A 204 -33.44 7.30 -22.24
N TYR A 205 -32.20 7.20 -21.74
CA TYR A 205 -31.35 8.37 -21.63
C TYR A 205 -30.99 8.90 -22.98
N VAL A 206 -30.53 8.00 -23.82
CA VAL A 206 -30.09 8.39 -25.13
C VAL A 206 -31.28 9.05 -25.83
N GLU A 207 -32.48 8.56 -25.54
CA GLU A 207 -33.69 9.13 -26.11
C GLU A 207 -33.98 10.52 -25.54
N LYS A 208 -33.85 10.68 -24.24
CA LYS A 208 -34.07 12.00 -23.61
C LYS A 208 -33.13 13.04 -24.22
N MET A 209 -31.91 12.61 -24.47
CA MET A 209 -30.86 13.53 -24.88
C MET A 209 -31.18 14.15 -26.22
N GLY A 210 -31.67 13.33 -27.13
CA GLY A 210 -32.01 13.80 -28.45
C GLY A 210 -33.23 14.70 -28.36
N GLU A 211 -34.11 14.39 -27.41
CA GLU A 211 -35.31 15.19 -27.23
C GLU A 211 -34.91 16.58 -26.80
N ARG A 212 -34.15 16.70 -25.71
CA ARG A 212 -33.78 18.02 -25.22
C ARG A 212 -32.87 18.76 -26.18
N TYR A 213 -32.07 18.04 -26.98
CA TYR A 213 -31.12 18.70 -27.87
C TYR A 213 -31.52 18.68 -29.35
N GLY A 214 -32.58 17.95 -29.68
CA GLY A 214 -33.09 17.93 -31.04
C GLY A 214 -32.13 17.23 -31.99
N GLU A 215 -32.07 15.90 -31.83
CA GLU A 215 -31.15 15.06 -32.60
C GLU A 215 -31.68 13.64 -32.66
N ASP A 216 -31.26 12.89 -33.66
CA ASP A 216 -31.71 11.50 -33.80
C ASP A 216 -30.68 10.65 -33.08
N THR A 217 -30.98 10.39 -31.82
CA THR A 217 -30.00 9.77 -30.95
C THR A 217 -29.77 8.32 -31.23
N SER A 218 -30.66 7.69 -31.98
CA SER A 218 -30.44 6.30 -32.28
C SER A 218 -29.19 6.22 -33.12
N THR A 219 -28.57 7.37 -33.37
CA THR A 219 -27.35 7.40 -34.15
C THR A 219 -26.24 8.06 -33.37
N LEU A 220 -25.05 7.50 -33.49
CA LEU A 220 -23.89 7.98 -32.79
C LEU A 220 -23.66 9.46 -33.07
N ASP A 221 -23.62 9.81 -34.34
CA ASP A 221 -23.38 11.19 -34.73
C ASP A 221 -24.39 12.11 -34.08
N GLY A 222 -25.63 11.63 -34.00
CA GLY A 222 -26.72 12.41 -33.46
C GLY A 222 -26.57 12.55 -31.97
N PHE A 223 -26.08 11.47 -31.36
CA PHE A 223 -25.85 11.44 -29.92
C PHE A 223 -24.67 12.31 -29.60
N LEU A 224 -23.64 12.24 -30.45
CA LEU A 224 -22.47 13.09 -30.28
C LEU A 224 -22.90 14.53 -30.48
N ASN A 225 -23.58 14.80 -31.58
CA ASN A 225 -24.16 16.11 -31.82
C ASN A 225 -24.92 16.58 -30.60
N ALA A 226 -25.66 15.68 -29.98
CA ALA A 226 -26.42 16.03 -28.78
C ALA A 226 -25.51 16.32 -27.59
N LEU A 227 -24.42 15.55 -27.46
CA LEU A 227 -23.50 15.73 -26.34
C LEU A 227 -22.72 17.02 -26.42
N TRP A 228 -22.40 17.40 -27.64
CA TRP A 228 -21.66 18.62 -27.91
C TRP A 228 -22.52 19.84 -27.62
N LYS A 229 -23.80 19.73 -27.91
CA LYS A 229 -24.73 20.82 -27.66
C LYS A 229 -24.89 20.95 -26.16
N SER A 230 -24.93 19.82 -25.47
CA SER A 230 -25.00 19.82 -24.02
C SER A 230 -23.76 20.47 -23.44
N HIS A 231 -22.63 20.21 -24.07
CA HIS A 231 -21.34 20.71 -23.63
C HIS A 231 -21.29 22.21 -23.82
N GLU A 232 -21.82 22.68 -24.95
CA GLU A 232 -21.89 24.11 -25.24
C GLU A 232 -22.91 24.77 -24.32
N HIS A 233 -23.97 24.03 -24.03
CA HIS A 233 -24.99 24.47 -23.10
C HIS A 233 -24.31 24.75 -21.75
N PHE A 234 -23.43 23.84 -21.32
CA PHE A 234 -22.72 23.99 -20.05
C PHE A 234 -21.69 25.12 -20.11
N LYS A 235 -20.98 25.23 -21.23
CA LYS A 235 -20.02 26.31 -21.42
C LYS A 235 -20.68 27.64 -21.09
N GLU A 236 -21.88 27.83 -21.61
CA GLU A 236 -22.62 29.08 -21.47
C GLU A 236 -23.06 29.38 -20.03
N HIS A 237 -22.87 28.42 -19.12
CA HIS A 237 -23.20 28.64 -17.72
C HIS A 237 -21.93 28.66 -16.89
N GLY A 238 -20.82 28.99 -17.54
CA GLY A 238 -19.53 29.13 -16.88
C GLY A 238 -18.91 27.83 -16.39
N CYS A 239 -19.27 26.71 -17.03
CA CYS A 239 -18.75 25.41 -16.62
C CYS A 239 -17.33 25.25 -17.12
N VAL A 240 -16.48 24.66 -16.29
CA VAL A 240 -15.09 24.48 -16.66
C VAL A 240 -14.55 23.11 -16.33
N ALA A 241 -15.36 22.08 -16.43
CA ALA A 241 -14.88 20.76 -16.05
C ALA A 241 -15.84 19.63 -16.34
N SER A 242 -15.26 18.46 -16.54
CA SER A 242 -16.00 17.24 -16.76
C SER A 242 -15.52 16.24 -15.72
N ASP A 243 -16.44 15.53 -15.11
CA ASP A 243 -16.08 14.52 -14.12
C ASP A 243 -16.44 13.18 -14.72
N HIS A 244 -15.56 12.20 -14.53
CA HIS A 244 -15.79 10.88 -15.10
C HIS A 244 -15.49 9.80 -14.08
N ALA A 245 -16.42 8.87 -13.94
CA ALA A 245 -16.27 7.76 -13.01
C ALA A 245 -15.96 6.50 -13.78
N LEU A 246 -14.82 5.89 -13.49
CA LEU A 246 -14.39 4.69 -14.18
C LEU A 246 -13.78 3.70 -13.22
N LEU A 247 -14.12 2.44 -13.40
CA LEU A 247 -13.59 1.39 -12.55
C LEU A 247 -12.21 1.00 -13.05
N GLU A 248 -12.17 0.55 -14.30
CA GLU A 248 -10.94 0.13 -14.96
C GLU A 248 -10.77 0.96 -16.20
N PRO A 249 -10.09 2.09 -16.11
CA PRO A 249 -9.93 2.92 -17.29
C PRO A 249 -9.37 2.05 -18.38
N SER A 250 -10.13 1.86 -19.44
CA SER A 250 -9.63 1.10 -20.58
C SER A 250 -9.90 1.95 -21.80
N VAL A 251 -8.91 2.76 -22.13
CA VAL A 251 -8.99 3.65 -23.27
C VAL A 251 -7.98 3.19 -24.32
N TYR A 252 -8.47 2.79 -25.50
CA TYR A 252 -7.62 2.38 -26.62
C TYR A 252 -8.14 3.10 -27.90
N TYR A 253 -7.76 2.66 -29.11
CA TYR A 253 -8.17 3.35 -30.36
C TYR A 253 -9.45 2.75 -31.01
N VAL A 254 -10.58 3.47 -31.00
CA VAL A 254 -11.84 2.92 -31.54
C VAL A 254 -12.53 3.64 -32.72
N ASP A 255 -12.52 2.94 -33.85
CA ASP A 255 -13.11 3.34 -35.14
C ASP A 255 -14.60 3.71 -35.04
N GLU A 256 -15.01 4.73 -35.81
CA GLU A 256 -16.35 5.30 -35.62
C GLU A 256 -17.42 4.33 -36.11
N ASN A 257 -17.10 3.59 -37.16
CA ASN A 257 -18.01 2.58 -37.70
C ASN A 257 -18.28 1.48 -36.68
N ARG A 258 -17.25 1.10 -35.93
CA ARG A 258 -17.43 0.10 -34.88
C ARG A 258 -18.24 0.75 -33.77
N ALA A 259 -17.89 1.99 -33.46
CA ALA A 259 -18.57 2.74 -32.44
C ALA A 259 -20.01 2.90 -32.86
N ARG A 260 -20.21 3.16 -34.15
CA ARG A 260 -21.54 3.35 -34.68
C ARG A 260 -22.30 2.06 -34.59
N ALA A 261 -21.65 0.97 -34.95
CA ALA A 261 -22.28 -0.33 -34.93
C ALA A 261 -22.76 -0.67 -33.51
N VAL A 262 -21.88 -0.48 -32.54
CA VAL A 262 -22.18 -0.82 -31.16
C VAL A 262 -23.36 0.00 -30.65
N HIS A 263 -23.34 1.28 -31.01
CA HIS A 263 -24.34 2.22 -30.58
C HIS A 263 -25.74 1.82 -31.07
N GLU A 264 -25.80 1.38 -32.32
CA GLU A 264 -27.04 0.94 -32.95
C GLU A 264 -27.50 -0.37 -32.31
N LYS A 265 -26.54 -1.25 -32.03
CA LYS A 265 -26.86 -2.51 -31.37
C LYS A 265 -27.51 -2.19 -30.03
N ALA A 266 -26.94 -1.21 -29.33
CA ALA A 266 -27.41 -0.86 -27.99
C ALA A 266 -28.86 -0.40 -27.99
N PHE A 267 -29.34 0.08 -29.12
CA PHE A 267 -30.72 0.51 -29.20
C PHE A 267 -31.71 -0.61 -29.34
N SER A 268 -31.20 -1.82 -29.46
CA SER A 268 -32.05 -2.98 -29.64
C SER A 268 -31.55 -4.03 -28.65
N GLY A 269 -32.17 -4.05 -27.47
CA GLY A 269 -31.79 -4.91 -26.35
C GLY A 269 -30.73 -5.97 -26.50
N GLU A 270 -29.73 -5.75 -27.34
CA GLU A 270 -28.67 -6.73 -27.50
C GLU A 270 -27.80 -6.78 -26.27
N LYS A 271 -27.61 -7.97 -25.72
CA LYS A 271 -26.63 -8.12 -24.65
C LYS A 271 -25.34 -7.94 -25.44
N LEU A 272 -24.69 -6.79 -25.25
CA LEU A 272 -23.46 -6.50 -25.98
C LEU A 272 -22.31 -7.24 -25.33
N THR A 273 -21.31 -7.61 -26.13
CA THR A 273 -20.13 -8.26 -25.59
C THR A 273 -19.31 -7.27 -24.79
N GLN A 274 -18.45 -7.78 -23.93
CA GLN A 274 -17.56 -6.93 -23.14
C GLN A 274 -16.70 -6.06 -24.06
N ASP A 275 -16.29 -6.60 -25.21
CA ASP A 275 -15.48 -5.83 -26.16
C ASP A 275 -16.29 -4.66 -26.70
N GLU A 276 -17.57 -4.91 -26.98
CA GLU A 276 -18.45 -3.87 -27.51
C GLU A 276 -18.61 -2.75 -26.51
N ILE A 277 -18.90 -3.12 -25.26
CA ILE A 277 -19.02 -2.16 -24.19
C ILE A 277 -17.72 -1.38 -24.06
N ASN A 278 -16.62 -2.12 -23.94
CA ASN A 278 -15.30 -1.50 -23.81
C ASN A 278 -14.98 -0.55 -24.96
N ASP A 279 -15.13 -1.06 -26.18
CA ASP A 279 -14.93 -0.24 -27.36
C ASP A 279 -15.76 1.03 -27.28
N TYR A 280 -17.01 0.87 -26.89
CA TYR A 280 -17.93 1.99 -26.86
C TYR A 280 -17.46 3.04 -25.88
N LYS A 281 -16.95 2.56 -24.75
CA LYS A 281 -16.49 3.44 -23.68
C LYS A 281 -15.20 4.14 -24.05
N ALA A 282 -14.29 3.39 -24.64
CA ALA A 282 -12.99 3.92 -24.99
C ALA A 282 -13.23 5.07 -25.95
N PHE A 283 -14.19 4.84 -26.83
CA PHE A 283 -14.50 5.79 -27.87
C PHE A 283 -15.11 7.05 -27.31
N MET A 284 -16.11 6.91 -26.45
CA MET A 284 -16.77 8.06 -25.83
C MET A 284 -15.81 8.89 -24.97
N MET A 285 -14.83 8.24 -24.34
CA MET A 285 -13.87 8.97 -23.51
C MET A 285 -13.00 9.86 -24.39
N VAL A 286 -12.57 9.33 -25.54
CA VAL A 286 -11.72 10.12 -26.44
C VAL A 286 -12.55 11.30 -26.94
N GLN A 287 -13.83 11.09 -27.13
CA GLN A 287 -14.67 12.17 -27.59
C GLN A 287 -14.95 13.22 -26.54
N PHE A 288 -15.03 12.80 -25.28
CA PHE A 288 -15.19 13.76 -24.22
C PHE A 288 -13.89 14.58 -24.13
N GLY A 289 -12.76 13.95 -24.46
CA GLY A 289 -11.47 14.63 -24.38
C GLY A 289 -11.39 15.67 -25.45
N LYS A 290 -11.83 15.29 -26.64
CA LYS A 290 -11.87 16.20 -27.76
C LYS A 290 -12.77 17.39 -27.43
N MET A 291 -13.99 17.13 -27.00
CA MET A 291 -14.90 18.22 -26.65
C MET A 291 -14.27 19.17 -25.63
N ASN A 292 -13.53 18.61 -24.68
CA ASN A 292 -12.95 19.42 -23.61
C ASN A 292 -11.72 20.19 -24.07
N GLN A 293 -11.06 19.67 -25.09
CA GLN A 293 -9.90 20.36 -25.63
C GLN A 293 -10.39 21.69 -26.19
N GLU A 294 -11.52 21.64 -26.88
CA GLU A 294 -12.08 22.80 -27.56
C GLU A 294 -12.50 23.89 -26.60
N THR A 295 -12.72 23.52 -25.35
CA THR A 295 -13.12 24.50 -24.36
C THR A 295 -12.09 24.69 -23.23
N ASN A 296 -11.01 23.91 -23.24
CA ASN A 296 -10.01 23.99 -22.20
C ASN A 296 -10.64 23.72 -20.85
N TRP A 297 -11.34 22.61 -20.75
CA TRP A 297 -11.97 22.20 -19.50
C TRP A 297 -11.05 21.26 -18.77
N VAL A 298 -11.10 21.30 -17.45
CA VAL A 298 -10.34 20.37 -16.67
C VAL A 298 -11.11 19.06 -16.78
N THR A 299 -10.40 17.97 -17.03
CA THR A 299 -10.99 16.64 -17.13
C THR A 299 -10.67 15.88 -15.86
N GLN A 300 -11.66 15.69 -15.01
CA GLN A 300 -11.46 14.91 -13.79
C GLN A 300 -11.80 13.46 -14.04
N LEU A 301 -10.92 12.54 -13.65
CA LEU A 301 -11.20 11.10 -13.72
C LEU A 301 -11.12 10.48 -12.35
N HIS A 302 -12.26 9.99 -11.87
CA HIS A 302 -12.31 9.32 -10.57
C HIS A 302 -12.27 7.84 -10.81
N ILE A 303 -11.10 7.24 -10.59
CA ILE A 303 -10.90 5.83 -10.87
C ILE A 303 -11.09 4.91 -9.68
N GLY A 304 -11.78 3.78 -9.89
CA GLY A 304 -11.76 2.69 -8.94
C GLY A 304 -12.93 2.35 -8.06
N ALA A 305 -14.09 2.92 -8.31
CA ALA A 305 -15.24 2.65 -7.46
C ALA A 305 -16.04 1.47 -8.00
N LEU A 306 -16.09 0.37 -7.25
CA LEU A 306 -16.95 -0.75 -7.60
C LEU A 306 -18.28 -0.37 -7.00
N ARG A 307 -19.32 -0.25 -7.80
CA ARG A 307 -20.56 0.27 -7.25
C ARG A 307 -21.67 -0.73 -7.20
N ASP A 308 -22.53 -0.54 -6.23
CA ASP A 308 -23.68 -1.39 -6.06
C ASP A 308 -23.19 -2.81 -5.91
N TYR A 309 -22.11 -2.96 -5.15
CA TYR A 309 -21.54 -4.25 -4.87
C TYR A 309 -22.52 -5.03 -4.00
N ARG A 310 -23.13 -4.35 -3.04
CA ARG A 310 -24.14 -4.98 -2.19
C ARG A 310 -25.55 -4.94 -2.79
N ASP A 311 -25.99 -6.09 -3.27
CA ASP A 311 -27.26 -6.23 -3.95
C ASP A 311 -28.48 -5.72 -3.20
N SER A 312 -28.60 -6.12 -1.95
CA SER A 312 -29.81 -5.82 -1.19
C SER A 312 -30.00 -4.33 -1.11
N LEU A 313 -28.88 -3.62 -1.08
CA LEU A 313 -28.91 -2.18 -0.96
C LEU A 313 -29.34 -1.62 -2.30
N PHE A 314 -28.95 -2.29 -3.37
CA PHE A 314 -29.25 -1.80 -4.70
C PHE A 314 -30.74 -1.94 -4.97
N LYS A 315 -31.25 -3.16 -4.79
CA LYS A 315 -32.64 -3.46 -5.04
C LYS A 315 -33.58 -2.66 -4.14
N THR A 316 -33.06 -2.20 -3.02
CA THR A 316 -33.88 -1.54 -2.02
C THR A 316 -33.80 0.00 -2.11
N LEU A 317 -32.60 0.54 -2.01
CA LEU A 317 -32.43 1.98 -2.10
C LEU A 317 -31.82 2.39 -3.44
N GLY A 318 -31.13 1.46 -4.10
CA GLY A 318 -30.44 1.76 -5.34
C GLY A 318 -29.08 2.39 -5.10
N PRO A 319 -28.58 3.10 -6.10
CA PRO A 319 -27.26 3.74 -6.08
C PRO A 319 -26.97 4.73 -4.95
N ASP A 320 -25.69 4.86 -4.63
CA ASP A 320 -25.21 5.79 -3.62
C ASP A 320 -25.91 5.61 -2.29
N SER A 321 -26.16 4.37 -1.92
CA SER A 321 -26.97 4.11 -0.75
C SER A 321 -26.17 3.44 0.35
N GLY A 322 -24.87 3.25 0.10
CA GLY A 322 -23.97 2.66 1.09
C GLY A 322 -23.35 1.32 0.73
N GLY A 323 -23.41 0.93 -0.55
CA GLY A 323 -22.86 -0.35 -0.97
C GLY A 323 -21.80 -0.34 -2.05
N ASP A 324 -20.99 0.71 -2.09
CA ASP A 324 -19.92 0.80 -3.07
C ASP A 324 -18.58 0.61 -2.35
N ILE A 325 -17.68 -0.15 -2.95
CA ILE A 325 -16.42 -0.46 -2.33
C ILE A 325 -15.31 -0.20 -3.30
N SER A 326 -14.07 -0.29 -2.81
CA SER A 326 -12.92 -0.16 -3.69
C SER A 326 -12.33 -1.56 -3.90
N THR A 327 -11.53 -1.71 -4.94
CA THR A 327 -10.88 -2.98 -5.23
C THR A 327 -9.45 -2.68 -5.71
N ASN A 328 -8.49 -3.49 -5.29
CA ASN A 328 -7.09 -3.27 -5.65
C ASN A 328 -6.71 -3.85 -6.98
N PHE A 329 -7.63 -4.56 -7.60
CA PHE A 329 -7.28 -5.32 -8.80
C PHE A 329 -7.72 -4.56 -10.04
N LEU A 330 -6.91 -3.58 -10.42
CA LEU A 330 -7.21 -2.66 -11.52
C LEU A 330 -5.97 -2.34 -12.35
N ARG A 331 -6.11 -2.45 -13.66
CA ARG A 331 -5.05 -2.08 -14.60
C ARG A 331 -5.14 -0.60 -14.92
N ILE A 332 -4.57 0.24 -14.07
CA ILE A 332 -4.69 1.67 -14.29
C ILE A 332 -3.82 2.19 -15.43
N ALA A 333 -2.50 2.03 -15.28
CA ALA A 333 -1.52 2.62 -16.18
C ALA A 333 -1.71 2.28 -17.65
N GLU A 334 -1.84 1.00 -17.96
CA GLU A 334 -1.91 0.64 -19.36
C GLU A 334 -3.29 1.03 -19.93
N GLY A 335 -4.26 1.19 -19.05
CA GLY A 335 -5.58 1.64 -19.46
C GLY A 335 -5.68 3.13 -19.75
N LEU A 336 -4.84 3.94 -19.11
CA LEU A 336 -4.89 5.39 -19.30
C LEU A 336 -3.95 5.82 -20.39
N ARG A 337 -3.06 4.92 -20.75
CA ARG A 337 -1.96 5.26 -21.61
C ARG A 337 -2.32 5.89 -22.93
N TYR A 338 -3.34 5.38 -23.59
CA TYR A 338 -3.70 5.91 -24.89
C TYR A 338 -4.26 7.30 -24.71
N PHE A 339 -5.20 7.45 -23.79
CA PHE A 339 -5.81 8.73 -23.49
C PHE A 339 -4.74 9.75 -23.22
N LEU A 340 -3.85 9.41 -22.30
CA LEU A 340 -2.86 10.34 -21.80
C LEU A 340 -1.87 10.79 -22.86
N ASN A 341 -1.50 9.85 -23.74
CA ASN A 341 -0.51 10.17 -24.76
C ASN A 341 -1.23 10.93 -25.82
N GLU A 342 -2.52 10.69 -25.89
CA GLU A 342 -3.34 11.34 -26.88
C GLU A 342 -3.57 12.82 -26.57
N PHE A 343 -3.78 13.15 -25.30
CA PHE A 343 -4.06 14.52 -24.93
C PHE A 343 -2.89 15.13 -24.20
N ASP A 344 -1.70 14.57 -24.43
CA ASP A 344 -0.48 15.05 -23.78
C ASP A 344 -0.24 16.50 -24.15
N GLY A 345 -0.31 17.38 -23.17
CA GLY A 345 -0.04 18.79 -23.41
C GLY A 345 -1.24 19.54 -23.97
N LYS A 346 -2.33 18.83 -24.23
CA LYS A 346 -3.50 19.46 -24.82
C LYS A 346 -4.66 19.63 -23.86
N LEU A 347 -4.63 18.94 -22.74
CA LEU A 347 -5.78 18.89 -21.87
C LEU A 347 -5.35 18.80 -20.42
N LYS A 348 -5.95 19.61 -19.55
CA LYS A 348 -5.68 19.54 -18.12
C LYS A 348 -6.47 18.35 -17.52
N ILE A 349 -5.75 17.34 -17.04
CA ILE A 349 -6.40 16.14 -16.47
C ILE A 349 -6.07 16.03 -14.98
N VAL A 350 -7.07 15.72 -14.18
CA VAL A 350 -6.87 15.49 -12.75
C VAL A 350 -7.27 14.04 -12.46
N LEU A 351 -6.43 13.31 -11.73
CA LEU A 351 -6.72 11.89 -11.44
C LEU A 351 -7.02 11.67 -9.98
N TYR A 352 -7.99 10.82 -9.72
CA TYR A 352 -8.36 10.47 -8.36
C TYR A 352 -8.38 8.98 -8.34
N VAL A 353 -8.00 8.41 -7.21
CA VAL A 353 -7.93 6.98 -7.08
C VAL A 353 -8.67 6.61 -5.80
N LEU A 354 -9.44 5.53 -5.81
CA LEU A 354 -10.25 5.18 -4.64
C LEU A 354 -9.50 4.31 -3.64
N ASP A 355 -8.54 3.55 -4.14
CA ASP A 355 -7.74 2.70 -3.31
C ASP A 355 -6.41 3.41 -3.20
N PRO A 356 -6.03 3.86 -2.00
CA PRO A 356 -4.78 4.63 -1.85
C PRO A 356 -3.59 3.83 -2.36
N THR A 357 -3.72 2.50 -2.39
CA THR A 357 -2.67 1.63 -2.90
C THR A 357 -2.31 1.93 -4.35
N HIS A 358 -3.14 2.71 -5.04
CA HIS A 358 -2.91 3.06 -6.43
C HIS A 358 -2.31 4.47 -6.61
N LEU A 359 -2.04 5.15 -5.50
CA LEU A 359 -1.48 6.50 -5.57
C LEU A 359 -0.22 6.55 -6.39
N PRO A 360 0.72 5.67 -6.09
CA PRO A 360 2.00 5.60 -6.81
C PRO A 360 1.83 5.60 -8.32
N THR A 361 0.90 4.80 -8.83
CA THR A 361 0.65 4.79 -10.27
C THR A 361 0.29 6.23 -10.70
N ILE A 362 -0.83 6.75 -10.22
CA ILE A 362 -1.25 8.10 -10.64
C ILE A 362 -0.14 9.13 -10.33
N SER A 363 0.55 8.98 -9.21
CA SER A 363 1.56 9.98 -8.83
C SER A 363 2.70 10.00 -9.83
N THR A 364 3.20 8.82 -10.21
CA THR A 364 4.26 8.78 -11.22
C THR A 364 3.72 9.19 -12.56
N ILE A 365 2.50 8.75 -12.87
CA ILE A 365 1.84 9.22 -14.07
C ILE A 365 1.87 10.74 -14.11
N ALA A 366 1.47 11.39 -13.03
CA ALA A 366 1.43 12.85 -12.99
C ALA A 366 2.84 13.43 -13.10
N ARG A 367 3.82 12.72 -12.55
CA ARG A 367 5.20 13.19 -12.61
C ARG A 367 5.70 13.27 -14.03
N ALA A 368 5.09 12.55 -14.95
CA ALA A 368 5.64 12.50 -16.31
C ALA A 368 4.86 13.30 -17.36
N PHE A 369 3.72 13.86 -16.95
CA PHE A 369 2.89 14.66 -17.82
C PHE A 369 2.50 15.94 -17.10
N PRO A 370 3.15 17.04 -17.43
CA PRO A 370 2.81 18.37 -16.93
C PRO A 370 1.32 18.76 -17.00
N ASN A 371 0.53 18.14 -17.88
CA ASN A 371 -0.89 18.46 -17.95
C ASN A 371 -1.74 17.62 -16.98
N VAL A 372 -1.10 16.77 -16.19
CA VAL A 372 -1.81 15.88 -15.29
C VAL A 372 -1.59 16.27 -13.85
N TYR A 373 -2.65 16.19 -13.06
CA TYR A 373 -2.61 16.63 -11.68
C TYR A 373 -3.15 15.58 -10.75
N VAL A 374 -2.58 15.47 -9.56
CA VAL A 374 -3.06 14.50 -8.59
C VAL A 374 -4.10 15.17 -7.71
N GLY A 375 -5.31 14.62 -7.69
CA GLY A 375 -6.37 15.12 -6.84
C GLY A 375 -6.17 14.89 -5.34
N ALA A 376 -7.05 15.46 -4.54
CA ALA A 376 -6.99 15.28 -3.09
C ALA A 376 -7.46 13.87 -2.75
N PRO A 377 -7.23 13.43 -1.52
CA PRO A 377 -7.64 12.08 -1.11
C PRO A 377 -9.13 12.02 -1.27
N TRP A 378 -9.62 10.95 -1.86
CA TRP A 378 -10.95 11.01 -2.43
C TRP A 378 -12.15 10.66 -1.61
N TRP A 379 -12.35 9.39 -1.28
CA TRP A 379 -13.66 9.06 -0.74
C TRP A 379 -13.52 8.44 0.65
N PHE A 380 -13.28 7.14 0.71
CA PHE A 380 -12.95 6.53 1.97
C PHE A 380 -11.60 7.09 2.47
N ASN A 381 -10.88 7.79 1.59
CA ASN A 381 -9.58 8.32 1.97
C ASN A 381 -9.56 9.72 2.58
N ASP A 382 -10.64 10.49 2.51
CA ASP A 382 -10.55 11.82 3.14
C ASP A 382 -10.87 11.71 4.62
N SER A 383 -9.77 11.67 5.35
CA SER A 383 -9.72 11.40 6.76
C SER A 383 -8.35 11.92 7.13
N PRO A 384 -8.19 12.46 8.31
CA PRO A 384 -6.87 12.91 8.72
C PRO A 384 -5.78 11.89 8.38
N PHE A 385 -6.10 10.61 8.46
CA PHE A 385 -5.12 9.56 8.20
C PHE A 385 -4.81 9.50 6.71
N GLY A 386 -5.87 9.44 5.91
CA GLY A 386 -5.73 9.40 4.47
C GLY A 386 -5.04 10.63 3.96
N MET A 387 -5.43 11.80 4.46
CA MET A 387 -4.81 13.05 4.01
C MET A 387 -3.32 13.06 4.39
N GLU A 388 -2.95 12.55 5.57
CA GLU A 388 -1.55 12.62 5.97
C GLU A 388 -0.75 11.72 5.03
N MET A 389 -1.29 10.56 4.70
CA MET A 389 -0.55 9.61 3.88
C MET A 389 -0.47 10.10 2.46
N HIS A 390 -1.63 10.45 1.91
CA HIS A 390 -1.75 10.93 0.56
C HIS A 390 -0.72 12.06 0.31
N LEU A 391 -0.69 13.03 1.23
CA LEU A 391 0.12 14.24 1.10
C LEU A 391 1.61 14.01 1.25
N LYS A 392 2.01 13.37 2.35
CA LYS A 392 3.41 13.13 2.57
C LYS A 392 3.87 12.36 1.37
N TYR A 393 3.14 11.31 1.04
CA TYR A 393 3.54 10.49 -0.08
C TYR A 393 3.70 11.28 -1.35
N LEU A 394 2.64 12.00 -1.73
CA LEU A 394 2.66 12.73 -2.99
C LEU A 394 3.79 13.73 -3.04
N ALA A 395 4.10 14.27 -1.87
CA ALA A 395 5.14 15.26 -1.74
C ALA A 395 6.50 14.71 -2.10
N SER A 396 6.69 13.41 -1.89
CA SER A 396 7.99 12.79 -2.07
C SER A 396 8.21 12.28 -3.48
N VAL A 397 7.20 12.39 -4.32
CA VAL A 397 7.31 11.82 -5.66
C VAL A 397 7.00 12.80 -6.79
N ASP A 398 6.05 13.69 -6.58
CA ASP A 398 5.81 14.75 -7.53
C ASP A 398 5.95 16.00 -6.68
N LEU A 399 5.12 17.02 -6.90
CA LEU A 399 5.20 18.23 -6.11
C LEU A 399 3.91 18.51 -5.34
N LEU A 400 4.00 18.57 -4.03
CA LEU A 400 2.83 18.88 -3.22
C LEU A 400 2.20 20.13 -3.80
N TYR A 401 3.07 21.04 -4.27
CA TYR A 401 2.68 22.34 -4.75
C TYR A 401 1.71 22.34 -5.92
N ASN A 402 1.67 21.26 -6.68
CA ASN A 402 0.72 21.15 -7.79
C ASN A 402 -0.50 20.34 -7.43
N LEU A 403 -0.78 20.15 -6.16
CA LEU A 403 -1.94 19.35 -5.80
C LEU A 403 -3.16 20.04 -6.36
N ALA A 404 -4.02 19.28 -7.02
CA ALA A 404 -5.22 19.84 -7.63
C ALA A 404 -5.95 20.79 -6.69
N GLY A 405 -6.09 20.39 -5.43
CA GLY A 405 -6.79 21.19 -4.47
C GLY A 405 -7.80 20.37 -3.70
N MET A 406 -8.08 20.82 -2.48
CA MET A 406 -9.01 20.13 -1.61
C MET A 406 -10.37 20.12 -2.28
N VAL A 407 -11.08 19.02 -2.15
CA VAL A 407 -12.43 18.88 -2.70
C VAL A 407 -13.37 18.41 -1.56
N THR A 408 -14.50 19.07 -1.36
CA THR A 408 -15.39 18.68 -0.24
C THR A 408 -16.17 17.41 -0.55
N ASP A 409 -16.61 17.26 -1.80
CA ASP A 409 -17.36 16.08 -2.19
C ASP A 409 -18.64 16.03 -1.43
N SER A 410 -18.99 17.13 -0.78
CA SER A 410 -20.10 17.05 0.17
C SER A 410 -21.47 17.31 -0.40
N ARG A 411 -22.41 16.64 0.27
CA ARG A 411 -23.81 16.74 -0.04
C ARG A 411 -24.49 17.70 0.94
N LYS A 412 -23.72 18.29 1.85
CA LYS A 412 -24.33 19.17 2.86
C LYS A 412 -23.49 20.39 3.20
N LEU A 413 -24.12 21.55 3.12
CA LEU A 413 -23.47 22.84 3.32
C LEU A 413 -22.57 22.92 4.54
N LEU A 414 -23.11 22.63 5.72
CA LEU A 414 -22.34 22.77 6.94
C LEU A 414 -20.96 22.09 6.85
N SER A 415 -20.91 20.93 6.18
CA SER A 415 -19.64 20.23 6.02
C SER A 415 -18.54 21.12 5.45
N PHE A 416 -18.92 21.92 4.47
CA PHE A 416 -17.96 22.73 3.72
C PHE A 416 -16.84 23.28 4.56
N GLY A 417 -17.21 23.97 5.63
CA GLY A 417 -16.25 24.64 6.45
C GLY A 417 -15.44 23.67 7.28
N SER A 418 -16.11 22.67 7.83
CA SER A 418 -15.46 21.72 8.70
C SER A 418 -14.56 20.86 7.83
N ARG A 419 -15.09 20.40 6.71
CA ARG A 419 -14.30 19.69 5.72
C ARG A 419 -13.07 20.50 5.39
N THR A 420 -13.29 21.77 5.06
CA THR A 420 -12.19 22.64 4.66
C THR A 420 -11.21 22.84 5.80
N GLU A 421 -11.70 22.85 7.03
CA GLU A 421 -10.82 23.06 8.16
C GLU A 421 -9.91 21.86 8.34
N MET A 422 -10.49 20.67 8.38
CA MET A 422 -9.75 19.45 8.60
C MET A 422 -8.59 19.41 7.63
N PHE A 423 -8.93 19.59 6.37
CA PHE A 423 -7.93 19.52 5.33
C PHE A 423 -6.76 20.47 5.57
N ARG A 424 -7.07 21.74 5.77
CA ARG A 424 -6.04 22.76 5.96
C ARG A 424 -5.19 22.53 7.21
N ARG A 425 -5.74 21.87 8.21
CA ARG A 425 -4.98 21.63 9.42
C ARG A 425 -3.97 20.56 9.11
N VAL A 426 -4.45 19.51 8.42
CA VAL A 426 -3.61 18.36 8.11
C VAL A 426 -2.51 18.76 7.14
N LEU A 427 -2.88 19.48 6.09
CA LEU A 427 -1.91 19.98 5.14
C LEU A 427 -0.91 20.77 5.91
N SER A 428 -1.39 21.66 6.76
CA SER A 428 -0.48 22.49 7.53
C SER A 428 0.27 21.66 8.60
N ASN A 429 -0.25 20.51 9.00
CA ASN A 429 0.50 19.67 9.97
C ASN A 429 1.63 18.96 9.27
N VAL A 430 1.33 18.53 8.05
CA VAL A 430 2.26 17.78 7.23
C VAL A 430 3.45 18.64 6.86
N VAL A 431 3.18 19.86 6.38
CA VAL A 431 4.25 20.77 5.99
C VAL A 431 5.00 21.21 7.23
N GLY A 432 4.28 21.47 8.32
CA GLY A 432 4.91 21.81 9.57
C GLY A 432 5.98 20.76 9.91
N GLU A 433 5.61 19.48 9.92
CA GLU A 433 6.56 18.40 10.22
C GLU A 433 7.84 18.52 9.39
N MET A 434 7.68 18.73 8.09
CA MET A 434 8.84 18.80 7.21
C MET A 434 9.65 20.06 7.51
N VAL A 435 8.97 21.13 7.92
CA VAL A 435 9.68 22.33 8.29
C VAL A 435 10.53 22.01 9.52
N GLU A 436 9.94 21.34 10.49
CA GLU A 436 10.69 21.04 11.71
C GLU A 436 11.76 19.96 11.59
N LYS A 437 11.61 19.05 10.64
CA LYS A 437 12.67 18.12 10.33
C LYS A 437 13.69 18.79 9.41
N GLY A 438 13.54 20.09 9.13
CA GLY A 438 14.53 20.78 8.33
C GLY A 438 14.57 20.46 6.84
N GLN A 439 13.45 20.03 6.26
CA GLN A 439 13.35 19.78 4.82
C GLN A 439 12.78 20.95 4.04
N ILE A 440 12.16 21.90 4.74
CA ILE A 440 11.56 23.03 4.06
C ILE A 440 11.70 24.29 4.88
N PRO A 441 12.27 25.32 4.27
CA PRO A 441 12.35 26.63 4.92
C PRO A 441 10.93 27.11 5.23
N ILE A 442 10.77 27.93 6.25
CA ILE A 442 9.44 28.37 6.67
C ILE A 442 8.79 29.30 5.66
N LYS A 443 9.61 30.06 4.96
CA LYS A 443 9.07 30.98 3.98
C LYS A 443 8.36 30.24 2.86
N GLU A 444 8.99 29.19 2.32
CA GLU A 444 8.38 28.48 1.20
C GLU A 444 7.21 27.66 1.69
N ALA A 445 7.31 27.18 2.93
CA ALA A 445 6.21 26.47 3.55
C ALA A 445 4.98 27.38 3.57
N ARG A 446 5.13 28.59 4.09
CA ARG A 446 4.01 29.53 4.12
C ARG A 446 3.45 29.70 2.70
N GLU A 447 4.33 29.74 1.71
CA GLU A 447 3.90 29.92 0.33
C GLU A 447 3.25 28.68 -0.21
N LEU A 448 3.82 27.54 0.15
CA LEU A 448 3.35 26.28 -0.39
C LEU A 448 1.95 26.06 0.10
N VAL A 449 1.80 26.24 1.40
CA VAL A 449 0.56 26.05 2.08
C VAL A 449 -0.54 26.99 1.55
N LYS A 450 -0.20 28.25 1.32
CA LYS A 450 -1.21 29.17 0.80
C LYS A 450 -1.61 28.85 -0.62
N HIS A 451 -0.63 28.43 -1.40
CA HIS A 451 -0.88 28.10 -2.78
C HIS A 451 -1.85 26.93 -2.87
N VAL A 452 -1.59 25.89 -2.09
CA VAL A 452 -2.39 24.68 -2.18
C VAL A 452 -3.79 24.90 -1.67
N SER A 453 -3.91 25.73 -0.63
CA SER A 453 -5.21 26.01 -0.04
C SER A 453 -6.17 26.87 -0.85
N TYR A 454 -5.62 27.75 -1.69
CA TYR A 454 -6.45 28.69 -2.44
C TYR A 454 -5.93 29.06 -3.83
N ASP A 455 -4.81 29.76 -3.91
CA ASP A 455 -4.40 30.31 -5.21
C ASP A 455 -4.21 29.26 -6.30
N GLY A 456 -3.67 28.10 -5.94
CA GLY A 456 -3.40 27.03 -6.87
C GLY A 456 -4.65 26.43 -7.49
N PRO A 457 -5.52 25.90 -6.65
CA PRO A 457 -6.78 25.32 -7.11
C PRO A 457 -7.60 26.32 -7.91
N LYS A 458 -7.63 27.54 -7.44
CA LYS A 458 -8.34 28.60 -8.13
C LYS A 458 -7.88 28.77 -9.57
N ALA A 459 -6.57 28.81 -9.77
CA ALA A 459 -6.01 29.04 -11.09
C ALA A 459 -6.15 27.82 -11.97
N LEU A 460 -6.12 26.64 -11.37
CA LEU A 460 -6.22 25.40 -12.13
C LEU A 460 -7.62 25.23 -12.75
N PHE A 461 -8.66 25.30 -11.91
CA PHE A 461 -10.03 25.20 -12.43
C PHE A 461 -10.56 26.51 -13.02
N PHE A 462 -10.17 27.64 -12.46
CA PHE A 462 -10.71 28.91 -12.91
C PHE A 462 -9.58 29.80 -13.45
N MET B 13 15.83 25.42 11.35
CA MET B 13 16.37 24.03 11.36
C MET B 13 16.60 23.50 9.95
N PHE B 14 16.56 24.36 8.95
CA PHE B 14 16.70 23.88 7.57
C PHE B 14 18.08 23.26 7.34
N LEU B 15 18.08 22.00 6.92
CA LEU B 15 19.29 21.22 6.67
C LEU B 15 20.32 21.30 7.78
N GLY B 16 19.87 21.44 9.01
CA GLY B 16 20.78 21.57 10.13
C GLY B 16 21.27 20.23 10.60
N GLU B 17 21.88 20.27 11.77
CA GLU B 17 22.38 19.08 12.44
C GLU B 17 21.37 17.99 12.69
N ASP B 18 20.15 18.35 13.02
CA ASP B 18 19.19 17.33 13.33
C ASP B 18 18.23 17.11 12.17
N TYR B 19 18.66 17.55 11.00
CA TYR B 19 17.90 17.33 9.77
C TYR B 19 17.47 15.85 9.73
N LEU B 20 16.17 15.63 9.60
CA LEU B 20 15.59 14.29 9.54
C LEU B 20 15.62 13.48 10.83
N LEU B 21 16.27 14.00 11.87
CA LEU B 21 16.37 13.30 13.15
C LEU B 21 15.30 13.75 14.12
N THR B 22 14.48 12.82 14.62
CA THR B 22 13.38 13.20 15.51
C THR B 22 13.47 12.73 16.96
N ASN B 23 14.57 12.10 17.34
CA ASN B 23 14.73 11.59 18.69
C ASN B 23 16.20 11.56 19.05
N ARG B 24 16.50 11.63 20.34
CA ARG B 24 17.87 11.70 20.77
C ARG B 24 18.64 10.47 20.37
N ALA B 25 18.00 9.32 20.47
CA ALA B 25 18.66 8.08 20.13
C ALA B 25 19.17 8.16 18.69
N ALA B 26 18.35 8.74 17.81
CA ALA B 26 18.70 8.85 16.39
C ALA B 26 20.01 9.60 16.20
N VAL B 27 20.21 10.62 17.01
CA VAL B 27 21.38 11.46 16.89
C VAL B 27 22.66 10.71 17.26
N ARG B 28 22.65 9.90 18.31
CA ARG B 28 23.83 9.12 18.63
C ARG B 28 24.14 8.13 17.52
N LEU B 29 23.09 7.58 16.93
CA LEU B 29 23.25 6.56 15.93
C LEU B 29 23.86 7.15 14.69
N PHE B 30 23.41 8.34 14.33
CA PHE B 30 23.88 8.97 13.10
C PHE B 30 25.33 9.40 13.26
N ASN B 31 25.63 9.92 14.44
CA ASN B 31 26.98 10.30 14.77
C ASN B 31 27.90 9.10 14.70
N GLU B 32 27.34 7.92 14.92
CA GLU B 32 28.12 6.69 14.90
C GLU B 32 28.48 6.28 13.49
N VAL B 33 27.69 6.72 12.51
CA VAL B 33 27.83 6.22 11.15
C VAL B 33 28.15 7.23 10.08
N LYS B 34 28.06 8.50 10.41
CA LYS B 34 28.16 9.53 9.38
C LYS B 34 29.52 9.55 8.71
N ASP B 35 30.56 9.18 9.42
CA ASP B 35 31.90 9.20 8.83
C ASP B 35 32.36 7.85 8.29
N LEU B 36 31.47 6.87 8.25
CA LEU B 36 31.81 5.60 7.62
C LEU B 36 31.96 5.87 6.13
N PRO B 37 32.85 5.17 5.45
CA PRO B 37 33.08 5.40 4.03
C PRO B 37 31.91 4.93 3.20
N ILE B 38 31.75 5.48 2.00
CA ILE B 38 30.65 5.13 1.12
C ILE B 38 30.96 3.91 0.27
N VAL B 39 30.08 2.91 0.34
CA VAL B 39 30.15 1.69 -0.47
C VAL B 39 28.93 1.75 -1.39
N ASP B 40 29.12 1.82 -2.71
CA ASP B 40 27.97 2.08 -3.63
C ASP B 40 27.70 1.02 -4.70
N PRO B 41 27.06 -0.06 -4.30
CA PRO B 41 26.74 -1.19 -5.17
C PRO B 41 26.15 -0.90 -6.54
N HIS B 42 25.62 0.28 -6.76
CA HIS B 42 25.02 0.57 -8.06
C HIS B 42 24.79 2.05 -8.23
N ASN B 43 25.30 2.58 -9.33
CA ASN B 43 25.15 3.97 -9.72
C ASN B 43 25.27 4.02 -11.25
N HIS B 44 24.99 5.18 -11.84
CA HIS B 44 25.02 5.32 -13.31
C HIS B 44 26.12 6.28 -13.70
N LEU B 45 27.23 6.19 -13.00
CA LEU B 45 28.39 7.03 -13.24
C LEU B 45 29.23 6.49 -14.39
N ASP B 46 30.03 7.36 -15.01
CA ASP B 46 30.93 6.93 -16.08
C ASP B 46 32.36 6.97 -15.56
N ALA B 47 33.11 5.90 -15.81
CA ALA B 47 34.48 5.82 -15.34
C ALA B 47 35.41 6.79 -16.09
N LYS B 48 35.14 7.03 -17.37
CA LYS B 48 35.96 7.92 -18.17
C LYS B 48 36.05 9.32 -17.57
N ASP B 49 34.93 9.78 -17.02
CA ASP B 49 34.88 11.13 -16.46
C ASP B 49 35.69 11.21 -15.17
N ILE B 50 35.82 10.08 -14.48
CA ILE B 50 36.59 10.03 -13.25
C ILE B 50 38.06 9.99 -13.61
N VAL B 51 38.38 9.24 -14.66
CA VAL B 51 39.78 9.10 -15.06
C VAL B 51 40.29 10.43 -15.61
N GLU B 52 39.50 11.10 -16.45
CA GLU B 52 39.90 12.38 -17.01
C GLU B 52 39.95 13.46 -15.93
N ASN B 53 39.20 13.24 -14.86
CA ASN B 53 39.21 14.11 -13.69
C ASN B 53 39.01 15.60 -14.01
N LYS B 54 38.13 15.87 -14.96
CA LYS B 54 37.83 17.25 -15.35
C LYS B 54 36.82 17.89 -14.42
N PRO B 55 37.16 19.08 -13.93
CA PRO B 55 36.24 19.92 -13.18
C PRO B 55 34.94 20.14 -13.92
N TRP B 56 33.96 20.67 -13.20
CA TRP B 56 32.72 21.06 -13.80
C TRP B 56 32.76 22.56 -13.99
N ASN B 57 31.95 23.07 -14.90
CA ASN B 57 31.93 24.49 -15.19
C ASN B 57 30.84 25.25 -14.44
N ASP B 58 29.71 24.59 -14.24
CA ASP B 58 28.52 25.24 -13.71
C ASP B 58 27.79 24.43 -12.70
N ILE B 59 27.01 25.10 -11.88
CA ILE B 59 26.12 24.38 -11.02
C ILE B 59 25.10 23.69 -11.92
N TRP B 60 24.76 24.29 -13.06
CA TRP B 60 23.77 23.64 -13.91
C TRP B 60 24.32 22.29 -14.36
N GLU B 61 25.55 22.29 -14.85
CA GLU B 61 26.20 21.06 -15.30
C GLU B 61 26.17 20.03 -14.20
N VAL B 62 26.61 20.46 -13.02
CA VAL B 62 26.69 19.61 -11.86
C VAL B 62 25.35 19.16 -11.34
N GLU B 63 24.37 20.06 -11.36
CA GLU B 63 23.09 19.76 -10.72
C GLU B 63 21.91 19.44 -11.62
N GLY B 64 21.82 20.04 -12.79
CA GLY B 64 20.65 19.84 -13.61
C GLY B 64 20.88 19.24 -14.98
N ALA B 65 22.00 19.57 -15.61
CA ALA B 65 22.32 19.13 -16.96
C ALA B 65 22.11 17.64 -17.26
N THR B 66 22.29 16.77 -16.27
CA THR B 66 22.13 15.34 -16.52
C THR B 66 21.25 14.64 -15.51
N ASP B 67 20.44 15.42 -14.79
CA ASP B 67 19.55 14.87 -13.78
C ASP B 67 18.14 14.90 -14.31
N HIS B 68 17.64 13.77 -14.72
CA HIS B 68 16.31 13.75 -15.33
C HIS B 68 15.21 14.05 -14.28
N TYR B 69 15.51 13.84 -13.00
CA TYR B 69 14.59 14.28 -11.95
C TYR B 69 14.39 15.78 -12.09
N VAL B 70 15.48 16.47 -12.33
CA VAL B 70 15.45 17.91 -12.36
C VAL B 70 14.64 18.36 -13.58
N TRP B 71 14.78 17.59 -14.67
CA TRP B 71 14.07 17.87 -15.89
C TRP B 71 12.56 17.70 -15.69
N GLU B 72 12.20 16.63 -14.99
CA GLU B 72 10.82 16.32 -14.70
C GLU B 72 10.16 17.46 -13.95
N LEU B 73 10.72 17.72 -12.78
CA LEU B 73 10.21 18.72 -11.87
C LEU B 73 10.11 20.06 -12.63
N MET B 74 11.17 20.40 -13.30
CA MET B 74 11.24 21.58 -14.13
C MET B 74 10.03 21.63 -15.11
N ARG B 75 9.76 20.51 -15.79
CA ARG B 75 8.57 20.42 -16.69
C ARG B 75 7.26 20.51 -15.91
N ARG B 76 7.25 19.91 -14.72
CA ARG B 76 6.08 19.93 -13.85
C ARG B 76 5.83 21.32 -13.33
N CYS B 77 6.79 22.23 -13.49
CA CYS B 77 6.59 23.60 -13.06
C CYS B 77 6.19 24.53 -14.18
N GLY B 78 6.14 24.01 -15.40
CA GLY B 78 5.71 24.80 -16.54
C GLY B 78 6.83 25.54 -17.23
N VAL B 79 8.05 25.07 -17.06
CA VAL B 79 9.20 25.70 -17.67
C VAL B 79 9.50 25.04 -19.00
N SER B 80 9.37 25.76 -20.10
CA SER B 80 9.60 25.12 -21.41
C SER B 80 10.98 24.49 -21.54
N GLU B 81 11.05 23.46 -22.39
CA GLU B 81 12.27 22.68 -22.63
C GLU B 81 13.46 23.52 -23.08
N GLU B 82 13.19 24.71 -23.61
CA GLU B 82 14.26 25.60 -24.02
C GLU B 82 15.31 25.60 -22.92
N TYR B 83 14.83 25.71 -21.69
CA TYR B 83 15.69 25.74 -20.51
C TYR B 83 15.83 24.39 -19.82
N ILE B 84 15.41 23.30 -20.42
CA ILE B 84 15.68 22.04 -19.75
C ILE B 84 16.77 21.26 -20.53
N THR B 85 16.42 20.65 -21.65
CA THR B 85 17.41 19.93 -22.41
C THR B 85 17.74 20.67 -23.71
N GLY B 86 17.21 21.88 -23.84
CA GLY B 86 17.33 22.63 -25.07
C GLY B 86 18.52 23.56 -25.15
N SER B 87 18.42 24.57 -26.01
CA SER B 87 19.60 25.31 -26.41
C SER B 87 19.86 26.62 -25.70
N ARG B 88 19.35 26.73 -24.50
CA ARG B 88 19.60 27.91 -23.70
C ARG B 88 20.86 27.68 -22.87
N SER B 89 21.58 28.76 -22.59
CA SER B 89 22.81 28.67 -21.84
C SER B 89 22.60 28.04 -20.47
N ASN B 90 23.65 27.40 -19.99
CA ASN B 90 23.63 26.83 -18.66
C ASN B 90 23.13 27.89 -17.67
N LYS B 91 23.68 29.09 -17.78
CA LYS B 91 23.33 30.11 -16.81
C LYS B 91 21.83 30.39 -16.82
N GLU B 92 21.22 30.32 -17.98
CA GLU B 92 19.78 30.59 -18.12
C GLU B 92 19.01 29.40 -17.56
N LYS B 93 19.50 28.22 -17.90
CA LYS B 93 18.93 27.00 -17.38
C LYS B 93 18.93 27.00 -15.85
N TRP B 94 20.02 27.52 -15.28
CA TRP B 94 20.19 27.57 -13.82
C TRP B 94 19.21 28.54 -13.21
N LEU B 95 19.11 29.72 -13.81
CA LEU B 95 18.25 30.79 -13.32
C LEU B 95 16.77 30.40 -13.33
N ALA B 96 16.41 29.53 -14.24
CA ALA B 96 15.02 29.15 -14.34
C ALA B 96 14.74 28.15 -13.21
N LEU B 97 15.64 27.18 -13.06
CA LEU B 97 15.47 26.21 -12.01
C LEU B 97 15.31 26.92 -10.67
N ALA B 98 16.17 27.89 -10.40
CA ALA B 98 16.09 28.59 -9.13
C ALA B 98 14.79 29.35 -9.06
N LYS B 99 14.38 29.93 -10.17
CA LYS B 99 13.21 30.78 -10.15
C LYS B 99 12.11 29.96 -9.56
N VAL B 100 12.01 28.74 -10.08
CA VAL B 100 10.96 27.79 -9.73
C VAL B 100 11.28 26.80 -8.60
N PHE B 101 12.51 26.77 -8.13
CA PHE B 101 12.91 25.82 -7.10
C PHE B 101 12.05 25.80 -5.83
N PRO B 102 11.55 26.94 -5.38
CA PRO B 102 10.70 26.93 -4.19
C PRO B 102 9.42 26.11 -4.33
N ARG B 103 9.03 25.75 -5.56
CA ARG B 103 7.84 24.93 -5.74
C ARG B 103 8.18 23.45 -5.61
N PHE B 104 9.46 23.15 -5.40
CA PHE B 104 9.93 21.76 -5.28
C PHE B 104 9.91 21.32 -3.84
N VAL B 105 9.76 22.30 -2.97
CA VAL B 105 9.64 22.10 -1.56
C VAL B 105 8.88 20.77 -1.33
N GLY B 106 9.42 19.88 -0.51
CA GLY B 106 8.76 18.63 -0.21
C GLY B 106 9.29 17.42 -0.95
N ASN B 107 9.95 17.65 -2.07
CA ASN B 107 10.45 16.56 -2.90
C ASN B 107 11.97 16.41 -2.72
N PRO B 108 12.45 15.19 -2.63
CA PRO B 108 13.87 14.93 -2.33
C PRO B 108 14.85 15.81 -3.09
N THR B 109 14.55 16.12 -4.35
CA THR B 109 15.52 16.88 -5.13
C THR B 109 15.78 18.20 -4.47
N TYR B 110 14.73 18.80 -3.91
CA TYR B 110 14.87 20.08 -3.26
C TYR B 110 15.96 19.96 -2.21
N GLU B 111 15.93 18.86 -1.48
CA GLU B 111 16.86 18.65 -0.38
C GLU B 111 18.26 18.26 -0.85
N TRP B 112 18.33 17.35 -1.80
CA TRP B 112 19.61 16.89 -2.31
C TRP B 112 20.46 18.05 -2.85
N ILE B 113 19.87 18.88 -3.71
CA ILE B 113 20.63 19.94 -4.35
C ILE B 113 21.15 20.95 -3.32
N HIS B 114 20.34 21.23 -2.31
CA HIS B 114 20.71 22.15 -1.24
C HIS B 114 21.80 21.51 -0.41
N LEU B 115 21.72 20.21 -0.21
CA LEU B 115 22.70 19.51 0.61
C LEU B 115 24.05 19.59 -0.05
N ASP B 116 24.09 19.36 -1.36
CA ASP B 116 25.32 19.51 -2.11
C ASP B 116 25.90 20.90 -1.86
N LEU B 117 25.07 21.93 -2.03
CA LEU B 117 25.52 23.30 -1.85
C LEU B 117 26.13 23.55 -0.48
N TRP B 118 25.43 23.10 0.55
CA TRP B 118 25.89 23.30 1.91
C TRP B 118 27.09 22.39 2.25
N ARG B 119 26.98 21.08 2.01
CA ARG B 119 28.07 20.17 2.38
C ARG B 119 29.31 20.33 1.49
N ARG B 120 29.14 20.58 0.18
CA ARG B 120 30.29 20.63 -0.75
C ARG B 120 30.87 22.02 -1.01
N PHE B 121 30.02 23.02 -1.14
CA PHE B 121 30.51 24.34 -1.50
C PHE B 121 30.43 25.24 -0.28
N ASN B 122 29.77 24.73 0.76
CA ASN B 122 29.59 25.48 1.99
C ASN B 122 28.84 26.78 1.77
N ILE B 123 27.94 26.77 0.79
CA ILE B 123 27.10 27.94 0.53
C ILE B 123 25.75 27.65 1.14
N LYS B 124 25.53 28.14 2.36
CA LYS B 124 24.30 27.85 3.10
C LYS B 124 23.13 28.72 2.70
N LYS B 125 23.04 29.16 1.46
CA LYS B 125 21.93 30.02 1.10
C LYS B 125 20.77 29.11 0.69
N VAL B 126 19.55 29.66 0.61
CA VAL B 126 18.39 28.92 0.11
C VAL B 126 18.17 29.34 -1.33
N ILE B 127 17.88 28.41 -2.21
CA ILE B 127 17.76 28.71 -3.64
C ILE B 127 16.45 29.33 -4.08
N SER B 128 16.55 30.41 -4.84
CA SER B 128 15.38 31.08 -5.41
C SER B 128 15.88 32.18 -6.35
N GLU B 129 14.95 32.89 -7.00
CA GLU B 129 15.31 34.00 -7.88
C GLU B 129 16.29 34.93 -7.18
N GLU B 130 15.94 35.27 -5.94
CA GLU B 130 16.72 36.19 -5.12
C GLU B 130 18.16 35.76 -4.94
N THR B 131 18.37 34.46 -4.95
CA THR B 131 19.63 33.89 -4.57
C THR B 131 20.38 33.32 -5.77
N ALA B 132 19.66 33.15 -6.86
CA ALA B 132 20.18 32.51 -8.05
C ALA B 132 21.56 32.98 -8.50
N GLU B 133 21.72 34.28 -8.60
CA GLU B 133 22.93 34.85 -9.18
C GLU B 133 24.15 34.77 -8.25
N GLU B 134 23.91 35.07 -6.98
CA GLU B 134 24.93 34.94 -5.95
C GLU B 134 25.41 33.50 -5.82
N ILE B 135 24.51 32.55 -6.00
CA ILE B 135 24.91 31.15 -5.89
C ILE B 135 25.73 30.76 -7.11
N TRP B 136 25.26 31.16 -8.29
CA TRP B 136 25.98 30.85 -9.53
C TRP B 136 27.41 31.36 -9.49
N GLU B 137 27.61 32.52 -8.89
CA GLU B 137 28.92 33.12 -8.92
C GLU B 137 29.82 32.50 -7.87
N GLU B 138 29.22 32.19 -6.72
CA GLU B 138 29.97 31.59 -5.64
C GLU B 138 30.43 30.20 -6.07
N THR B 139 29.57 29.45 -6.77
CA THR B 139 29.94 28.11 -7.20
C THR B 139 30.96 28.13 -8.33
N LYS B 140 30.92 29.16 -9.17
CA LYS B 140 31.86 29.23 -10.28
C LYS B 140 33.30 29.35 -9.79
N LYS B 141 33.50 30.15 -8.75
CA LYS B 141 34.82 30.36 -8.21
C LYS B 141 35.34 29.09 -7.52
N LYS B 142 34.42 28.33 -6.93
CA LYS B 142 34.79 27.14 -6.18
C LYS B 142 34.89 25.86 -7.02
N LEU B 143 34.27 25.85 -8.19
CA LEU B 143 34.15 24.61 -9.00
C LEU B 143 35.45 23.96 -9.49
N PRO B 144 36.40 24.83 -9.78
CA PRO B 144 37.73 24.50 -10.29
C PRO B 144 38.53 23.57 -9.38
N GLU B 145 38.61 23.92 -8.11
CA GLU B 145 39.35 23.12 -7.15
C GLU B 145 38.65 21.79 -6.98
N MET B 146 37.46 21.72 -7.54
CA MET B 146 36.71 20.50 -7.39
C MET B 146 36.91 19.54 -8.52
N THR B 147 37.43 18.37 -8.18
CA THR B 147 37.41 17.34 -9.18
C THR B 147 36.86 16.05 -8.63
N PRO B 148 36.31 15.29 -9.56
CA PRO B 148 35.83 13.95 -9.31
C PRO B 148 36.66 13.23 -8.26
N GLN B 149 37.94 13.00 -8.56
CA GLN B 149 38.83 12.28 -7.66
C GLN B 149 38.99 13.01 -6.34
N LYS B 150 39.03 14.33 -6.38
CA LYS B 150 39.11 15.08 -5.15
C LYS B 150 37.81 14.86 -4.40
N LEU B 151 36.70 14.83 -5.15
CA LEU B 151 35.39 14.68 -4.54
C LEU B 151 35.22 13.28 -4.05
N LEU B 152 35.72 12.32 -4.81
CA LEU B 152 35.62 10.94 -4.36
C LEU B 152 36.36 10.81 -3.04
N ARG B 153 37.53 11.43 -2.95
CA ARG B 153 38.31 11.35 -1.72
C ARG B 153 37.66 12.13 -0.57
N ASP B 154 37.08 13.28 -0.89
CA ASP B 154 36.43 14.09 0.14
C ASP B 154 35.22 13.40 0.72
N MET B 155 34.40 12.79 -0.14
CA MET B 155 33.17 12.14 0.28
C MET B 155 33.39 10.74 0.84
N LYS B 156 34.65 10.37 1.06
CA LYS B 156 35.02 9.05 1.54
C LYS B 156 34.36 7.89 0.80
N VAL B 157 34.40 7.89 -0.53
CA VAL B 157 33.89 6.75 -1.29
C VAL B 157 34.97 5.69 -1.43
N GLU B 158 34.70 4.53 -0.86
CA GLU B 158 35.64 3.42 -0.91
C GLU B 158 35.40 2.56 -2.16
N ILE B 159 34.14 2.25 -2.47
CA ILE B 159 33.84 1.45 -3.66
C ILE B 159 32.59 1.89 -4.41
N LEU B 160 32.70 1.89 -5.74
CA LEU B 160 31.62 2.21 -6.66
C LEU B 160 31.39 1.09 -7.62
N CYS B 161 30.16 0.95 -8.09
CA CYS B 161 29.92 0.06 -9.19
C CYS B 161 29.05 0.79 -10.19
N THR B 162 29.53 0.88 -11.42
CA THR B 162 28.78 1.51 -12.50
C THR B 162 27.93 0.43 -13.16
N THR B 163 27.13 0.83 -14.15
CA THR B 163 26.29 -0.11 -14.87
C THR B 163 26.81 -0.14 -16.27
N ASP B 164 27.14 -1.31 -16.76
CA ASP B 164 27.77 -1.41 -18.07
C ASP B 164 27.17 -2.46 -18.94
N ASP B 165 27.28 -2.22 -20.23
CA ASP B 165 26.77 -3.12 -21.21
C ASP B 165 27.78 -4.20 -21.50
N PRO B 166 27.27 -5.42 -21.58
CA PRO B 166 28.06 -6.57 -22.01
C PRO B 166 29.02 -6.28 -23.16
N VAL B 167 28.63 -5.46 -24.13
CA VAL B 167 29.51 -5.17 -25.26
C VAL B 167 30.71 -4.32 -24.90
N SER B 168 30.60 -3.57 -23.82
CA SER B 168 31.67 -2.66 -23.40
C SER B 168 33.05 -3.32 -23.26
N THR B 169 34.09 -2.56 -23.58
CA THR B 169 35.45 -3.07 -23.43
C THR B 169 36.03 -2.79 -22.04
N LEU B 170 35.30 -2.04 -21.21
CA LEU B 170 35.74 -1.72 -19.86
C LEU B 170 37.11 -1.04 -19.83
N GLU B 171 37.41 -0.20 -20.82
CA GLU B 171 38.72 0.44 -20.94
C GLU B 171 39.04 1.37 -19.78
N HIS B 172 38.12 2.27 -19.46
CA HIS B 172 38.29 3.26 -18.42
C HIS B 172 38.31 2.65 -17.04
N HIS B 173 37.61 1.55 -16.89
CA HIS B 173 37.62 0.86 -15.62
C HIS B 173 39.07 0.44 -15.41
N ARG B 174 39.69 -0.09 -16.48
CA ARG B 174 41.10 -0.51 -16.46
C ARG B 174 41.98 0.63 -16.00
N LYS B 175 41.82 1.77 -16.66
CA LYS B 175 42.61 2.94 -16.33
C LYS B 175 42.33 3.42 -14.91
N ALA B 176 41.10 3.24 -14.44
CA ALA B 176 40.74 3.71 -13.10
C ALA B 176 41.39 2.84 -12.06
N LYS B 177 41.40 1.53 -12.31
CA LYS B 177 42.02 0.62 -11.36
C LYS B 177 43.48 1.00 -11.26
N GLU B 178 44.08 1.30 -12.40
CA GLU B 178 45.50 1.67 -12.42
C GLU B 178 45.79 2.95 -11.64
N ALA B 179 45.19 4.05 -12.08
CA ALA B 179 45.57 5.37 -11.58
C ALA B 179 44.70 5.98 -10.48
N VAL B 180 43.44 5.55 -10.35
CA VAL B 180 42.59 6.16 -9.34
C VAL B 180 43.00 5.64 -7.97
N GLU B 181 43.25 6.61 -7.08
CA GLU B 181 43.76 6.39 -5.75
C GLU B 181 43.05 5.46 -4.75
N GLY B 182 42.08 5.96 -4.03
CA GLY B 182 41.47 5.23 -2.93
C GLY B 182 40.06 4.76 -3.20
N VAL B 183 39.71 4.64 -4.47
CA VAL B 183 38.39 4.19 -4.82
C VAL B 183 38.50 2.94 -5.65
N THR B 184 37.53 2.05 -5.50
CA THR B 184 37.46 0.89 -6.35
C THR B 184 36.24 1.13 -7.21
N ILE B 185 36.43 1.08 -8.52
CA ILE B 185 35.36 1.36 -9.45
C ILE B 185 35.11 0.11 -10.25
N LEU B 186 34.06 -0.62 -9.88
CA LEU B 186 33.72 -1.85 -10.56
C LEU B 186 32.60 -1.67 -11.54
N PRO B 187 32.63 -2.49 -12.59
CA PRO B 187 31.60 -2.47 -13.59
C PRO B 187 30.51 -3.42 -13.14
N THR B 188 29.31 -3.27 -13.66
CA THR B 188 28.26 -4.19 -13.32
C THR B 188 27.69 -4.68 -14.63
N TRP B 189 27.45 -5.98 -14.70
CA TRP B 189 26.98 -6.61 -15.91
C TRP B 189 25.46 -6.45 -16.13
N ARG B 190 25.06 -5.48 -16.94
CA ARG B 190 23.65 -5.36 -17.34
C ARG B 190 23.35 -5.84 -18.76
N PRO B 191 22.82 -7.04 -18.90
CA PRO B 191 22.45 -7.59 -20.20
C PRO B 191 20.99 -7.38 -20.62
N ASP B 192 20.41 -6.20 -20.40
CA ASP B 192 19.02 -6.01 -20.76
C ASP B 192 18.80 -5.97 -22.26
N ARG B 193 19.65 -5.26 -22.98
CA ARG B 193 19.51 -5.22 -24.44
C ARG B 193 19.51 -6.63 -25.01
N ALA B 194 20.45 -7.45 -24.55
CA ALA B 194 20.55 -8.81 -25.04
C ALA B 194 19.23 -9.52 -24.86
N MET B 195 18.62 -9.28 -23.71
CA MET B 195 17.38 -9.95 -23.34
C MET B 195 16.19 -9.45 -24.13
N ASN B 196 16.14 -8.14 -24.39
CA ASN B 196 14.98 -7.54 -25.03
C ASN B 196 14.86 -7.73 -26.54
N VAL B 197 14.31 -8.88 -26.93
CA VAL B 197 14.09 -9.19 -28.34
C VAL B 197 12.96 -8.34 -28.96
N ASP B 198 12.21 -7.62 -28.13
CA ASP B 198 11.15 -6.74 -28.63
C ASP B 198 11.69 -5.39 -29.09
N LYS B 199 12.90 -5.08 -28.66
CA LYS B 199 13.46 -3.77 -28.95
C LYS B 199 13.89 -3.71 -30.40
N GLU B 200 13.63 -2.55 -31.04
CA GLU B 200 14.14 -2.37 -32.39
C GLU B 200 15.64 -2.28 -32.04
N GLY B 201 16.58 -2.84 -32.77
CA GLY B 201 17.96 -2.69 -32.39
C GLY B 201 18.54 -3.97 -31.88
N TRP B 202 17.69 -4.85 -31.35
CA TRP B 202 18.16 -6.10 -30.81
C TRP B 202 19.13 -6.78 -31.76
N ARG B 203 18.77 -6.89 -33.03
CA ARG B 203 19.61 -7.55 -34.02
C ARG B 203 20.98 -6.89 -34.18
N GLU B 204 20.97 -5.58 -34.42
CA GLU B 204 22.22 -4.84 -34.51
C GLU B 204 23.05 -5.19 -33.29
N TYR B 205 22.40 -5.28 -32.13
CA TYR B 205 23.09 -5.57 -30.90
C TYR B 205 23.63 -6.98 -30.94
N VAL B 206 22.79 -7.93 -31.31
CA VAL B 206 23.23 -9.31 -31.32
C VAL B 206 24.39 -9.42 -32.31
N GLU B 207 24.34 -8.62 -33.38
CA GLU B 207 25.41 -8.61 -34.38
C GLU B 207 26.71 -8.02 -33.80
N LYS B 208 26.59 -6.94 -33.03
CA LYS B 208 27.77 -6.32 -32.42
C LYS B 208 28.45 -7.27 -31.43
N MET B 209 27.65 -8.06 -30.74
CA MET B 209 28.15 -8.90 -29.69
C MET B 209 29.03 -9.99 -30.25
N GLY B 210 28.62 -10.56 -31.37
CA GLY B 210 29.41 -11.60 -32.00
C GLY B 210 30.68 -11.00 -32.54
N GLU B 211 30.58 -9.76 -33.01
CA GLU B 211 31.72 -9.07 -33.56
C GLU B 211 32.77 -8.95 -32.48
N ARG B 212 32.41 -8.29 -31.39
CA ARG B 212 33.36 -8.06 -30.30
C ARG B 212 33.85 -9.36 -29.65
N TYR B 213 33.03 -10.40 -29.66
CA TYR B 213 33.42 -11.64 -29.00
C TYR B 213 33.79 -12.80 -29.93
N GLY B 214 33.57 -12.62 -31.23
CA GLY B 214 34.00 -13.61 -32.20
C GLY B 214 33.12 -14.85 -32.14
N GLU B 215 31.87 -14.70 -32.57
CA GLU B 215 30.89 -15.75 -32.48
C GLU B 215 29.78 -15.54 -33.50
N ASP B 216 29.23 -16.63 -34.00
CA ASP B 216 28.10 -16.58 -34.88
C ASP B 216 26.88 -16.30 -34.02
N THR B 217 26.57 -15.02 -33.85
CA THR B 217 25.50 -14.62 -32.95
C THR B 217 24.09 -14.79 -33.52
N SER B 218 23.99 -15.10 -34.80
CA SER B 218 22.69 -15.35 -35.36
C SER B 218 22.24 -16.72 -34.86
N THR B 219 23.05 -17.34 -34.00
CA THR B 219 22.68 -18.58 -33.32
C THR B 219 22.70 -18.38 -31.82
N LEU B 220 21.73 -18.98 -31.15
CA LEU B 220 21.60 -18.88 -29.71
C LEU B 220 22.91 -19.31 -29.02
N ASP B 221 23.42 -20.49 -29.36
CA ASP B 221 24.66 -20.96 -28.74
C ASP B 221 25.78 -19.97 -28.91
N GLY B 222 25.84 -19.36 -30.09
CA GLY B 222 26.92 -18.44 -30.40
C GLY B 222 26.74 -17.16 -29.63
N PHE B 223 25.48 -16.80 -29.42
CA PHE B 223 25.14 -15.62 -28.67
C PHE B 223 25.39 -15.89 -27.20
N LEU B 224 25.05 -17.09 -26.75
CA LEU B 224 25.31 -17.46 -25.37
C LEU B 224 26.83 -17.50 -25.20
N ASN B 225 27.51 -18.20 -26.09
CA ASN B 225 28.97 -18.20 -26.05
C ASN B 225 29.49 -16.77 -25.98
N ALA B 226 28.86 -15.86 -26.72
CA ALA B 226 29.32 -14.49 -26.69
C ALA B 226 29.00 -13.82 -25.34
N LEU B 227 27.86 -14.16 -24.75
CA LEU B 227 27.47 -13.55 -23.47
C LEU B 227 28.37 -14.04 -22.33
N TRP B 228 28.77 -15.30 -22.41
CA TRP B 228 29.65 -15.89 -21.42
C TRP B 228 31.04 -15.27 -21.49
N LYS B 229 31.52 -15.00 -22.69
CA LYS B 229 32.83 -14.39 -22.84
C LYS B 229 32.77 -12.99 -22.30
N SER B 230 31.65 -12.32 -22.54
CA SER B 230 31.37 -10.99 -22.00
C SER B 230 31.42 -11.03 -20.48
N HIS B 231 30.85 -12.09 -19.92
CA HIS B 231 30.77 -12.28 -18.49
C HIS B 231 32.16 -12.52 -17.92
N GLU B 232 32.95 -13.32 -18.63
CA GLU B 232 34.33 -13.59 -18.20
C GLU B 232 35.13 -12.31 -18.34
N HIS B 233 34.85 -11.57 -19.39
CA HIS B 233 35.50 -10.29 -19.63
C HIS B 233 35.28 -9.41 -18.40
N PHE B 234 34.04 -9.40 -17.91
CA PHE B 234 33.68 -8.60 -16.74
C PHE B 234 34.30 -9.15 -15.46
N LYS B 235 34.32 -10.48 -15.32
CA LYS B 235 34.96 -11.11 -14.17
C LYS B 235 36.37 -10.58 -14.01
N GLU B 236 37.10 -10.51 -15.13
CA GLU B 236 38.50 -10.09 -15.12
C GLU B 236 38.71 -8.62 -14.76
N HIS B 237 37.63 -7.85 -14.63
CA HIS B 237 37.74 -6.45 -14.23
C HIS B 237 37.12 -6.28 -12.83
N GLY B 238 37.11 -7.36 -12.07
CA GLY B 238 36.62 -7.37 -10.71
C GLY B 238 35.13 -7.17 -10.54
N CYS B 239 34.37 -7.52 -11.56
CA CYS B 239 32.92 -7.33 -11.51
C CYS B 239 32.30 -8.40 -10.64
N VAL B 240 31.30 -8.04 -9.84
CA VAL B 240 30.65 -9.00 -8.96
C VAL B 240 29.14 -8.90 -8.97
N ALA B 241 28.54 -8.59 -10.12
CA ALA B 241 27.09 -8.42 -10.11
C ALA B 241 26.48 -8.19 -11.47
N SER B 242 25.22 -8.60 -11.58
CA SER B 242 24.44 -8.42 -12.77
C SER B 242 23.20 -7.67 -12.36
N ASP B 243 22.81 -6.68 -13.16
CA ASP B 243 21.60 -5.94 -12.88
C ASP B 243 20.61 -6.28 -13.97
N HIS B 244 19.35 -6.47 -13.61
CA HIS B 244 18.33 -6.83 -14.59
C HIS B 244 17.07 -6.02 -14.37
N ALA B 245 16.56 -5.43 -15.45
CA ALA B 245 15.35 -4.63 -15.39
C ALA B 245 14.21 -5.41 -16.00
N LEU B 246 13.17 -5.64 -15.19
CA LEU B 246 12.03 -6.42 -15.65
C LEU B 246 10.74 -5.80 -15.17
N LEU B 247 9.75 -5.77 -16.05
CA LEU B 247 8.46 -5.21 -15.70
C LEU B 247 7.65 -6.26 -14.96
N GLU B 248 7.39 -7.36 -15.64
CA GLU B 248 6.65 -8.49 -15.07
C GLU B 248 7.55 -9.71 -15.13
N PRO B 249 8.30 -9.96 -14.07
CA PRO B 249 9.18 -11.12 -14.06
C PRO B 249 8.35 -12.33 -14.45
N SER B 250 8.67 -12.93 -15.58
CA SER B 250 7.97 -14.12 -16.01
C SER B 250 9.04 -15.13 -16.36
N VAL B 251 9.44 -15.90 -15.37
CA VAL B 251 10.45 -16.93 -15.54
C VAL B 251 9.79 -18.30 -15.34
N TYR B 252 9.82 -19.13 -16.38
CA TYR B 252 9.29 -20.49 -16.34
C TYR B 252 10.28 -21.36 -17.13
N TYR B 253 9.98 -22.63 -17.40
CA TYR B 253 11.01 -23.47 -18.08
C TYR B 253 10.99 -23.38 -19.61
N VAL B 254 12.14 -23.04 -20.19
CA VAL B 254 12.23 -22.83 -21.65
C VAL B 254 13.32 -23.55 -22.44
N ASP B 255 12.93 -24.69 -22.95
CA ASP B 255 13.60 -25.51 -23.92
C ASP B 255 14.59 -24.81 -24.85
N GLU B 256 15.74 -25.43 -25.13
CA GLU B 256 16.75 -24.73 -25.92
C GLU B 256 16.35 -24.65 -27.39
N ASN B 257 15.71 -25.70 -27.89
CA ASN B 257 15.27 -25.72 -29.28
C ASN B 257 14.19 -24.67 -29.53
N ARG B 258 13.32 -24.45 -28.56
CA ARG B 258 12.31 -23.40 -28.68
C ARG B 258 13.04 -22.07 -28.59
N ALA B 259 13.98 -21.99 -27.67
CA ALA B 259 14.77 -20.79 -27.48
C ALA B 259 15.54 -20.55 -28.76
N ARG B 260 16.05 -21.62 -29.33
CA ARG B 260 16.84 -21.52 -30.56
C ARG B 260 15.96 -21.07 -31.70
N ALA B 261 14.75 -21.61 -31.76
CA ALA B 261 13.82 -21.25 -32.82
C ALA B 261 13.49 -19.77 -32.74
N VAL B 262 13.14 -19.30 -31.55
CA VAL B 262 12.73 -17.90 -31.37
C VAL B 262 13.87 -16.97 -31.73
N HIS B 263 15.08 -17.34 -31.32
CA HIS B 263 16.25 -16.52 -31.53
C HIS B 263 16.52 -16.32 -33.02
N GLU B 264 16.33 -17.38 -33.80
CA GLU B 264 16.50 -17.34 -35.24
C GLU B 264 15.38 -16.58 -35.91
N LYS B 265 14.15 -16.75 -35.41
CA LYS B 265 13.03 -15.99 -35.93
C LYS B 265 13.36 -14.52 -35.76
N ALA B 266 13.94 -14.17 -34.61
CA ALA B 266 14.22 -12.78 -34.28
C ALA B 266 15.19 -12.13 -35.26
N PHE B 267 16.05 -12.93 -35.88
CA PHE B 267 16.99 -12.38 -36.84
C PHE B 267 16.36 -12.06 -38.18
N SER B 268 15.07 -12.33 -38.31
CA SER B 268 14.37 -12.12 -39.55
C SER B 268 13.05 -11.41 -39.20
N GLY B 269 13.09 -10.07 -39.20
CA GLY B 269 11.99 -9.22 -38.79
C GLY B 269 10.63 -9.80 -38.45
N GLU B 270 10.58 -11.00 -37.89
CA GLU B 270 9.31 -11.60 -37.50
C GLU B 270 8.72 -10.90 -36.29
N LYS B 271 7.48 -10.45 -36.41
CA LYS B 271 6.79 -9.93 -35.24
C LYS B 271 6.59 -11.19 -34.43
N LEU B 272 7.37 -11.36 -33.36
CA LEU B 272 7.27 -12.56 -32.55
C LEU B 272 6.03 -12.46 -31.68
N THR B 273 5.44 -13.60 -31.36
CA THR B 273 4.30 -13.63 -30.46
C THR B 273 4.75 -13.31 -29.05
N GLN B 274 3.81 -12.92 -28.20
CA GLN B 274 4.11 -12.64 -26.81
C GLN B 274 4.74 -13.86 -26.15
N ASP B 275 4.25 -15.05 -26.50
CA ASP B 275 4.79 -16.28 -25.93
C ASP B 275 6.25 -16.45 -26.33
N GLU B 276 6.55 -16.12 -27.59
CA GLU B 276 7.90 -16.22 -28.12
C GLU B 276 8.84 -15.26 -27.37
N ILE B 277 8.42 -14.01 -27.22
CA ILE B 277 9.19 -13.04 -26.46
C ILE B 277 9.37 -13.51 -25.03
N ASN B 278 8.26 -13.88 -24.40
CA ASN B 278 8.29 -14.34 -23.02
C ASN B 278 9.19 -15.57 -22.85
N ASP B 279 9.01 -16.57 -23.71
CA ASP B 279 9.83 -17.76 -23.66
C ASP B 279 11.30 -17.39 -23.78
N TYR B 280 11.58 -16.47 -24.67
CA TYR B 280 12.94 -16.07 -24.94
C TYR B 280 13.55 -15.44 -23.72
N LYS B 281 12.75 -14.62 -23.05
CA LYS B 281 13.20 -13.90 -21.87
C LYS B 281 13.37 -14.81 -20.67
N ALA B 282 12.43 -15.74 -20.49
CA ALA B 282 12.48 -16.67 -19.37
C ALA B 282 13.77 -17.44 -19.49
N PHE B 283 14.08 -17.79 -20.73
CA PHE B 283 15.23 -18.60 -21.01
C PHE B 283 16.53 -17.87 -20.74
N MET B 284 16.63 -16.66 -21.26
CA MET B 284 17.81 -15.82 -21.06
C MET B 284 18.08 -15.52 -19.59
N MET B 285 17.03 -15.36 -18.80
CA MET B 285 17.19 -15.09 -17.37
C MET B 285 17.81 -16.30 -16.68
N VAL B 286 17.31 -17.50 -16.98
CA VAL B 286 17.83 -18.70 -16.35
C VAL B 286 19.31 -18.81 -16.72
N GLN B 287 19.65 -18.38 -17.93
CA GLN B 287 21.04 -18.48 -18.34
C GLN B 287 21.94 -17.44 -17.70
N PHE B 288 21.38 -16.29 -17.38
CA PHE B 288 22.15 -15.31 -16.64
C PHE B 288 22.38 -15.84 -15.23
N GLY B 289 21.42 -16.62 -14.74
CA GLY B 289 21.53 -17.17 -13.40
C GLY B 289 22.63 -18.21 -13.37
N LYS B 290 22.63 -19.08 -14.37
CA LYS B 290 23.67 -20.11 -14.49
C LYS B 290 25.03 -19.42 -14.56
N MET B 291 25.17 -18.46 -15.46
CA MET B 291 26.45 -17.75 -15.58
C MET B 291 26.91 -17.20 -14.27
N ASN B 292 25.96 -16.66 -13.50
CA ASN B 292 26.30 -15.98 -12.25
C ASN B 292 26.57 -16.96 -11.13
N GLN B 293 26.06 -18.16 -11.26
CA GLN B 293 26.33 -19.17 -10.25
C GLN B 293 27.80 -19.49 -10.32
N GLU B 294 28.30 -19.62 -11.54
CA GLU B 294 29.68 -20.03 -11.77
C GLU B 294 30.68 -19.02 -11.25
N THR B 295 30.24 -17.78 -11.12
CA THR B 295 31.10 -16.73 -10.61
C THR B 295 30.70 -16.20 -9.24
N ASN B 296 29.59 -16.68 -8.69
CA ASN B 296 29.11 -16.20 -7.42
C ASN B 296 28.91 -14.70 -7.46
N TRP B 297 28.13 -14.26 -8.45
CA TRP B 297 27.82 -12.86 -8.61
C TRP B 297 26.49 -12.57 -7.95
N VAL B 298 26.33 -11.36 -7.44
CA VAL B 298 25.05 -10.97 -6.88
C VAL B 298 24.19 -10.64 -8.09
N THR B 299 22.98 -11.19 -8.12
CA THR B 299 22.03 -10.95 -9.20
C THR B 299 20.98 -9.96 -8.73
N GLN B 300 21.06 -8.73 -9.22
CA GLN B 300 20.08 -7.72 -8.87
C GLN B 300 18.93 -7.74 -9.85
N LEU B 301 17.69 -7.73 -9.35
CA LEU B 301 16.50 -7.65 -10.17
C LEU B 301 15.70 -6.42 -9.81
N HIS B 302 15.58 -5.49 -10.76
CA HIS B 302 14.80 -4.28 -10.55
C HIS B 302 13.46 -4.45 -11.21
N ILE B 303 12.46 -4.80 -10.43
CA ILE B 303 11.14 -5.06 -10.99
C ILE B 303 10.21 -3.84 -11.04
N GLY B 304 9.48 -3.72 -12.15
CA GLY B 304 8.31 -2.85 -12.23
C GLY B 304 8.34 -1.50 -12.89
N ALA B 305 9.37 -1.20 -13.67
CA ALA B 305 9.42 0.09 -14.36
C ALA B 305 8.76 -0.02 -15.71
N LEU B 306 7.65 0.69 -15.91
CA LEU B 306 7.03 0.77 -17.22
C LEU B 306 7.81 1.91 -17.88
N ARG B 307 8.42 1.66 -19.02
CA ARG B 307 9.30 2.68 -19.54
C ARG B 307 8.80 3.25 -20.85
N ASP B 308 9.15 4.50 -21.07
CA ASP B 308 8.78 5.17 -22.31
C ASP B 308 7.27 5.18 -22.43
N TYR B 309 6.61 5.39 -21.30
CA TYR B 309 5.16 5.48 -21.26
C TYR B 309 4.74 6.68 -22.05
N ARG B 310 5.43 7.77 -21.82
CA ARG B 310 5.13 9.00 -22.52
C ARG B 310 5.78 9.12 -23.91
N ASP B 311 4.97 8.91 -24.93
CA ASP B 311 5.43 8.88 -26.33
C ASP B 311 6.25 10.07 -26.78
N SER B 312 5.75 11.26 -26.51
CA SER B 312 6.39 12.46 -27.03
C SER B 312 7.81 12.57 -26.54
N LEU B 313 8.03 12.05 -25.35
CA LEU B 313 9.33 12.12 -24.73
C LEU B 313 10.22 11.10 -25.40
N PHE B 314 9.63 9.99 -25.80
CA PHE B 314 10.41 8.93 -26.40
C PHE B 314 10.89 9.38 -27.76
N LYS B 315 9.94 9.79 -28.60
CA LYS B 315 10.23 10.21 -29.95
C LYS B 315 11.21 11.38 -29.99
N THR B 316 11.23 12.16 -28.92
CA THR B 316 12.04 13.38 -28.91
C THR B 316 13.39 13.19 -28.24
N LEU B 317 13.39 12.72 -26.99
CA LEU B 317 14.65 12.51 -26.28
C LEU B 317 14.99 11.03 -26.16
N GLY B 318 13.99 10.17 -26.29
CA GLY B 318 14.19 8.75 -26.13
C GLY B 318 14.20 8.35 -24.66
N PRO B 319 14.80 7.21 -24.37
CA PRO B 319 14.84 6.64 -23.02
C PRO B 319 15.44 7.50 -21.92
N ASP B 320 15.04 7.17 -20.70
CA ASP B 320 15.54 7.84 -19.51
C ASP B 320 15.45 9.34 -19.61
N SER B 321 14.38 9.84 -20.18
CA SER B 321 14.27 11.27 -20.41
C SER B 321 13.11 11.89 -19.62
N GLY B 322 12.50 11.10 -18.74
CA GLY B 322 11.45 11.61 -17.86
C GLY B 322 10.05 11.04 -18.03
N GLY B 323 9.91 9.94 -18.78
CA GLY B 323 8.60 9.38 -19.03
C GLY B 323 8.37 7.94 -18.64
N ASP B 324 9.01 7.49 -17.57
CA ASP B 324 8.79 6.15 -17.08
C ASP B 324 7.98 6.23 -15.82
N ILE B 325 7.06 5.29 -15.66
CA ILE B 325 6.19 5.29 -14.51
C ILE B 325 6.19 3.91 -13.89
N SER B 326 5.55 3.78 -12.74
CA SER B 326 5.38 2.49 -12.11
C SER B 326 3.92 2.08 -12.32
N THR B 327 3.64 0.79 -12.17
CA THR B 327 2.28 0.28 -12.29
C THR B 327 2.10 -0.77 -11.21
N ASN B 328 0.92 -0.81 -10.61
CA ASN B 328 0.64 -1.74 -9.53
C ASN B 328 0.15 -3.09 -10.00
N PHE B 329 -0.05 -3.22 -11.31
CA PHE B 329 -0.70 -4.39 -11.84
C PHE B 329 0.36 -5.35 -12.40
N LEU B 330 0.99 -6.11 -11.49
CA LEU B 330 2.11 -6.99 -11.80
C LEU B 330 2.11 -8.31 -11.01
N ARG B 331 2.23 -9.43 -11.72
CA ARG B 331 2.31 -10.75 -11.09
C ARG B 331 3.75 -11.04 -10.68
N ILE B 332 4.15 -10.59 -9.51
CA ILE B 332 5.53 -10.78 -9.10
C ILE B 332 5.85 -12.20 -8.66
N ALA B 333 5.17 -12.65 -7.61
CA ALA B 333 5.48 -13.91 -6.95
C ALA B 333 5.47 -15.11 -7.88
N GLU B 334 4.41 -15.27 -8.66
CA GLU B 334 4.31 -16.47 -9.48
C GLU B 334 5.31 -16.35 -10.65
N GLY B 335 5.69 -15.13 -10.98
CA GLY B 335 6.68 -14.92 -12.03
C GLY B 335 8.12 -15.15 -11.62
N LEU B 336 8.45 -15.06 -10.34
CA LEU B 336 9.82 -15.29 -9.90
C LEU B 336 9.99 -16.69 -9.41
N ARG B 337 8.87 -17.33 -9.17
CA ARG B 337 8.86 -18.61 -8.51
C ARG B 337 9.83 -19.64 -9.06
N TYR B 338 9.88 -19.76 -10.38
CA TYR B 338 10.70 -20.76 -11.00
C TYR B 338 12.15 -20.42 -10.81
N PHE B 339 12.49 -19.18 -11.12
CA PHE B 339 13.85 -18.68 -10.98
C PHE B 339 14.34 -18.93 -9.56
N LEU B 340 13.52 -18.50 -8.60
CA LEU B 340 13.93 -18.53 -7.21
C LEU B 340 14.09 -19.94 -6.65
N ASN B 341 13.23 -20.85 -7.11
CA ASN B 341 13.30 -22.22 -6.62
C ASN B 341 14.43 -22.90 -7.32
N GLU B 342 14.75 -22.36 -8.48
CA GLU B 342 15.81 -22.91 -9.28
C GLU B 342 17.21 -22.57 -8.75
N PHE B 343 17.36 -21.37 -8.20
CA PHE B 343 18.65 -20.95 -7.71
C PHE B 343 18.63 -20.81 -6.21
N ASP B 344 17.72 -21.56 -5.59
CA ASP B 344 17.55 -21.56 -4.16
C ASP B 344 18.83 -22.05 -3.49
N GLY B 345 19.51 -21.15 -2.77
CA GLY B 345 20.71 -21.51 -2.06
C GLY B 345 21.95 -21.49 -2.93
N LYS B 346 21.76 -21.22 -4.22
CA LYS B 346 22.89 -21.28 -5.15
C LYS B 346 23.35 -19.91 -5.63
N LEU B 347 22.54 -18.90 -5.40
CA LEU B 347 22.80 -17.61 -6.00
C LEU B 347 22.33 -16.50 -5.08
N LYS B 348 23.15 -15.48 -4.87
CA LYS B 348 22.70 -14.33 -4.09
C LYS B 348 21.86 -13.46 -5.00
N ILE B 349 20.61 -13.25 -4.63
CA ILE B 349 19.71 -12.41 -5.41
C ILE B 349 19.23 -11.24 -4.57
N VAL B 350 19.22 -10.06 -5.16
CA VAL B 350 18.69 -8.86 -4.51
C VAL B 350 17.48 -8.37 -5.29
N LEU B 351 16.38 -8.09 -4.60
CA LEU B 351 15.15 -7.68 -5.29
C LEU B 351 14.85 -6.21 -5.02
N TYR B 352 14.41 -5.50 -6.06
CA TYR B 352 14.01 -4.11 -5.95
C TYR B 352 12.65 -4.04 -6.57
N VAL B 353 11.85 -3.12 -6.07
CA VAL B 353 10.50 -3.00 -6.55
C VAL B 353 10.20 -1.51 -6.74
N LEU B 354 9.51 -1.13 -7.81
CA LEU B 354 9.31 0.30 -8.08
C LEU B 354 8.07 0.86 -7.40
N ASP B 355 7.09 0.00 -7.19
CA ASP B 355 5.86 0.38 -6.52
C ASP B 355 5.99 -0.12 -5.11
N PRO B 356 6.07 0.78 -4.14
CA PRO B 356 6.25 0.34 -2.75
C PRO B 356 5.17 -0.64 -2.35
N THR B 357 4.03 -0.57 -3.04
CA THR B 357 2.91 -1.47 -2.80
C THR B 357 3.28 -2.93 -2.96
N HIS B 358 4.41 -3.21 -3.61
CA HIS B 358 4.85 -4.59 -3.81
C HIS B 358 5.96 -5.03 -2.83
N LEU B 359 6.28 -4.18 -1.86
CA LEU B 359 7.31 -4.51 -0.86
C LEU B 359 6.99 -5.81 -0.14
N PRO B 360 5.76 -5.94 0.36
CA PRO B 360 5.33 -7.16 1.04
C PRO B 360 5.64 -8.44 0.29
N THR B 361 5.34 -8.46 -1.00
CA THR B 361 5.65 -9.63 -1.80
C THR B 361 7.16 -9.92 -1.72
N ILE B 362 7.99 -8.98 -2.16
CA ILE B 362 9.44 -9.22 -2.13
C ILE B 362 9.91 -9.47 -0.71
N SER B 363 9.39 -8.71 0.25
CA SER B 363 9.81 -8.88 1.65
C SER B 363 9.52 -10.31 2.16
N THR B 364 8.30 -10.83 1.93
CA THR B 364 8.02 -12.20 2.33
C THR B 364 8.84 -13.15 1.50
N ILE B 365 8.99 -12.89 0.21
CA ILE B 365 9.85 -13.71 -0.62
C ILE B 365 11.25 -13.80 0.01
N ALA B 366 11.80 -12.68 0.43
CA ALA B 366 13.14 -12.71 1.03
C ALA B 366 13.12 -13.42 2.39
N ARG B 367 11.99 -13.36 3.10
CA ARG B 367 11.93 -14.03 4.40
C ARG B 367 12.02 -15.54 4.24
N ALA B 368 11.74 -16.06 3.06
CA ALA B 368 11.68 -17.50 2.87
C ALA B 368 12.88 -18.11 2.13
N PHE B 369 13.78 -17.25 1.66
CA PHE B 369 14.97 -17.70 0.93
C PHE B 369 16.19 -16.95 1.44
N PRO B 370 17.00 -17.59 2.28
CA PRO B 370 18.23 -16.97 2.78
C PRO B 370 19.16 -16.41 1.71
N ASN B 371 19.02 -16.80 0.44
CA ASN B 371 19.87 -16.23 -0.60
C ASN B 371 19.29 -14.94 -1.20
N VAL B 372 18.13 -14.54 -0.73
CA VAL B 372 17.45 -13.39 -1.31
C VAL B 372 17.46 -12.20 -0.36
N TYR B 373 17.75 -11.03 -0.91
CA TYR B 373 17.89 -9.82 -0.12
C TYR B 373 16.98 -8.73 -0.60
N VAL B 374 16.46 -7.93 0.32
CA VAL B 374 15.64 -6.80 -0.06
C VAL B 374 16.51 -5.57 -0.26
N GLY B 375 16.49 -5.02 -1.47
CA GLY B 375 17.19 -3.79 -1.78
C GLY B 375 16.65 -2.55 -1.08
N ALA B 376 17.38 -1.45 -1.22
CA ALA B 376 16.99 -0.18 -0.65
C ALA B 376 15.84 0.40 -1.46
N PRO B 377 15.15 1.38 -0.91
CA PRO B 377 14.03 2.01 -1.62
C PRO B 377 14.59 2.55 -2.92
N TRP B 378 13.90 2.23 -4.01
CA TRP B 378 14.53 2.31 -5.31
C TRP B 378 14.55 3.63 -6.05
N TRP B 379 13.44 4.06 -6.60
CA TRP B 379 13.59 5.15 -7.54
C TRP B 379 12.74 6.34 -7.12
N PHE B 380 11.46 6.33 -7.46
CA PHE B 380 10.54 7.31 -6.89
C PHE B 380 10.46 7.15 -5.37
N ASN B 381 10.95 6.00 -4.90
CA ASN B 381 10.87 5.67 -3.48
C ASN B 381 12.08 6.15 -2.61
N ASP B 382 13.19 6.61 -3.21
CA ASP B 382 14.28 7.12 -2.35
C ASP B 382 14.03 8.59 -2.02
N SER B 383 13.46 8.76 -0.84
CA SER B 383 12.96 10.00 -0.33
C SER B 383 12.80 9.71 1.14
N PRO B 384 13.04 10.68 2.01
CA PRO B 384 12.89 10.42 3.44
C PRO B 384 11.62 9.64 3.74
N PHE B 385 10.56 9.93 3.00
CA PHE B 385 9.29 9.28 3.24
C PHE B 385 9.35 7.82 2.85
N GLY B 386 9.84 7.57 1.65
CA GLY B 386 9.96 6.22 1.15
C GLY B 386 10.91 5.41 1.99
N MET B 387 12.03 5.99 2.40
CA MET B 387 12.99 5.27 3.23
C MET B 387 12.36 4.94 4.58
N GLU B 388 11.58 5.87 5.14
CA GLU B 388 11.01 5.61 6.45
C GLU B 388 10.07 4.42 6.32
N MET B 389 9.25 4.40 5.28
CA MET B 389 8.26 3.36 5.14
C MET B 389 8.92 2.04 4.80
N HIS B 390 9.76 2.07 3.77
CA HIS B 390 10.45 0.89 3.30
C HIS B 390 11.14 0.18 4.49
N LEU B 391 11.87 0.93 5.31
CA LEU B 391 12.63 0.38 6.42
C LEU B 391 11.80 -0.09 7.60
N LYS B 392 10.94 0.76 8.13
CA LYS B 392 10.09 0.37 9.24
C LYS B 392 9.39 -0.90 8.80
N TYR B 393 8.78 -0.84 7.62
CA TYR B 393 8.06 -1.98 7.13
C TYR B 393 8.92 -3.23 7.06
N LEU B 394 10.06 -3.11 6.38
CA LEU B 394 10.93 -4.25 6.14
C LEU B 394 11.44 -4.83 7.44
N ALA B 395 11.66 -3.96 8.41
CA ALA B 395 12.12 -4.37 9.71
C ALA B 395 11.12 -5.29 10.44
N SER B 396 9.84 -5.13 10.14
CA SER B 396 8.82 -5.88 10.87
C SER B 396 8.47 -7.20 10.20
N VAL B 397 9.06 -7.47 9.05
CA VAL B 397 8.73 -8.69 8.31
C VAL B 397 9.92 -9.61 8.03
N ASP B 398 11.07 -9.02 7.74
CA ASP B 398 12.28 -9.82 7.62
C ASP B 398 13.22 -9.15 8.60
N LEU B 399 14.51 -9.05 8.28
CA LEU B 399 15.46 -8.40 9.17
C LEU B 399 16.07 -7.15 8.56
N LEU B 400 15.90 -6.06 9.24
CA LEU B 400 16.49 -4.83 8.78
C LEU B 400 17.98 -5.10 8.52
N TYR B 401 18.53 -5.94 9.39
CA TYR B 401 19.97 -6.23 9.43
C TYR B 401 20.52 -6.80 8.13
N ASN B 402 19.69 -7.45 7.33
CA ASN B 402 20.14 -7.97 6.05
C ASN B 402 19.79 -7.08 4.89
N LEU B 403 19.48 -5.82 5.14
CA LEU B 403 19.15 -4.94 4.04
C LEU B 403 20.35 -4.91 3.09
N ALA B 404 20.12 -5.12 1.81
CA ALA B 404 21.23 -5.20 0.85
C ALA B 404 22.17 -4.02 0.95
N GLY B 405 21.65 -2.85 1.26
CA GLY B 405 22.49 -1.68 1.41
C GLY B 405 22.04 -0.51 0.59
N MET B 406 22.36 0.70 1.07
CA MET B 406 22.00 1.92 0.39
C MET B 406 22.61 1.91 -1.00
N VAL B 407 21.85 2.39 -1.97
CA VAL B 407 22.31 2.47 -3.36
C VAL B 407 22.06 3.92 -3.84
N THR B 408 23.08 4.60 -4.38
CA THR B 408 22.90 6.00 -4.80
C THR B 408 22.07 6.13 -6.07
N ASP B 409 22.27 5.21 -7.00
CA ASP B 409 21.57 5.24 -8.28
C ASP B 409 21.89 6.53 -8.98
N SER B 410 22.96 7.18 -8.56
CA SER B 410 23.21 8.51 -9.04
C SER B 410 24.03 8.62 -10.29
N ARG B 411 23.67 9.67 -10.98
CA ARG B 411 24.20 10.09 -12.25
C ARG B 411 25.25 11.18 -12.02
N LYS B 412 25.38 11.67 -10.79
CA LYS B 412 26.30 12.76 -10.52
C LYS B 412 27.03 12.65 -9.17
N LEU B 413 28.34 12.84 -9.21
CA LEU B 413 29.23 12.69 -8.06
C LEU B 413 28.80 13.36 -6.78
N LEU B 414 28.51 14.65 -6.85
CA LEU B 414 28.12 15.38 -5.65
C LEU B 414 27.01 14.68 -4.88
N SER B 415 26.06 14.11 -5.61
CA SER B 415 24.95 13.41 -4.97
C SER B 415 25.43 12.42 -3.93
N PHE B 416 26.49 11.70 -4.30
CA PHE B 416 26.97 10.58 -3.49
C PHE B 416 26.89 10.83 -2.02
N GLY B 417 27.48 11.93 -1.60
CA GLY B 417 27.57 12.24 -0.20
C GLY B 417 26.22 12.57 0.38
N SER B 418 25.49 13.44 -0.33
CA SER B 418 24.23 13.96 0.18
C SER B 418 23.24 12.81 0.17
N ARG B 419 23.23 12.05 -0.93
CA ARG B 419 22.42 10.84 -1.01
C ARG B 419 22.76 9.94 0.17
N THR B 420 24.04 9.71 0.41
CA THR B 420 24.48 8.85 1.49
C THR B 420 24.08 9.42 2.84
N GLU B 421 24.09 10.73 2.97
CA GLU B 421 23.75 11.37 4.24
C GLU B 421 22.28 11.13 4.56
N MET B 422 21.43 11.49 3.61
CA MET B 422 20.00 11.37 3.80
C MET B 422 19.67 9.97 4.29
N PHE B 423 20.20 9.00 3.58
CA PHE B 423 19.90 7.61 3.89
C PHE B 423 20.25 7.27 5.33
N ARG B 424 21.48 7.58 5.72
CA ARG B 424 21.97 7.27 7.06
C ARG B 424 21.23 8.00 8.17
N ARG B 425 20.71 9.18 7.89
CA ARG B 425 19.99 9.93 8.91
C ARG B 425 18.67 9.23 9.12
N VAL B 426 18.02 8.89 8.00
CA VAL B 426 16.72 8.28 8.04
C VAL B 426 16.77 6.90 8.68
N LEU B 427 17.73 6.10 8.26
CA LEU B 427 17.94 4.79 8.85
C LEU B 427 18.21 4.96 10.34
N SER B 428 19.05 5.94 10.66
CA SER B 428 19.36 6.19 12.06
C SER B 428 18.16 6.79 12.79
N ASN B 429 17.26 7.43 12.07
CA ASN B 429 16.06 7.98 12.72
C ASN B 429 15.07 6.89 13.02
N VAL B 430 14.98 5.97 12.09
CA VAL B 430 14.08 4.84 12.18
C VAL B 430 14.44 3.96 13.37
N VAL B 431 15.71 3.58 13.46
CA VAL B 431 16.19 2.76 14.56
C VAL B 431 16.12 3.53 15.87
N GLY B 432 16.48 4.80 15.84
CA GLY B 432 16.37 5.62 17.03
C GLY B 432 14.97 5.46 17.60
N GLU B 433 13.95 5.69 16.78
CA GLU B 433 12.58 5.58 17.26
C GLU B 433 12.31 4.27 17.96
N MET B 434 12.79 3.18 17.36
CA MET B 434 12.54 1.87 17.91
C MET B 434 13.29 1.71 19.23
N VAL B 435 14.44 2.38 19.32
CA VAL B 435 15.22 2.35 20.55
C VAL B 435 14.45 3.08 21.64
N GLU B 436 13.81 4.18 21.29
CA GLU B 436 13.09 4.94 22.30
C GLU B 436 11.72 4.36 22.66
N LYS B 437 11.11 3.63 21.73
CA LYS B 437 9.89 2.90 22.02
C LYS B 437 10.23 1.63 22.80
N GLY B 438 11.50 1.42 23.11
CA GLY B 438 11.92 0.24 23.85
C GLY B 438 11.88 -1.09 23.12
N GLN B 439 11.95 -1.09 21.78
CA GLN B 439 11.99 -2.36 21.03
C GLN B 439 13.42 -2.82 20.76
N ILE B 440 14.38 -1.92 20.86
CA ILE B 440 15.75 -2.27 20.56
C ILE B 440 16.74 -1.69 21.55
N PRO B 441 17.54 -2.53 22.17
CA PRO B 441 18.60 -2.06 23.06
C PRO B 441 19.57 -1.18 22.26
N ILE B 442 20.16 -0.18 22.90
CA ILE B 442 21.00 0.77 22.16
C ILE B 442 22.21 0.10 21.58
N LYS B 443 22.71 -0.89 22.27
CA LYS B 443 23.91 -1.55 21.84
C LYS B 443 23.68 -2.18 20.50
N GLU B 444 22.59 -2.92 20.35
CA GLU B 444 22.39 -3.65 19.10
C GLU B 444 21.95 -2.66 18.02
N ALA B 445 21.36 -1.54 18.42
CA ALA B 445 21.03 -0.48 17.46
C ALA B 445 22.35 0.00 16.85
N ARG B 446 23.28 0.39 17.71
CA ARG B 446 24.57 0.87 17.21
C ARG B 446 25.16 -0.17 16.25
N GLU B 447 25.01 -1.45 16.58
CA GLU B 447 25.56 -2.51 15.72
C GLU B 447 24.75 -2.69 14.48
N LEU B 448 23.44 -2.53 14.59
CA LEU B 448 22.57 -2.76 13.45
C LEU B 448 22.86 -1.69 12.43
N VAL B 449 22.83 -0.46 12.92
CA VAL B 449 23.04 0.71 12.10
C VAL B 449 24.42 0.69 11.42
N LYS B 450 25.46 0.25 12.11
CA LYS B 450 26.78 0.21 11.47
C LYS B 450 26.84 -0.86 10.40
N HIS B 451 26.23 -1.99 10.71
CA HIS B 451 26.26 -3.11 9.79
C HIS B 451 25.58 -2.69 8.49
N VAL B 452 24.41 -2.08 8.60
CA VAL B 452 23.64 -1.75 7.42
C VAL B 452 24.29 -0.67 6.57
N SER B 453 24.96 0.27 7.21
CA SER B 453 25.58 1.38 6.48
C SER B 453 26.87 1.04 5.77
N TYR B 454 27.54 -0.04 6.19
CA TYR B 454 28.87 -0.36 5.66
C TYR B 454 29.23 -1.85 5.62
N ASP B 455 29.46 -2.45 6.78
CA ASP B 455 29.97 -3.81 6.84
C ASP B 455 29.12 -4.80 6.03
N GLY B 456 27.80 -4.72 6.23
CA GLY B 456 26.86 -5.62 5.57
C GLY B 456 26.97 -5.66 4.06
N PRO B 457 26.74 -4.52 3.41
CA PRO B 457 26.74 -4.46 1.94
C PRO B 457 28.11 -4.80 1.36
N LYS B 458 29.15 -4.37 2.07
CA LYS B 458 30.51 -4.63 1.67
C LYS B 458 30.75 -6.14 1.65
N ALA B 459 30.35 -6.80 2.73
CA ALA B 459 30.47 -8.23 2.80
C ALA B 459 29.69 -8.88 1.67
N LEU B 460 28.48 -8.40 1.45
CA LEU B 460 27.56 -9.01 0.50
C LEU B 460 28.03 -8.94 -0.96
N PHE B 461 28.23 -7.74 -1.47
CA PHE B 461 28.66 -7.58 -2.85
C PHE B 461 30.14 -7.82 -3.06
N PHE B 462 30.95 -7.58 -2.03
CA PHE B 462 32.39 -7.75 -2.16
C PHE B 462 32.96 -8.68 -1.09
N MET C 13 14.58 3.12 27.76
CA MET C 13 14.51 1.91 28.62
C MET C 13 13.89 0.77 27.78
N PHE C 14 14.61 -0.34 27.66
CA PHE C 14 14.23 -1.46 26.81
C PHE C 14 13.21 -2.34 27.51
N LEU C 15 12.09 -2.61 26.83
CA LEU C 15 11.00 -3.41 27.36
C LEU C 15 10.46 -2.91 28.69
N GLY C 16 10.65 -1.63 28.96
CA GLY C 16 10.19 -1.10 30.22
C GLY C 16 8.71 -0.80 30.11
N GLU C 17 8.25 -0.06 31.09
CA GLU C 17 6.88 0.35 31.23
C GLU C 17 6.22 1.07 30.08
N ASP C 18 6.97 1.90 29.39
CA ASP C 18 6.37 2.67 28.32
C ASP C 18 6.72 2.08 26.96
N TYR C 19 7.14 0.82 26.98
CA TYR C 19 7.41 0.06 25.79
C TYR C 19 6.24 0.27 24.82
N LEU C 20 6.56 0.71 23.60
CA LEU C 20 5.57 0.97 22.55
C LEU C 20 4.61 2.16 22.78
N LEU C 21 4.65 2.76 23.96
CA LEU C 21 3.78 3.89 24.29
C LEU C 21 4.47 5.21 23.96
N THR C 22 3.83 6.06 23.16
CA THR C 22 4.44 7.34 22.77
C THR C 22 3.75 8.60 23.28
N ASN C 23 2.73 8.47 24.12
CA ASN C 23 1.99 9.63 24.56
C ASN C 23 1.35 9.32 25.89
N ARG C 24 1.08 10.33 26.71
CA ARG C 24 0.58 10.09 28.04
C ARG C 24 -0.75 9.39 27.97
N ALA C 25 -1.58 9.84 27.03
CA ALA C 25 -2.91 9.29 26.90
C ALA C 25 -2.82 7.78 26.78
N ALA C 26 -1.83 7.32 26.02
CA ALA C 26 -1.68 5.91 25.75
C ALA C 26 -1.51 5.16 27.03
N VAL C 27 -0.78 5.76 27.97
CA VAL C 27 -0.49 5.06 29.21
C VAL C 27 -1.72 4.83 30.05
N ARG C 28 -2.62 5.81 30.13
CA ARG C 28 -3.85 5.57 30.90
C ARG C 28 -4.61 4.43 30.29
N LEU C 29 -4.58 4.41 28.97
CA LEU C 29 -5.41 3.46 28.27
C LEU C 29 -4.91 2.08 28.48
N PHE C 30 -3.59 1.95 28.46
CA PHE C 30 -2.98 0.64 28.62
C PHE C 30 -3.19 0.11 30.02
N ASN C 31 -3.04 0.99 31.00
CA ASN C 31 -3.27 0.60 32.37
C ASN C 31 -4.72 0.16 32.54
N GLU C 32 -5.61 0.72 31.73
CA GLU C 32 -7.01 0.35 31.83
C GLU C 32 -7.28 -1.04 31.37
N VAL C 33 -6.47 -1.55 30.45
CA VAL C 33 -6.78 -2.83 29.82
C VAL C 33 -5.78 -3.95 30.04
N LYS C 34 -4.64 -3.63 30.64
CA LYS C 34 -3.56 -4.61 30.73
C LYS C 34 -3.95 -5.83 31.54
N ASP C 35 -4.82 -5.66 32.53
CA ASP C 35 -5.23 -6.79 33.37
C ASP C 35 -6.51 -7.46 32.92
N LEU C 36 -7.07 -7.05 31.79
CA LEU C 36 -8.27 -7.73 31.31
C LEU C 36 -7.84 -9.12 30.90
N PRO C 37 -8.69 -10.11 31.07
CA PRO C 37 -8.34 -11.48 30.70
C PRO C 37 -8.18 -11.63 29.20
N ILE C 38 -7.47 -12.65 28.78
CA ILE C 38 -7.25 -12.90 27.35
C ILE C 38 -8.33 -13.79 26.74
N VAL C 39 -8.91 -13.30 25.66
CA VAL C 39 -9.89 -14.02 24.87
C VAL C 39 -9.20 -14.31 23.53
N ASP C 40 -9.02 -15.58 23.16
CA ASP C 40 -8.22 -15.90 21.97
C ASP C 40 -8.91 -16.71 20.86
N PRO C 41 -9.72 -16.01 20.09
CA PRO C 41 -10.48 -16.57 18.96
C PRO C 41 -9.79 -17.56 18.06
N HIS C 42 -8.47 -17.55 18.00
CA HIS C 42 -7.80 -18.46 17.10
C HIS C 42 -6.34 -18.57 17.43
N ASN C 43 -5.88 -19.80 17.53
CA ASN C 43 -4.48 -20.11 17.79
C ASN C 43 -4.25 -21.53 17.31
N HIS C 44 -3.00 -22.00 17.31
CA HIS C 44 -2.68 -23.33 16.82
C HIS C 44 -2.14 -24.20 17.92
N LEU C 45 -2.78 -24.08 19.07
CA LEU C 45 -2.40 -24.82 20.24
C LEU C 45 -3.02 -26.21 20.18
N ASP C 46 -2.46 -27.14 20.95
CA ASP C 46 -2.98 -28.50 21.05
C ASP C 46 -3.60 -28.67 22.43
N ALA C 47 -4.81 -29.20 22.49
CA ALA C 47 -5.48 -29.40 23.76
C ALA C 47 -4.82 -30.52 24.58
N LYS C 48 -4.31 -31.54 23.91
CA LYS C 48 -3.68 -32.68 24.60
C LYS C 48 -2.54 -32.22 25.50
N ASP C 49 -1.80 -31.23 25.04
CA ASP C 49 -0.64 -30.74 25.76
C ASP C 49 -1.07 -29.99 27.02
N ILE C 50 -2.26 -29.41 26.96
CA ILE C 50 -2.78 -28.64 28.07
C ILE C 50 -3.37 -29.60 29.09
N VAL C 51 -3.97 -30.67 28.60
CA VAL C 51 -4.58 -31.65 29.49
C VAL C 51 -3.49 -32.44 30.23
N GLU C 52 -2.44 -32.84 29.50
CA GLU C 52 -1.33 -33.58 30.11
C GLU C 52 -0.55 -32.68 31.08
N ASN C 53 -0.64 -31.37 30.85
CA ASN C 53 -0.02 -30.37 31.72
C ASN C 53 1.46 -30.62 32.01
N LYS C 54 2.20 -31.11 31.01
CA LYS C 54 3.63 -31.38 31.18
C LYS C 54 4.46 -30.10 31.03
N PRO C 55 5.33 -29.86 31.99
CA PRO C 55 6.33 -28.78 31.92
C PRO C 55 7.17 -28.86 30.67
N TRP C 56 7.88 -27.79 30.36
CA TRP C 56 8.84 -27.82 29.26
C TRP C 56 10.21 -28.09 29.85
N ASN C 57 11.13 -28.53 29.01
CA ASN C 57 12.49 -28.82 29.47
C ASN C 57 13.46 -27.66 29.23
N ASP C 58 13.26 -26.94 28.15
CA ASP C 58 14.22 -25.94 27.72
C ASP C 58 13.59 -24.68 27.21
N ILE C 59 14.38 -23.63 27.18
CA ILE C 59 13.92 -22.42 26.56
C ILE C 59 13.83 -22.71 25.06
N TRP C 60 14.66 -23.63 24.57
CA TRP C 60 14.60 -23.96 23.17
C TRP C 60 13.24 -24.57 22.82
N GLU C 61 12.85 -25.57 23.61
CA GLU C 61 11.56 -26.21 23.41
C GLU C 61 10.44 -25.17 23.41
N VAL C 62 10.47 -24.35 24.44
CA VAL C 62 9.51 -23.29 24.65
C VAL C 62 9.54 -22.18 23.62
N GLU C 63 10.72 -21.81 23.16
CA GLU C 63 10.82 -20.64 22.28
C GLU C 63 11.13 -20.90 20.83
N GLY C 64 11.89 -21.94 20.52
CA GLY C 64 12.31 -22.15 19.14
C GLY C 64 11.91 -23.45 18.49
N ALA C 65 11.83 -24.53 19.27
CA ALA C 65 11.52 -25.86 18.74
C ALA C 65 10.31 -25.95 17.84
N THR C 66 9.29 -25.13 18.06
CA THR C 66 8.06 -25.24 17.27
C THR C 66 7.62 -23.92 16.67
N ASP C 67 8.51 -22.95 16.66
CA ASP C 67 8.22 -21.59 16.16
C ASP C 67 8.87 -21.43 14.80
N HIS C 68 8.08 -21.53 13.73
CA HIS C 68 8.66 -21.47 12.39
C HIS C 68 9.21 -20.06 12.07
N TYR C 69 8.69 -19.06 12.77
CA TYR C 69 9.23 -17.73 12.67
C TYR C 69 10.72 -17.80 13.06
N VAL C 70 11.00 -18.52 14.13
CA VAL C 70 12.36 -18.61 14.63
C VAL C 70 13.22 -19.40 13.66
N TRP C 71 12.61 -20.37 12.99
CA TRP C 71 13.30 -21.18 12.01
C TRP C 71 13.70 -20.32 10.81
N GLU C 72 12.76 -19.48 10.39
CA GLU C 72 12.97 -18.54 9.31
C GLU C 72 14.16 -17.64 9.56
N LEU C 73 14.06 -16.84 10.60
CA LEU C 73 15.07 -15.83 10.86
C LEU C 73 16.42 -16.50 11.07
N MET C 74 16.44 -17.63 11.76
CA MET C 74 17.70 -18.35 11.95
C MET C 74 18.27 -18.65 10.57
N ARG C 75 17.44 -19.11 9.64
CA ARG C 75 17.94 -19.45 8.31
C ARG C 75 18.40 -18.19 7.64
N ARG C 76 17.68 -17.10 7.89
CA ARG C 76 17.99 -15.79 7.31
C ARG C 76 19.31 -15.27 7.89
N CYS C 77 19.73 -15.83 9.02
CA CYS C 77 21.00 -15.42 9.62
C CYS C 77 22.16 -16.31 9.21
N GLY C 78 21.90 -17.32 8.38
CA GLY C 78 22.97 -18.18 7.91
C GLY C 78 23.34 -19.30 8.86
N VAL C 79 22.39 -19.71 9.69
CA VAL C 79 22.63 -20.80 10.61
C VAL C 79 22.12 -22.06 9.96
N SER C 80 23.00 -23.01 9.71
CA SER C 80 22.56 -24.27 9.11
C SER C 80 21.44 -24.97 9.87
N GLU C 81 20.65 -25.73 9.14
CA GLU C 81 19.53 -26.50 9.68
C GLU C 81 19.88 -27.45 10.81
N GLU C 82 21.14 -27.84 10.90
CA GLU C 82 21.62 -28.71 11.96
C GLU C 82 21.04 -28.23 13.26
N TYR C 83 21.17 -26.92 13.44
CA TYR C 83 20.71 -26.21 14.61
C TYR C 83 19.30 -25.66 14.51
N ILE C 84 18.54 -25.96 13.46
CA ILE C 84 17.17 -25.45 13.39
C ILE C 84 16.14 -26.54 13.65
N THR C 85 15.91 -27.42 12.69
CA THR C 85 14.98 -28.52 12.91
C THR C 85 15.73 -29.84 12.90
N GLY C 86 17.07 -29.76 12.91
CA GLY C 86 17.91 -30.93 12.79
C GLY C 86 18.32 -31.59 14.10
N SER C 87 19.44 -32.32 14.05
CA SER C 87 19.82 -33.26 15.09
C SER C 87 20.72 -32.75 16.18
N ARG C 88 20.83 -31.45 16.31
CA ARG C 88 21.62 -30.90 17.39
C ARG C 88 20.78 -30.75 18.63
N SER C 89 21.44 -30.79 19.77
CA SER C 89 20.79 -30.72 21.06
C SER C 89 20.07 -29.40 21.23
N ASN C 90 18.99 -29.43 21.99
CA ASN C 90 18.29 -28.19 22.28
C ASN C 90 19.31 -27.14 22.71
N LYS C 91 20.21 -27.52 23.61
CA LYS C 91 21.11 -26.54 24.18
C LYS C 91 21.97 -25.89 23.10
N GLU C 92 22.35 -26.67 22.09
CA GLU C 92 23.16 -26.12 20.99
C GLU C 92 22.27 -25.24 20.12
N LYS C 93 21.05 -25.73 19.88
CA LYS C 93 20.08 -24.97 19.11
C LYS C 93 19.85 -23.60 19.78
N TRP C 94 19.77 -23.61 21.11
CA TRP C 94 19.56 -22.39 21.89
C TRP C 94 20.72 -21.42 21.72
N LEU C 95 21.93 -21.94 21.89
CA LEU C 95 23.14 -21.11 21.85
C LEU C 95 23.36 -20.49 20.48
N ALA C 96 22.84 -21.12 19.45
CA ALA C 96 23.00 -20.61 18.10
C ALA C 96 22.06 -19.45 17.96
N LEU C 97 20.82 -19.65 18.41
CA LEU C 97 19.80 -18.61 18.32
C LEU C 97 20.30 -17.35 19.02
N ALA C 98 20.83 -17.51 20.23
CA ALA C 98 21.29 -16.34 20.97
C ALA C 98 22.47 -15.74 20.27
N LYS C 99 23.33 -16.58 19.73
CA LYS C 99 24.55 -16.08 19.12
C LYS C 99 24.13 -15.02 18.12
N VAL C 100 23.14 -15.39 17.34
CA VAL C 100 22.64 -14.60 16.24
C VAL C 100 21.44 -13.69 16.54
N PHE C 101 20.86 -13.82 17.74
CA PHE C 101 19.69 -13.05 18.12
C PHE C 101 19.79 -11.54 17.96
N PRO C 102 20.96 -10.95 18.18
CA PRO C 102 21.12 -9.50 18.00
C PRO C 102 20.82 -9.02 16.59
N ARG C 103 20.89 -9.88 15.59
CA ARG C 103 20.58 -9.48 14.23
C ARG C 103 19.07 -9.50 13.96
N PHE C 104 18.29 -9.87 14.97
CA PHE C 104 16.84 -9.92 14.82
C PHE C 104 16.21 -8.61 15.20
N VAL C 105 17.02 -7.82 15.88
CA VAL C 105 16.64 -6.50 16.29
C VAL C 105 15.69 -5.90 15.22
N GLY C 106 14.55 -5.38 15.65
CA GLY C 106 13.62 -4.76 14.73
C GLY C 106 12.44 -5.63 14.34
N ASN C 107 12.60 -6.94 14.48
CA ASN C 107 11.55 -7.87 14.10
C ASN C 107 10.81 -8.36 15.34
N PRO C 108 9.50 -8.51 15.26
CA PRO C 108 8.70 -8.81 16.45
C PRO C 108 9.20 -9.99 17.28
N THR C 109 9.76 -11.00 16.63
CA THR C 109 10.20 -12.14 17.40
C THR C 109 11.24 -11.70 18.42
N TYR C 110 12.12 -10.77 18.05
CA TYR C 110 13.13 -10.31 18.99
C TYR C 110 12.43 -9.84 20.27
N GLU C 111 11.32 -9.15 20.10
CA GLU C 111 10.60 -8.59 21.25
C GLU C 111 9.76 -9.62 22.00
N TRP C 112 9.07 -10.46 21.26
CA TRP C 112 8.27 -11.50 21.85
C TRP C 112 9.09 -12.38 22.79
N ILE C 113 10.22 -12.88 22.31
CA ILE C 113 10.97 -13.85 23.10
C ILE C 113 11.50 -13.20 24.37
N HIS C 114 11.91 -11.94 24.26
CA HIS C 114 12.43 -11.22 25.41
C HIS C 114 11.30 -10.95 26.37
N LEU C 115 10.12 -10.71 25.84
CA LEU C 115 8.99 -10.40 26.69
C LEU C 115 8.65 -11.60 27.53
N ASP C 116 8.65 -12.77 26.90
CA ASP C 116 8.43 -14.00 27.64
C ASP C 116 9.45 -14.05 28.79
N LEU C 117 10.72 -13.86 28.46
CA LEU C 117 11.76 -13.96 29.48
C LEU C 117 11.52 -13.02 30.64
N TRP C 118 11.23 -11.77 30.33
CA TRP C 118 10.99 -10.79 31.37
C TRP C 118 9.65 -10.97 32.09
N ARG C 119 8.55 -11.13 31.37
CA ARG C 119 7.26 -11.22 32.06
C ARG C 119 7.02 -12.59 32.72
N ARG C 120 7.52 -13.68 32.13
CA ARG C 120 7.30 -15.02 32.70
C ARG C 120 8.37 -15.55 33.63
N PHE C 121 9.63 -15.30 33.30
CA PHE C 121 10.72 -15.88 34.06
C PHE C 121 11.36 -14.81 34.90
N ASN C 122 11.00 -13.57 34.62
CA ASN C 122 11.56 -12.45 35.34
C ASN C 122 13.07 -12.37 35.15
N ILE C 123 13.55 -12.84 34.01
CA ILE C 123 14.96 -12.74 33.67
C ILE C 123 15.09 -11.56 32.72
N LYS C 124 15.49 -10.41 33.26
CA LYS C 124 15.59 -9.17 32.48
C LYS C 124 16.89 -9.03 31.73
N LYS C 125 17.52 -10.11 31.34
CA LYS C 125 18.78 -9.95 30.63
C LYS C 125 18.45 -9.79 29.13
N VAL C 126 19.43 -9.36 28.33
CA VAL C 126 19.26 -9.22 26.89
C VAL C 126 19.99 -10.38 26.26
N ILE C 127 19.32 -11.07 25.34
CA ILE C 127 19.86 -12.26 24.70
C ILE C 127 21.05 -12.03 23.77
N SER C 128 22.14 -12.75 23.98
CA SER C 128 23.30 -12.70 23.13
C SER C 128 24.24 -13.81 23.57
N GLU C 129 25.26 -14.10 22.78
CA GLU C 129 26.22 -15.14 23.12
C GLU C 129 26.71 -14.97 24.57
N GLU C 130 26.90 -13.71 24.97
CA GLU C 130 27.34 -13.36 26.33
C GLU C 130 26.38 -13.84 27.38
N THR C 131 25.12 -13.87 27.02
CA THR C 131 24.05 -14.11 27.96
C THR C 131 23.45 -15.52 27.83
N ALA C 132 23.72 -16.16 26.70
CA ALA C 132 23.12 -17.43 26.35
C ALA C 132 23.10 -18.47 27.46
N GLU C 133 24.24 -18.69 28.10
CA GLU C 133 24.37 -19.79 29.05
C GLU C 133 23.70 -19.47 30.39
N GLU C 134 23.87 -18.25 30.85
CA GLU C 134 23.21 -17.79 32.06
C GLU C 134 21.69 -17.82 31.91
N ILE C 135 21.19 -17.50 30.73
CA ILE C 135 19.74 -17.55 30.52
C ILE C 135 19.27 -18.98 30.53
N TRP C 136 19.97 -19.84 29.80
CA TRP C 136 19.62 -21.25 29.72
C TRP C 136 19.54 -21.88 31.08
N GLU C 137 20.46 -21.51 31.95
CA GLU C 137 20.53 -22.16 33.26
C GLU C 137 19.46 -21.58 34.19
N GLU C 138 19.20 -20.29 34.07
CA GLU C 138 18.18 -19.67 34.89
C GLU C 138 16.79 -20.19 34.50
N THR C 139 16.57 -20.40 33.22
CA THR C 139 15.27 -20.89 32.78
C THR C 139 15.07 -22.37 33.09
N LYS C 140 16.14 -23.13 33.13
CA LYS C 140 16.02 -24.56 33.44
C LYS C 140 15.51 -24.77 34.84
N LYS C 141 15.99 -23.95 35.77
CA LYS C 141 15.60 -24.08 37.16
C LYS C 141 14.15 -23.65 37.37
N LYS C 142 13.69 -22.69 36.57
CA LYS C 142 12.32 -22.18 36.72
C LYS C 142 11.27 -22.93 35.92
N LEU C 143 11.67 -23.63 34.88
CA LEU C 143 10.74 -24.30 33.97
C LEU C 143 9.81 -25.37 34.58
N PRO C 144 10.30 -26.07 35.60
CA PRO C 144 9.55 -27.12 36.33
C PRO C 144 8.22 -26.62 36.93
N GLU C 145 8.29 -25.55 37.70
CA GLU C 145 7.10 -24.98 38.34
C GLU C 145 6.15 -24.51 37.27
N MET C 146 6.63 -24.51 36.04
CA MET C 146 5.84 -24.02 34.93
C MET C 146 5.01 -25.07 34.26
N THR C 147 3.71 -24.90 34.33
CA THR C 147 2.92 -25.71 33.43
C THR C 147 1.85 -24.91 32.76
N PRO C 148 1.53 -25.42 31.59
CA PRO C 148 0.44 -24.94 30.76
C PRO C 148 -0.68 -24.34 31.58
N GLN C 149 -1.35 -25.18 32.37
CA GLN C 149 -2.49 -24.75 33.16
C GLN C 149 -2.11 -23.69 34.18
N LYS C 150 -0.92 -23.79 34.74
CA LYS C 150 -0.46 -22.77 35.65
C LYS C 150 -0.25 -21.49 34.83
N LEU C 151 0.23 -21.65 33.61
CA LEU C 151 0.52 -20.51 32.74
C LEU C 151 -0.78 -19.92 32.23
N LEU C 152 -1.72 -20.79 31.92
CA LEU C 152 -3.01 -20.31 31.46
C LEU C 152 -3.61 -19.46 32.57
N ARG C 153 -3.50 -19.93 33.80
CA ARG C 153 -4.05 -19.23 34.95
C ARG C 153 -3.30 -17.92 35.21
N ASP C 154 -1.99 -17.97 35.09
CA ASP C 154 -1.14 -16.80 35.29
C ASP C 154 -1.40 -15.70 34.28
N MET C 155 -1.50 -16.07 33.01
CA MET C 155 -1.68 -15.09 31.94
C MET C 155 -3.14 -14.64 31.79
N LYS C 156 -4.00 -15.05 32.73
CA LYS C 156 -5.43 -14.74 32.69
C LYS C 156 -6.12 -15.03 31.38
N VAL C 157 -5.93 -16.22 30.84
CA VAL C 157 -6.63 -16.61 29.62
C VAL C 157 -7.97 -17.18 30.01
N GLU C 158 -9.03 -16.53 29.55
CA GLU C 158 -10.36 -16.97 29.84
C GLU C 158 -10.85 -17.95 28.77
N ILE C 159 -10.63 -17.61 27.49
CA ILE C 159 -11.06 -18.48 26.39
C ILE C 159 -10.03 -18.62 25.24
N LEU C 160 -9.89 -19.86 24.75
CA LEU C 160 -9.05 -20.19 23.61
C LEU C 160 -9.86 -20.88 22.57
N CYS C 161 -9.44 -20.76 21.32
CA CYS C 161 -10.00 -21.62 20.30
C CYS C 161 -8.84 -22.13 19.47
N THR C 162 -8.72 -23.46 19.38
CA THR C 162 -7.68 -24.08 18.57
C THR C 162 -8.24 -24.27 17.17
N THR C 163 -7.44 -24.87 16.31
CA THR C 163 -7.84 -25.10 14.95
C THR C 163 -7.85 -26.58 14.77
N ASP C 164 -8.96 -27.11 14.29
CA ASP C 164 -9.08 -28.55 14.23
C ASP C 164 -9.69 -29.03 12.95
N ASP C 165 -9.28 -30.23 12.57
CA ASP C 165 -9.76 -30.81 11.35
C ASP C 165 -11.08 -31.53 11.57
N PRO C 166 -12.00 -31.31 10.65
CA PRO C 166 -13.28 -32.00 10.65
C PRO C 166 -13.20 -33.48 11.05
N VAL C 167 -12.15 -34.20 10.68
CA VAL C 167 -12.05 -35.62 11.04
C VAL C 167 -11.82 -35.86 12.52
N SER C 168 -11.27 -34.87 13.21
CA SER C 168 -10.92 -35.02 14.62
C SER C 168 -12.06 -35.50 15.50
N THR C 169 -11.69 -36.23 16.54
CA THR C 169 -12.66 -36.72 17.53
C THR C 169 -12.91 -35.69 18.62
N LEU C 170 -12.04 -34.69 18.70
CA LEU C 170 -12.14 -33.69 19.76
C LEU C 170 -12.05 -34.31 21.16
N GLU C 171 -11.24 -35.34 21.30
CA GLU C 171 -11.11 -36.08 22.55
C GLU C 171 -10.59 -35.22 23.70
N HIS C 172 -9.45 -34.57 23.47
CA HIS C 172 -8.79 -33.77 24.49
C HIS C 172 -9.55 -32.49 24.83
N HIS C 173 -10.33 -32.01 23.87
CA HIS C 173 -11.18 -30.87 24.10
C HIS C 173 -12.19 -31.31 25.18
N ARG C 174 -12.71 -32.53 25.04
CA ARG C 174 -13.65 -33.13 26.00
C ARG C 174 -13.00 -33.13 27.37
N LYS C 175 -11.80 -33.70 27.44
CA LYS C 175 -11.04 -33.81 28.67
C LYS C 175 -10.74 -32.46 29.29
N ALA C 176 -10.49 -31.48 28.43
CA ALA C 176 -10.14 -30.15 28.90
C ALA C 176 -11.34 -29.43 29.47
N LYS C 177 -12.50 -29.64 28.87
CA LYS C 177 -13.73 -29.02 29.40
C LYS C 177 -13.98 -29.61 30.78
N GLU C 178 -13.73 -30.91 30.91
CA GLU C 178 -13.93 -31.59 32.17
C GLU C 178 -13.02 -31.08 33.28
N ALA C 179 -11.72 -31.27 33.08
CA ALA C 179 -10.73 -31.01 34.12
C ALA C 179 -10.04 -29.65 34.14
N VAL C 180 -9.92 -28.97 33.01
CA VAL C 180 -9.20 -27.70 33.03
C VAL C 180 -10.06 -26.64 33.68
N GLU C 181 -9.55 -26.10 34.78
CA GLU C 181 -10.30 -25.22 35.67
C GLU C 181 -10.79 -23.82 35.23
N GLY C 182 -10.05 -22.84 34.75
CA GLY C 182 -10.63 -21.54 34.44
C GLY C 182 -10.51 -21.08 33.00
N VAL C 183 -10.28 -22.03 32.11
CA VAL C 183 -10.13 -21.71 30.70
C VAL C 183 -11.16 -22.47 29.92
N THR C 184 -11.62 -21.85 28.85
CA THR C 184 -12.53 -22.49 27.93
C THR C 184 -11.74 -22.74 26.66
N ILE C 185 -11.60 -24.00 26.28
CA ILE C 185 -10.82 -24.34 25.12
C ILE C 185 -11.77 -24.91 24.09
N LEU C 186 -12.03 -24.11 23.06
CA LEU C 186 -12.94 -24.50 22.00
C LEU C 186 -12.22 -24.87 20.74
N PRO C 187 -12.80 -25.80 20.01
CA PRO C 187 -12.21 -26.25 18.76
C PRO C 187 -12.74 -25.31 17.70
N THR C 188 -12.05 -25.23 16.57
CA THR C 188 -12.52 -24.41 15.49
C THR C 188 -12.55 -25.29 14.26
N TRP C 189 -13.65 -25.23 13.52
CA TRP C 189 -13.88 -26.08 12.36
C TRP C 189 -13.12 -25.63 11.10
N ARG C 190 -11.95 -26.20 10.83
CA ARG C 190 -11.23 -25.90 9.60
C ARG C 190 -11.31 -26.99 8.54
N PRO C 191 -12.19 -26.83 7.55
CA PRO C 191 -12.36 -27.82 6.49
C PRO C 191 -11.54 -27.57 5.22
N ASP C 192 -10.29 -27.15 5.32
CA ASP C 192 -9.51 -26.86 4.12
C ASP C 192 -9.21 -28.10 3.30
N ARG C 193 -8.69 -29.14 3.95
CA ARG C 193 -8.35 -30.37 3.25
C ARG C 193 -9.54 -30.86 2.46
N ALA C 194 -10.72 -30.85 3.08
CA ALA C 194 -11.93 -31.31 2.40
C ALA C 194 -12.12 -30.50 1.12
N MET C 195 -11.86 -29.21 1.20
CA MET C 195 -12.08 -28.31 0.09
C MET C 195 -11.03 -28.48 -1.00
N ASN C 196 -9.78 -28.70 -0.61
CA ASN C 196 -8.67 -28.76 -1.57
C ASN C 196 -8.57 -30.04 -2.38
N VAL C 197 -9.31 -30.08 -3.48
CA VAL C 197 -9.30 -31.23 -4.39
C VAL C 197 -7.99 -31.33 -5.19
N ASP C 198 -7.18 -30.28 -5.17
CA ASP C 198 -5.90 -30.31 -5.88
C ASP C 198 -4.81 -30.96 -5.06
N LYS C 199 -5.07 -31.14 -3.76
CA LYS C 199 -4.07 -31.71 -2.87
C LYS C 199 -3.95 -33.19 -3.10
N GLU C 200 -2.73 -33.68 -3.00
CA GLU C 200 -2.47 -35.09 -3.23
C GLU C 200 -3.38 -36.07 -2.46
N GLY C 201 -3.52 -35.93 -1.12
CA GLY C 201 -4.24 -36.91 -0.33
C GLY C 201 -5.72 -36.64 -0.17
N TRP C 202 -6.25 -35.74 -0.98
CA TRP C 202 -7.66 -35.41 -0.92
C TRP C 202 -8.51 -36.66 -0.77
N ARG C 203 -8.26 -37.63 -1.65
CA ARG C 203 -9.03 -38.87 -1.67
C ARG C 203 -8.93 -39.65 -0.36
N GLU C 204 -7.71 -39.92 0.08
CA GLU C 204 -7.50 -40.58 1.35
C GLU C 204 -8.34 -39.86 2.40
N TYR C 205 -8.35 -38.53 2.33
CA TYR C 205 -9.10 -37.73 3.28
C TYR C 205 -10.58 -37.98 3.12
N VAL C 206 -11.05 -37.88 1.90
CA VAL C 206 -12.46 -38.05 1.65
C VAL C 206 -12.84 -39.46 2.15
N GLU C 207 -11.94 -40.41 1.95
CA GLU C 207 -12.16 -41.78 2.41
C GLU C 207 -12.21 -41.86 3.96
N LYS C 208 -11.28 -41.19 4.64
CA LYS C 208 -11.28 -41.18 6.11
C LYS C 208 -12.58 -40.61 6.66
N MET C 209 -13.08 -39.58 5.99
CA MET C 209 -14.20 -38.83 6.49
C MET C 209 -15.46 -39.68 6.51
N GLY C 210 -15.66 -40.48 5.47
CA GLY C 210 -16.81 -41.35 5.38
C GLY C 210 -16.68 -42.44 6.42
N GLU C 211 -15.44 -42.84 6.68
CA GLU C 211 -15.19 -43.87 7.65
C GLU C 211 -15.59 -43.40 9.03
N ARG C 212 -15.02 -42.28 9.47
CA ARG C 212 -15.34 -41.80 10.81
C ARG C 212 -16.81 -41.36 10.93
N TYR C 213 -17.45 -40.95 9.83
CA TYR C 213 -18.84 -40.49 9.91
C TYR C 213 -19.88 -41.45 9.30
N GLY C 214 -19.42 -42.52 8.67
CA GLY C 214 -20.31 -43.55 8.18
C GLY C 214 -21.14 -43.07 7.00
N GLU C 215 -20.45 -42.88 5.88
CA GLU C 215 -21.06 -42.34 4.68
C GLU C 215 -20.28 -42.79 3.47
N ASP C 216 -20.98 -42.96 2.35
CA ASP C 216 -20.32 -43.28 1.10
C ASP C 216 -19.81 -41.94 0.59
N THR C 217 -18.54 -41.66 0.90
CA THR C 217 -17.95 -40.36 0.64
C THR C 217 -17.46 -40.21 -0.80
N SER C 218 -17.44 -41.30 -1.56
CA SER C 218 -17.06 -41.20 -2.96
C SER C 218 -18.24 -40.52 -3.69
N THR C 219 -19.21 -40.02 -2.92
CA THR C 219 -20.33 -39.28 -3.45
C THR C 219 -20.49 -37.96 -2.68
N LEU C 220 -20.74 -36.89 -3.42
CA LEU C 220 -20.83 -35.55 -2.86
C LEU C 220 -21.81 -35.51 -1.71
N ASP C 221 -23.02 -36.00 -1.94
CA ASP C 221 -24.05 -36.01 -0.90
C ASP C 221 -23.54 -36.69 0.35
N GLY C 222 -22.79 -37.78 0.14
CA GLY C 222 -22.27 -38.58 1.23
C GLY C 222 -21.16 -37.84 1.95
N PHE C 223 -20.39 -37.09 1.18
CA PHE C 223 -19.34 -36.26 1.74
C PHE C 223 -19.96 -35.11 2.48
N LEU C 224 -21.00 -34.52 1.89
CA LEU C 224 -21.67 -33.41 2.52
C LEU C 224 -22.28 -33.92 3.80
N ASN C 225 -23.05 -35.00 3.69
CA ASN C 225 -23.60 -35.65 4.88
C ASN C 225 -22.51 -35.84 5.90
N ALA C 226 -21.32 -36.24 5.46
CA ALA C 226 -20.21 -36.47 6.36
C ALA C 226 -19.68 -35.17 6.97
N LEU C 227 -19.69 -34.08 6.19
CA LEU C 227 -19.18 -32.79 6.68
C LEU C 227 -20.13 -32.19 7.69
N TRP C 228 -21.42 -32.38 7.45
CA TRP C 228 -22.45 -31.87 8.33
C TRP C 228 -22.43 -32.57 9.68
N LYS C 229 -22.17 -33.88 9.66
CA LYS C 229 -22.09 -34.65 10.89
C LYS C 229 -20.87 -34.19 11.67
N SER C 230 -19.81 -33.88 10.93
CA SER C 230 -18.61 -33.34 11.51
C SER C 230 -18.89 -32.01 12.17
N HIS C 231 -19.71 -31.22 11.50
CA HIS C 231 -20.03 -29.89 11.94
C HIS C 231 -20.89 -29.99 13.20
N GLU C 232 -21.81 -30.95 13.24
CA GLU C 232 -22.64 -31.18 14.41
C GLU C 232 -21.79 -31.75 15.54
N HIS C 233 -20.82 -32.57 15.16
CA HIS C 233 -19.86 -33.11 16.10
C HIS C 233 -19.19 -31.95 16.82
N PHE C 234 -18.78 -30.95 16.03
CA PHE C 234 -18.09 -29.77 16.56
C PHE C 234 -19.03 -28.89 17.40
N LYS C 235 -20.26 -28.72 16.93
CA LYS C 235 -21.26 -27.97 17.67
C LYS C 235 -21.34 -28.48 19.10
N GLU C 236 -21.37 -29.80 19.24
CA GLU C 236 -21.54 -30.46 20.53
C GLU C 236 -20.34 -30.28 21.48
N HIS C 237 -19.25 -29.71 20.97
CA HIS C 237 -18.09 -29.45 21.80
C HIS C 237 -17.91 -27.95 21.99
N GLY C 238 -19.02 -27.21 21.83
CA GLY C 238 -19.03 -25.78 22.02
C GLY C 238 -18.31 -24.96 20.97
N CYS C 239 -18.17 -25.51 19.77
CA CYS C 239 -17.46 -24.83 18.70
C CYS C 239 -18.35 -23.74 18.10
N VAL C 240 -17.76 -22.58 17.80
CA VAL C 240 -18.53 -21.47 17.26
C VAL C 240 -17.86 -20.78 16.08
N ALA C 241 -17.16 -21.53 15.24
CA ALA C 241 -16.43 -20.88 14.16
C ALA C 241 -15.79 -21.84 13.17
N SER C 242 -15.68 -21.34 11.95
CA SER C 242 -15.03 -22.07 10.88
C SER C 242 -13.93 -21.18 10.34
N ASP C 243 -12.76 -21.75 10.12
CA ASP C 243 -11.64 -21.01 9.58
C ASP C 243 -11.41 -21.51 8.17
N HIS C 244 -11.15 -20.60 7.24
CA HIS C 244 -10.94 -20.99 5.86
C HIS C 244 -9.75 -20.25 5.26
N ALA C 245 -8.87 -21.01 4.64
CA ALA C 245 -7.67 -20.45 4.01
C ALA C 245 -7.84 -20.45 2.51
N LEU C 246 -7.78 -19.26 1.91
CA LEU C 246 -7.99 -19.13 0.48
C LEU C 246 -7.01 -18.13 -0.10
N LEU C 247 -6.45 -18.47 -1.25
CA LEU C 247 -5.51 -17.59 -1.91
C LEU C 247 -6.26 -16.53 -2.68
N GLU C 248 -7.08 -16.98 -3.62
CA GLU C 248 -7.89 -16.12 -4.46
C GLU C 248 -9.34 -16.51 -4.27
N PRO C 249 -10.02 -15.90 -3.32
CA PRO C 249 -11.42 -16.26 -3.09
C PRO C 249 -12.13 -16.19 -4.42
N SER C 250 -12.61 -17.31 -4.90
CA SER C 250 -13.38 -17.30 -6.12
C SER C 250 -14.65 -18.08 -5.86
N VAL C 251 -15.66 -17.36 -5.41
CA VAL C 251 -16.96 -17.94 -5.10
C VAL C 251 -17.99 -17.42 -6.10
N TYR C 252 -18.60 -18.32 -6.87
CA TYR C 252 -19.66 -17.95 -7.82
C TYR C 252 -20.84 -18.96 -7.64
N TYR C 253 -21.66 -19.25 -8.65
CA TYR C 253 -22.83 -20.15 -8.48
C TYR C 253 -22.61 -21.56 -9.09
N VAL C 254 -22.44 -22.60 -8.24
CA VAL C 254 -22.14 -23.96 -8.76
C VAL C 254 -23.14 -25.12 -8.53
N ASP C 255 -23.76 -25.52 -9.64
CA ASP C 255 -24.71 -26.64 -9.75
C ASP C 255 -24.29 -27.91 -9.03
N GLU C 256 -25.22 -28.59 -8.39
CA GLU C 256 -24.81 -29.76 -7.62
C GLU C 256 -24.38 -30.89 -8.55
N ASN C 257 -25.02 -31.00 -9.70
CA ASN C 257 -24.67 -32.03 -10.69
C ASN C 257 -23.25 -31.83 -11.19
N ARG C 258 -22.88 -30.57 -11.39
CA ARG C 258 -21.53 -30.26 -11.81
C ARG C 258 -20.60 -30.56 -10.65
N ALA C 259 -21.04 -30.16 -9.46
CA ALA C 259 -20.25 -30.38 -8.27
C ALA C 259 -20.13 -31.88 -8.08
N ARG C 260 -21.21 -32.58 -8.35
CA ARG C 260 -21.24 -34.02 -8.19
C ARG C 260 -20.34 -34.68 -9.20
N ALA C 261 -20.37 -34.18 -10.42
CA ALA C 261 -19.52 -34.71 -11.47
C ALA C 261 -18.05 -34.57 -11.07
N VAL C 262 -17.64 -33.35 -10.70
CA VAL C 262 -16.26 -33.08 -10.35
C VAL C 262 -15.80 -33.98 -9.22
N HIS C 263 -16.66 -34.13 -8.24
CA HIS C 263 -16.34 -34.87 -7.03
C HIS C 263 -16.03 -36.32 -7.36
N GLU C 264 -16.80 -36.89 -8.28
CA GLU C 264 -16.59 -38.27 -8.72
C GLU C 264 -15.34 -38.35 -9.57
N LYS C 265 -15.12 -37.34 -10.42
CA LYS C 265 -13.92 -37.30 -11.23
C LYS C 265 -12.73 -37.36 -10.28
N ALA C 266 -12.81 -36.59 -9.20
CA ALA C 266 -11.71 -36.46 -8.25
C ALA C 266 -11.34 -37.80 -7.62
N PHE C 267 -12.29 -38.73 -7.57
CA PHE C 267 -11.99 -40.04 -7.01
C PHE C 267 -11.25 -40.98 -7.94
N SER C 268 -10.99 -40.50 -9.15
CA SER C 268 -10.30 -41.28 -10.15
C SER C 268 -9.22 -40.40 -10.74
N GLY C 269 -8.02 -40.47 -10.15
CA GLY C 269 -6.88 -39.62 -10.50
C GLY C 269 -6.94 -38.67 -11.69
N GLU C 270 -8.10 -38.11 -12.00
CA GLU C 270 -8.21 -37.19 -13.12
C GLU C 270 -7.53 -35.86 -12.80
N LYS C 271 -6.62 -35.42 -13.65
CA LYS C 271 -6.07 -34.09 -13.48
C LYS C 271 -7.27 -33.22 -13.83
N LEU C 272 -7.90 -32.63 -12.83
CA LEU C 272 -9.09 -31.83 -13.08
C LEU C 272 -8.68 -30.48 -13.65
N THR C 273 -9.55 -29.89 -14.46
CA THR C 273 -9.29 -28.57 -15.01
C THR C 273 -9.40 -27.53 -13.91
N GLN C 274 -8.78 -26.38 -14.13
CA GLN C 274 -8.85 -25.28 -13.18
C GLN C 274 -10.31 -24.94 -12.90
N ASP C 275 -11.14 -25.00 -13.93
CA ASP C 275 -12.56 -24.68 -13.80
C ASP C 275 -13.24 -25.70 -12.88
N GLU C 276 -12.85 -26.97 -13.02
CA GLU C 276 -13.40 -28.03 -12.18
C GLU C 276 -13.01 -27.81 -10.71
N ILE C 277 -11.72 -27.52 -10.47
CA ILE C 277 -11.26 -27.22 -9.13
C ILE C 277 -12.02 -26.01 -8.59
N ASN C 278 -11.98 -24.93 -9.36
CA ASN C 278 -12.66 -23.71 -8.96
C ASN C 278 -14.12 -23.99 -8.62
N ASP C 279 -14.84 -24.60 -9.55
CA ASP C 279 -16.27 -24.85 -9.33
C ASP C 279 -16.45 -25.66 -8.07
N TYR C 280 -15.57 -26.62 -7.85
CA TYR C 280 -15.73 -27.49 -6.68
C TYR C 280 -15.51 -26.71 -5.41
N LYS C 281 -14.60 -25.75 -5.47
CA LYS C 281 -14.28 -24.94 -4.32
C LYS C 281 -15.40 -23.95 -4.03
N ALA C 282 -15.89 -23.32 -5.09
CA ALA C 282 -16.94 -22.33 -4.98
C ALA C 282 -18.11 -22.97 -4.29
N PHE C 283 -18.35 -24.21 -4.70
CA PHE C 283 -19.49 -24.96 -4.24
C PHE C 283 -19.37 -25.35 -2.78
N MET C 284 -18.22 -25.86 -2.40
CA MET C 284 -17.91 -26.21 -1.02
C MET C 284 -18.00 -25.01 -0.06
N MET C 285 -17.57 -23.83 -0.52
CA MET C 285 -17.59 -22.65 0.34
C MET C 285 -19.04 -22.29 0.63
N VAL C 286 -19.89 -22.34 -0.39
CA VAL C 286 -21.28 -21.95 -0.19
C VAL C 286 -21.92 -22.94 0.78
N GLN C 287 -21.52 -24.19 0.69
CA GLN C 287 -22.08 -25.18 1.59
C GLN C 287 -21.54 -25.06 3.03
N PHE C 288 -20.32 -24.56 3.17
CA PHE C 288 -19.82 -24.28 4.49
C PHE C 288 -20.62 -23.10 5.06
N GLY C 289 -21.03 -22.17 4.20
CA GLY C 289 -21.77 -21.00 4.66
C GLY C 289 -23.13 -21.43 5.15
N LYS C 290 -23.75 -22.28 4.35
CA LYS C 290 -25.03 -22.85 4.68
C LYS C 290 -24.95 -23.56 6.03
N MET C 291 -24.00 -24.46 6.19
CA MET C 291 -23.85 -25.18 7.45
C MET C 291 -23.66 -24.22 8.62
N ASN C 292 -22.96 -23.12 8.40
CA ASN C 292 -22.67 -22.17 9.48
C ASN C 292 -23.86 -21.31 9.80
N GLN C 293 -24.72 -21.10 8.81
CA GLN C 293 -25.90 -20.33 9.06
C GLN C 293 -26.74 -21.04 10.09
N GLU C 294 -26.88 -22.34 9.91
CA GLU C 294 -27.76 -23.15 10.73
C GLU C 294 -27.29 -23.20 12.18
N THR C 295 -26.02 -22.85 12.40
CA THR C 295 -25.47 -22.85 13.73
C THR C 295 -25.04 -21.47 14.22
N ASN C 296 -25.13 -20.48 13.35
CA ASN C 296 -24.73 -19.13 13.69
C ASN C 296 -23.28 -19.09 14.12
N TRP C 297 -22.41 -19.68 13.29
CA TRP C 297 -20.99 -19.67 13.57
C TRP C 297 -20.34 -18.50 12.89
N VAL C 298 -19.25 -18.02 13.48
CA VAL C 298 -18.49 -16.98 12.83
C VAL C 298 -17.67 -17.69 11.75
N THR C 299 -17.70 -17.14 10.53
CA THR C 299 -16.95 -17.70 9.43
C THR C 299 -15.72 -16.84 9.20
N GLN C 300 -14.57 -17.36 9.57
CA GLN C 300 -13.34 -16.62 9.34
C GLN C 300 -12.76 -16.99 7.97
N LEU C 301 -12.33 -15.98 7.22
CA LEU C 301 -11.65 -16.18 5.95
C LEU C 301 -10.29 -15.57 5.97
N HIS C 302 -9.27 -16.40 5.84
CA HIS C 302 -7.91 -15.90 5.75
C HIS C 302 -7.49 -15.88 4.33
N ILE C 303 -7.47 -14.70 3.72
CA ILE C 303 -7.12 -14.57 2.32
C ILE C 303 -5.65 -14.26 2.03
N GLY C 304 -5.11 -14.91 1.01
CA GLY C 304 -3.86 -14.51 0.39
C GLY C 304 -2.55 -15.19 0.69
N ALA C 305 -2.56 -16.36 1.30
CA ALA C 305 -1.31 -17.05 1.60
C ALA C 305 -0.91 -17.97 0.46
N LEU C 306 0.20 -17.65 -0.21
CA LEU C 306 0.73 -18.50 -1.26
C LEU C 306 1.59 -19.50 -0.50
N ARG C 307 1.25 -20.77 -0.55
CA ARG C 307 1.92 -21.72 0.33
C ARG C 307 2.85 -22.65 -0.36
N ASP C 308 3.89 -23.05 0.35
CA ASP C 308 4.84 -24.01 -0.17
C ASP C 308 5.46 -23.44 -1.45
N TYR C 309 5.72 -22.14 -1.42
CA TYR C 309 6.32 -21.45 -2.54
C TYR C 309 7.72 -22.00 -2.72
N ARG C 310 8.41 -22.18 -1.60
CA ARG C 310 9.76 -22.72 -1.61
C ARG C 310 9.82 -24.26 -1.66
N ASP C 311 10.09 -24.79 -2.84
CA ASP C 311 10.11 -26.22 -3.06
C ASP C 311 10.96 -27.04 -2.09
N SER C 312 12.19 -26.62 -1.86
CA SER C 312 13.11 -27.44 -1.08
C SER C 312 12.58 -27.64 0.30
N LEU C 313 11.89 -26.62 0.78
CA LEU C 313 11.34 -26.65 2.12
C LEU C 313 10.18 -27.62 2.12
N PHE C 314 9.43 -27.64 1.02
CA PHE C 314 8.27 -28.50 0.95
C PHE C 314 8.68 -29.97 0.92
N LYS C 315 9.59 -30.29 -0.01
CA LYS C 315 10.09 -31.64 -0.18
C LYS C 315 10.80 -32.18 1.06
N THR C 316 11.34 -31.27 1.87
CA THR C 316 12.12 -31.65 3.02
C THR C 316 11.32 -31.65 4.33
N LEU C 317 10.70 -30.53 4.66
CA LEU C 317 9.93 -30.45 5.88
C LEU C 317 8.43 -30.46 5.60
N GLY C 318 8.05 -30.08 4.38
CA GLY C 318 6.65 -29.98 4.05
C GLY C 318 6.04 -28.65 4.49
N PRO C 319 4.74 -28.65 4.67
CA PRO C 319 3.97 -27.46 5.05
C PRO C 319 4.39 -26.74 6.32
N ASP C 320 4.04 -25.45 6.36
CA ASP C 320 4.26 -24.59 7.52
C ASP C 320 5.67 -24.73 8.07
N SER C 321 6.63 -24.75 7.16
CA SER C 321 8.01 -24.99 7.50
C SER C 321 8.88 -23.79 7.22
N GLY C 322 8.26 -22.69 6.79
CA GLY C 322 8.98 -21.45 6.52
C GLY C 322 9.03 -20.99 5.07
N GLY C 323 8.18 -21.54 4.21
CA GLY C 323 8.22 -21.21 2.79
C GLY C 323 6.94 -20.69 2.18
N ASP C 324 6.13 -20.01 2.98
CA ASP C 324 4.90 -19.42 2.49
C ASP C 324 5.06 -17.90 2.39
N ILE C 325 4.51 -17.32 1.34
CA ILE C 325 4.66 -15.90 1.11
C ILE C 325 3.31 -15.30 0.79
N SER C 326 3.30 -13.98 0.68
CA SER C 326 2.09 -13.29 0.28
C SER C 326 2.30 -12.83 -1.15
N THR C 327 1.23 -12.47 -1.83
CA THR C 327 1.32 -11.95 -3.18
C THR C 327 0.24 -10.87 -3.33
N ASN C 328 0.57 -9.79 -4.02
CA ASN C 328 -0.35 -8.67 -4.17
C ASN C 328 -1.30 -8.83 -5.32
N PHE C 329 -1.16 -9.92 -6.05
CA PHE C 329 -1.90 -10.04 -7.28
C PHE C 329 -3.07 -11.00 -7.08
N LEU C 330 -4.13 -10.46 -6.48
CA LEU C 330 -5.29 -11.23 -6.07
C LEU C 330 -6.60 -10.45 -6.30
N ARG C 331 -7.57 -11.11 -6.93
CA ARG C 331 -8.88 -10.53 -7.17
C ARG C 331 -9.80 -10.76 -5.99
N ILE C 332 -9.70 -9.94 -4.97
CA ILE C 332 -10.46 -10.19 -3.77
C ILE C 332 -11.95 -9.90 -3.92
N ALA C 333 -12.28 -8.65 -4.19
CA ALA C 333 -13.64 -8.16 -4.21
C ALA C 333 -14.59 -8.92 -5.11
N GLU C 334 -14.20 -9.15 -6.34
CA GLU C 334 -15.14 -9.78 -7.25
C GLU C 334 -15.23 -11.27 -6.94
N GLY C 335 -14.22 -11.81 -6.26
CA GLY C 335 -14.24 -13.19 -5.81
C GLY C 335 -15.11 -13.45 -4.57
N LEU C 336 -15.30 -12.46 -3.72
CA LEU C 336 -16.08 -12.66 -2.50
C LEU C 336 -17.52 -12.27 -2.71
N ARG C 337 -17.73 -11.51 -3.78
CA ARG C 337 -18.99 -10.87 -4.03
C ARG C 337 -20.21 -11.78 -3.97
N TYR C 338 -20.12 -12.95 -4.56
CA TYR C 338 -21.23 -13.87 -4.58
C TYR C 338 -21.54 -14.34 -3.17
N PHE C 339 -20.49 -14.83 -2.51
CA PHE C 339 -20.58 -15.32 -1.15
C PHE C 339 -21.22 -14.26 -0.28
N LEU C 340 -20.67 -13.06 -0.35
CA LEU C 340 -21.04 -11.99 0.56
C LEU C 340 -22.48 -11.54 0.36
N ASN C 341 -22.92 -11.51 -0.89
CA ASN C 341 -24.27 -11.07 -1.16
C ASN C 341 -25.21 -12.17 -0.80
N GLU C 342 -24.68 -13.37 -0.86
CA GLU C 342 -25.47 -14.52 -0.57
C GLU C 342 -25.77 -14.68 0.91
N PHE C 343 -24.80 -14.35 1.77
CA PHE C 343 -24.96 -14.54 3.19
C PHE C 343 -25.07 -13.17 3.88
N ASP C 344 -25.54 -12.18 3.11
CA ASP C 344 -25.72 -10.83 3.60
C ASP C 344 -26.73 -10.78 4.73
N GLY C 345 -26.27 -10.48 5.92
CA GLY C 345 -27.12 -10.36 7.08
C GLY C 345 -27.48 -11.69 7.69
N LYS C 346 -26.99 -12.76 7.08
CA LYS C 346 -27.32 -14.10 7.54
C LYS C 346 -26.17 -14.79 8.28
N LEU C 347 -24.96 -14.27 8.15
CA LEU C 347 -23.79 -14.95 8.66
C LEU C 347 -22.76 -13.95 9.12
N LYS C 348 -22.19 -14.15 10.30
CA LYS C 348 -21.11 -13.28 10.73
C LYS C 348 -19.84 -13.75 10.03
N ILE C 349 -19.23 -12.87 9.23
CA ILE C 349 -18.00 -13.21 8.54
C ILE C 349 -16.87 -12.29 8.99
N VAL C 350 -15.70 -12.87 9.22
CA VAL C 350 -14.51 -12.07 9.54
C VAL C 350 -13.50 -12.26 8.41
N LEU C 351 -12.89 -11.16 7.97
CA LEU C 351 -11.91 -11.21 6.90
C LEU C 351 -10.51 -10.93 7.41
N TYR C 352 -9.55 -11.68 6.88
CA TYR C 352 -8.16 -11.46 7.20
C TYR C 352 -7.46 -11.43 5.87
N VAL C 353 -6.41 -10.65 5.79
CA VAL C 353 -5.73 -10.46 4.54
C VAL C 353 -4.24 -10.57 4.84
N LEU C 354 -3.46 -11.23 3.98
CA LEU C 354 -2.03 -11.43 4.28
C LEU C 354 -1.14 -10.31 3.79
N ASP C 355 -1.62 -9.60 2.77
CA ASP C 355 -0.89 -8.50 2.22
C ASP C 355 -1.61 -7.25 2.66
N PRO C 356 -0.96 -6.41 3.47
CA PRO C 356 -1.60 -5.23 4.04
C PRO C 356 -2.16 -4.31 2.95
N THR C 357 -1.55 -4.42 1.78
CA THR C 357 -2.00 -3.73 0.60
C THR C 357 -3.48 -3.97 0.25
N HIS C 358 -4.05 -5.04 0.79
CA HIS C 358 -5.42 -5.40 0.48
C HIS C 358 -6.42 -5.00 1.57
N LEU C 359 -5.92 -4.34 2.62
CA LEU C 359 -6.79 -3.90 3.71
C LEU C 359 -7.95 -3.05 3.19
N PRO C 360 -7.67 -2.04 2.38
CA PRO C 360 -8.73 -1.18 1.84
C PRO C 360 -9.88 -1.94 1.21
N THR C 361 -9.57 -2.96 0.43
CA THR C 361 -10.62 -3.79 -0.11
C THR C 361 -11.46 -4.35 1.03
N ILE C 362 -10.86 -5.18 1.88
CA ILE C 362 -11.63 -5.80 2.97
C ILE C 362 -12.30 -4.72 3.85
N SER C 363 -11.59 -3.63 4.10
CA SER C 363 -12.11 -2.59 4.97
C SER C 363 -13.37 -1.98 4.37
N THR C 364 -13.33 -1.62 3.09
CA THR C 364 -14.53 -1.08 2.44
C THR C 364 -15.62 -2.14 2.33
N ILE C 365 -15.21 -3.36 2.04
CA ILE C 365 -16.18 -4.44 2.05
C ILE C 365 -16.90 -4.48 3.40
N ALA C 366 -16.14 -4.42 4.51
CA ALA C 366 -16.76 -4.49 5.83
C ALA C 366 -17.62 -3.25 6.06
N ARG C 367 -17.21 -2.11 5.53
CA ARG C 367 -17.99 -0.90 5.72
C ARG C 367 -19.38 -1.01 5.10
N ALA C 368 -19.60 -1.96 4.21
CA ALA C 368 -20.87 -2.01 3.53
C ALA C 368 -21.77 -3.16 3.91
N PHE C 369 -21.28 -4.04 4.78
CA PHE C 369 -22.02 -5.21 5.24
C PHE C 369 -21.88 -5.35 6.73
N PRO C 370 -22.90 -4.94 7.49
CA PRO C 370 -22.89 -5.11 8.95
C PRO C 370 -22.57 -6.52 9.46
N ASN C 371 -22.66 -7.55 8.62
CA ASN C 371 -22.30 -8.89 9.07
C ASN C 371 -20.83 -9.23 8.88
N VAL C 372 -20.06 -8.26 8.38
CA VAL C 372 -18.67 -8.50 8.03
C VAL C 372 -17.77 -7.70 8.94
N TYR C 373 -16.70 -8.36 9.41
CA TYR C 373 -15.80 -7.75 10.35
C TYR C 373 -14.39 -7.82 9.87
N VAL C 374 -13.59 -6.81 10.18
CA VAL C 374 -12.17 -6.86 9.83
C VAL C 374 -11.34 -7.44 10.96
N GLY C 375 -10.63 -8.52 10.66
CA GLY C 375 -9.73 -9.15 11.61
C GLY C 375 -8.48 -8.35 11.98
N ALA C 376 -7.75 -8.84 12.98
CA ALA C 376 -6.53 -8.19 13.42
C ALA C 376 -5.46 -8.43 12.37
N PRO C 377 -4.39 -7.65 12.45
CA PRO C 377 -3.27 -7.80 11.50
C PRO C 377 -2.81 -9.25 11.61
N TRP C 378 -2.70 -9.91 10.46
CA TRP C 378 -2.65 -11.37 10.43
C TRP C 378 -1.34 -12.09 10.68
N TRP C 379 -0.40 -12.09 9.76
CA TRP C 379 0.70 -13.05 9.94
C TRP C 379 2.05 -12.35 9.93
N PHE C 380 2.57 -12.05 8.75
CA PHE C 380 3.72 -11.14 8.65
C PHE C 380 3.36 -9.76 9.17
N ASN C 381 2.06 -9.52 9.33
CA ASN C 381 1.57 -8.22 9.72
C ASN C 381 1.42 -7.98 11.23
N ASP C 382 1.46 -9.01 12.09
CA ASP C 382 1.37 -8.68 13.53
C ASP C 382 2.77 -8.39 14.07
N SER C 383 2.98 -7.09 14.18
CA SER C 383 4.21 -6.48 14.54
C SER C 383 3.77 -5.08 14.90
N PRO C 384 4.39 -4.46 15.88
CA PRO C 384 4.01 -3.11 16.25
C PRO C 384 3.78 -2.21 15.03
N PHE C 385 4.50 -2.45 13.95
CA PHE C 385 4.36 -1.62 12.79
C PHE C 385 3.06 -1.96 12.07
N GLY C 386 2.87 -3.25 11.86
CA GLY C 386 1.68 -3.78 11.20
C GLY C 386 0.44 -3.37 11.96
N MET C 387 0.47 -3.53 13.28
CA MET C 387 -0.67 -3.16 14.10
C MET C 387 -0.94 -1.65 14.01
N GLU C 388 0.10 -0.82 13.99
CA GLU C 388 -0.13 0.63 13.97
C GLU C 388 -0.81 0.99 12.67
N MET C 389 -0.36 0.42 11.57
CA MET C 389 -0.90 0.77 10.28
C MET C 389 -2.31 0.22 10.12
N HIS C 390 -2.44 -1.07 10.40
CA HIS C 390 -3.71 -1.75 10.28
C HIS C 390 -4.80 -0.95 11.02
N LEU C 391 -4.51 -0.61 12.28
CA LEU C 391 -5.47 0.07 13.15
C LEU C 391 -5.79 1.50 12.76
N LYS C 392 -4.77 2.33 12.60
CA LYS C 392 -5.04 3.71 12.23
C LYS C 392 -5.84 3.67 10.96
N TYR C 393 -5.34 2.91 10.02
CA TYR C 393 -6.01 2.84 8.75
C TYR C 393 -7.46 2.40 8.90
N LEU C 394 -7.68 1.29 9.57
CA LEU C 394 -9.03 0.74 9.71
C LEU C 394 -9.94 1.71 10.43
N ALA C 395 -9.37 2.47 11.36
CA ALA C 395 -10.14 3.43 12.13
C ALA C 395 -10.67 4.54 11.28
N SER C 396 -9.99 4.85 10.19
CA SER C 396 -10.41 6.00 9.37
C SER C 396 -11.39 5.61 8.28
N VAL C 397 -11.75 4.35 8.20
CA VAL C 397 -12.59 3.90 7.11
C VAL C 397 -13.82 3.15 7.55
N ASP C 398 -13.69 2.30 8.56
CA ASP C 398 -14.84 1.66 9.15
C ASP C 398 -14.75 2.11 10.59
N LEU C 399 -15.08 1.22 11.54
CA LEU C 399 -15.00 1.56 12.96
C LEU C 399 -14.01 0.69 13.71
N LEU C 400 -13.01 1.33 14.31
CA LEU C 400 -12.04 0.58 15.09
C LEU C 400 -12.84 -0.27 16.08
N TYR C 401 -13.92 0.30 16.57
CA TYR C 401 -14.75 -0.31 17.59
C TYR C 401 -15.28 -1.69 17.22
N ASN C 402 -15.42 -1.99 15.93
CA ASN C 402 -15.91 -3.30 15.52
C ASN C 402 -14.81 -4.22 15.10
N LEU C 403 -13.59 -3.93 15.52
CA LEU C 403 -12.48 -4.78 15.15
C LEU C 403 -12.74 -6.16 15.75
N ALA C 404 -12.66 -7.20 14.93
CA ALA C 404 -12.97 -8.56 15.36
C ALA C 404 -12.31 -8.94 16.67
N GLY C 405 -11.08 -8.49 16.89
CA GLY C 405 -10.37 -8.80 18.12
C GLY C 405 -8.98 -9.34 17.88
N MET C 406 -8.10 -9.11 18.83
CA MET C 406 -6.73 -9.58 18.75
C MET C 406 -6.75 -11.10 18.67
N VAL C 407 -5.87 -11.64 17.85
CA VAL C 407 -5.72 -13.08 17.68
C VAL C 407 -4.23 -13.45 17.89
N THR C 408 -3.93 -14.44 18.71
CA THR C 408 -2.51 -14.78 18.97
C THR C 408 -1.91 -15.55 17.81
N ASP C 409 -2.68 -16.47 17.23
CA ASP C 409 -2.23 -17.31 16.14
C ASP C 409 -1.06 -18.13 16.60
N SER C 410 -0.92 -18.25 17.91
CA SER C 410 0.30 -18.83 18.42
C SER C 410 0.29 -20.31 18.62
N ARG C 411 1.49 -20.86 18.46
CA ARG C 411 1.74 -22.27 18.63
C ARG C 411 2.37 -22.52 20.00
N LYS C 412 2.57 -21.47 20.79
CA LYS C 412 3.19 -21.63 22.11
C LYS C 412 2.60 -20.76 23.20
N LEU C 413 2.25 -21.42 24.31
CA LEU C 413 1.61 -20.81 25.46
C LEU C 413 2.20 -19.49 25.92
N LEU C 414 3.49 -19.47 26.21
CA LEU C 414 4.13 -18.27 26.71
C LEU C 414 3.80 -17.04 25.86
N SER C 415 3.77 -17.21 24.54
CA SER C 415 3.46 -16.11 23.63
C SER C 415 2.20 -15.37 24.05
N PHE C 416 1.18 -16.14 24.42
CA PHE C 416 -0.15 -15.59 24.66
C PHE C 416 -0.12 -14.25 25.34
N GLY C 417 0.58 -14.19 26.46
CA GLY C 417 0.59 -13.01 27.29
C GLY C 417 1.37 -11.90 26.65
N SER C 418 2.51 -12.25 26.05
CA SER C 418 3.38 -11.26 25.45
C SER C 418 2.72 -10.76 24.18
N ARG C 419 2.21 -11.69 23.38
CA ARG C 419 1.43 -11.32 22.20
C ARG C 419 0.31 -10.37 22.62
N THR C 420 -0.43 -10.77 23.65
CA THR C 420 -1.56 -9.96 24.11
C THR C 420 -1.09 -8.61 24.63
N GLU C 421 0.11 -8.55 25.20
CA GLU C 421 0.62 -7.29 25.72
C GLU C 421 0.89 -6.34 24.58
N MET C 422 1.70 -6.80 23.65
CA MET C 422 2.12 -6.01 22.51
C MET C 422 0.89 -5.36 21.90
N PHE C 423 -0.08 -6.20 21.59
CA PHE C 423 -1.27 -5.73 20.92
C PHE C 423 -1.95 -4.58 21.66
N ARG C 424 -2.22 -4.80 22.93
CA ARG C 424 -2.93 -3.84 23.78
C ARG C 424 -2.14 -2.54 23.96
N ARG C 425 -0.82 -2.62 23.91
CA ARG C 425 -0.01 -1.42 24.06
C ARG C 425 -0.19 -0.59 22.83
N VAL C 426 -0.06 -1.25 21.69
CA VAL C 426 -0.13 -0.60 20.39
C VAL C 426 -1.51 -0.03 20.15
N LEU C 427 -2.53 -0.83 20.41
CA LEU C 427 -3.90 -0.37 20.32
C LEU C 427 -4.05 0.85 21.19
N SER C 428 -3.57 0.74 22.42
CA SER C 428 -3.70 1.87 23.32
C SER C 428 -2.78 3.02 22.90
N ASN C 429 -1.72 2.76 22.13
CA ASN C 429 -0.86 3.85 21.69
C ASN C 429 -1.53 4.61 20.58
N VAL C 430 -2.19 3.85 19.72
CA VAL C 430 -2.88 4.40 18.56
C VAL C 430 -4.03 5.30 18.98
N VAL C 431 -4.85 4.84 19.92
CA VAL C 431 -5.96 5.64 20.37
C VAL C 431 -5.45 6.80 21.20
N GLY C 432 -4.42 6.55 22.00
CA GLY C 432 -3.79 7.63 22.75
C GLY C 432 -3.50 8.79 21.80
N GLU C 433 -2.81 8.51 20.71
CA GLU C 433 -2.44 9.54 19.76
C GLU C 433 -3.62 10.36 19.29
N MET C 434 -4.71 9.66 18.98
CA MET C 434 -5.90 10.33 18.47
C MET C 434 -6.50 11.16 19.61
N VAL C 435 -6.39 10.68 20.84
CA VAL C 435 -6.89 11.45 21.97
C VAL C 435 -6.07 12.75 22.05
N GLU C 436 -4.77 12.63 21.88
CA GLU C 436 -3.89 13.77 22.02
C GLU C 436 -3.97 14.78 20.87
N LYS C 437 -4.27 14.32 19.68
CA LYS C 437 -4.55 15.26 18.60
C LYS C 437 -5.98 15.74 18.63
N GLY C 438 -6.72 15.43 19.69
CA GLY C 438 -8.08 15.92 19.83
C GLY C 438 -9.14 15.36 18.91
N GLN C 439 -8.98 14.10 18.47
CA GLN C 439 -9.99 13.42 17.65
C GLN C 439 -10.91 12.54 18.46
N ILE C 440 -10.51 12.18 19.67
CA ILE C 440 -11.33 11.31 20.49
C ILE C 440 -11.29 11.74 21.95
N PRO C 441 -12.44 12.05 22.52
CA PRO C 441 -12.54 12.34 23.95
C PRO C 441 -12.02 11.16 24.76
N ILE C 442 -11.41 11.40 25.91
CA ILE C 442 -10.79 10.33 26.67
C ILE C 442 -11.79 9.30 27.16
N LYS C 443 -13.00 9.73 27.46
CA LYS C 443 -14.00 8.81 27.98
C LYS C 443 -14.32 7.74 26.93
N GLU C 444 -14.51 8.14 25.67
CA GLU C 444 -14.85 7.11 24.67
C GLU C 444 -13.61 6.31 24.29
N ALA C 445 -12.43 6.90 24.45
CA ALA C 445 -11.20 6.16 24.21
C ALA C 445 -11.14 5.02 25.21
N ARG C 446 -11.26 5.34 26.49
CA ARG C 446 -11.25 4.30 27.50
C ARG C 446 -12.28 3.22 27.12
N GLU C 447 -13.45 3.63 26.66
CA GLU C 447 -14.49 2.67 26.31
C GLU C 447 -14.12 1.90 25.07
N LEU C 448 -13.52 2.59 24.12
CA LEU C 448 -13.20 1.99 22.85
C LEU C 448 -12.19 0.90 23.07
N VAL C 449 -11.15 1.29 23.76
CA VAL C 449 -10.06 0.41 24.08
C VAL C 449 -10.49 -0.83 24.87
N LYS C 450 -11.39 -0.67 25.84
CA LYS C 450 -11.84 -1.81 26.64
C LYS C 450 -12.69 -2.74 25.82
N HIS C 451 -13.50 -2.15 24.96
CA HIS C 451 -14.38 -2.93 24.12
C HIS C 451 -13.57 -3.82 23.19
N VAL C 452 -12.56 -3.21 22.55
CA VAL C 452 -11.77 -3.91 21.55
C VAL C 452 -10.90 -5.00 22.17
N SER C 453 -10.40 -4.77 23.38
CA SER C 453 -9.50 -5.72 24.03
C SER C 453 -10.15 -6.90 24.69
N TYR C 454 -11.46 -6.80 24.96
CA TYR C 454 -12.17 -7.81 25.71
C TYR C 454 -13.64 -7.94 25.30
N ASP C 455 -14.48 -7.03 25.76
CA ASP C 455 -15.94 -7.17 25.56
C ASP C 455 -16.38 -7.44 24.12
N GLY C 456 -15.94 -6.61 23.18
CA GLY C 456 -16.31 -6.77 21.78
C GLY C 456 -16.09 -8.17 21.24
N PRO C 457 -14.83 -8.61 21.21
CA PRO C 457 -14.50 -9.94 20.70
C PRO C 457 -15.20 -11.06 21.44
N LYS C 458 -15.32 -10.92 22.75
CA LYS C 458 -15.99 -11.93 23.54
C LYS C 458 -17.44 -12.03 23.12
N ALA C 459 -18.07 -10.87 22.90
CA ALA C 459 -19.45 -10.86 22.45
C ALA C 459 -19.55 -11.38 21.03
N LEU C 460 -18.56 -11.06 20.20
CA LEU C 460 -18.61 -11.42 18.78
C LEU C 460 -18.52 -12.93 18.54
N PHE C 461 -17.60 -13.60 19.22
CA PHE C 461 -17.45 -15.05 19.08
C PHE C 461 -18.25 -15.84 20.11
N PHE C 462 -18.50 -15.26 21.28
CA PHE C 462 -19.23 -15.97 22.33
C PHE C 462 -20.44 -15.21 22.84
#